data_4JFW
#
_entry.id   4JFW
#
_cell.length_a   56.507
_cell.length_b   189.982
_cell.length_c   97.540
_cell.angle_alpha   90.000
_cell.angle_beta   94.090
_cell.angle_gamma   90.000
#
_symmetry.space_group_name_H-M   'P 1 21 1'
#
loop_
_entity.id
_entity.type
_entity.pdbx_description
1 polymer alpha-L-fucosidase
2 non-polymer (3alpha)-[3-({2-[(2S,3S,4R,5S)-3,4-dihydroxy-5-methylpyrrolidin-2-yl]ethyl}amino)propyl]ferrocene
3 non-polymer 'SULFATE ION'
4 non-polymer IMIDAZOLE
5 water water
#
_entity_poly.entity_id   1
_entity_poly.type   'polypeptide(L)'
_entity_poly.pdbx_seq_one_letter_code
;EIPLKYGATNEGKRQDPAMQKFRDNRLGAFIHWGLYAIPGGEWNGKVYGGAAEWLKSWAKVPADEWLKLMDQWNPTKFDA
KKWAKMAKEMGTKYVKITTKHHEGFCLWPSKYTKYTVANTPYKRDILGELVKAYNDEGIDVHFYFSVMDWSNPDYRYDIK
SKEDSIAFSRFLEFTDNQLKELATRYPTVKDFWFDGTWDASVKKNGWWTAHAEQMLKELVPGVAINSRLRADDKGKRHFD
SNGRLMGDYESGYERRLPDPVKDLKVTQWDWEACMTIPENQWGYHKDWSLSYVKTPIEVIDRIVHAVSMGGNMVVNFGPQ
ADGDFRPEEKAMATAIGKWMNRYGKAVYACDYAGFEKQDWGYYTRGKNDEVYMVVFNQPYSERLIVKTPKGITVEKATLL
TTGEDITVVETTRNEYNVSVPKKNPGEPYVIQLKVRAAKGTKSIYRDALT
;
_entity_poly.pdbx_strand_id   A,B,C,D
#
# COMPACT_ATOMS: atom_id res chain seq x y z
N GLU A 1 31.90 11.53 46.52
CA GLU A 1 31.03 12.72 46.26
C GLU A 1 31.78 13.79 45.42
N ILE A 2 32.30 13.35 44.27
CA ILE A 2 33.38 14.06 43.49
C ILE A 2 32.95 15.50 43.13
N PRO A 3 33.91 16.45 42.93
CA PRO A 3 33.55 17.81 42.45
C PRO A 3 33.83 18.00 40.94
N LEU A 4 32.94 18.75 40.25
CA LEU A 4 33.04 18.91 38.79
C LEU A 4 32.61 20.29 38.32
N LYS A 5 33.37 20.84 37.38
CA LYS A 5 32.99 22.08 36.70
C LYS A 5 31.94 21.82 35.61
N TYR A 6 32.02 20.68 34.93
CA TYR A 6 31.23 20.42 33.71
C TYR A 6 30.37 19.17 33.83
N GLY A 7 29.81 18.98 35.03
CA GLY A 7 28.95 17.87 35.30
C GLY A 7 27.51 18.28 35.09
N ALA A 8 26.59 17.56 35.73
CA ALA A 8 25.14 17.77 35.49
C ALA A 8 24.63 19.08 36.04
N THR A 9 23.55 19.59 35.46
CA THR A 9 22.98 20.89 35.85
C THR A 9 21.59 20.70 36.47
N ASN A 10 20.66 20.06 35.75
CA ASN A 10 19.30 19.74 36.26
C ASN A 10 19.29 18.89 37.55
N GLU A 11 18.28 19.09 38.40
CA GLU A 11 18.13 18.30 39.63
C GLU A 11 17.44 16.99 39.24
N GLY A 12 16.13 17.01 39.07
CA GLY A 12 15.41 15.84 38.53
C GLY A 12 14.99 16.12 37.10
N LYS A 13 13.75 15.78 36.77
CA LYS A 13 13.16 16.10 35.48
C LYS A 13 12.75 17.54 35.42
N ARG A 14 13.08 18.21 34.33
CA ARG A 14 12.55 19.54 34.08
C ARG A 14 11.02 19.46 34.04
N GLN A 15 10.35 20.45 34.62
CA GLN A 15 8.90 20.54 34.53
C GLN A 15 8.40 21.83 33.96
N ASP A 16 9.27 22.63 33.35
CA ASP A 16 8.80 23.77 32.56
C ASP A 16 7.89 23.26 31.45
N PRO A 17 7.05 24.13 30.89
CA PRO A 17 6.09 23.65 29.92
C PRO A 17 6.69 23.18 28.61
N ALA A 18 7.89 23.65 28.29
CA ALA A 18 8.51 23.25 27.04
C ALA A 18 8.95 21.81 27.13
N MET A 19 9.47 21.41 28.28
CA MET A 19 9.80 20.02 28.53
C MET A 19 8.56 19.15 28.58
N GLN A 20 7.43 19.68 29.05
CA GLN A 20 6.23 18.85 29.17
C GLN A 20 5.61 18.63 27.83
N LYS A 21 5.85 19.55 26.92
CA LYS A 21 5.44 19.37 25.53
C LYS A 21 6.32 18.30 24.81
N PHE A 22 7.60 18.40 25.05
CA PHE A 22 8.58 17.47 24.51
C PHE A 22 8.13 16.06 24.91
N ARG A 23 7.84 15.90 26.20
CA ARG A 23 7.43 14.64 26.78
C ARG A 23 6.10 14.16 26.27
N ASP A 24 5.09 15.01 26.34
CA ASP A 24 3.74 14.63 25.93
C ASP A 24 3.61 14.27 24.46
N ASN A 25 4.38 14.90 23.60
CA ASN A 25 4.40 14.55 22.17
C ASN A 25 4.56 13.04 21.98
N ARG A 26 5.49 12.46 22.76
CA ARG A 26 5.80 11.03 22.82
C ARG A 26 6.32 10.37 21.52
N LEU A 27 5.62 10.56 20.43
CA LEU A 27 5.96 9.92 19.19
C LEU A 27 6.51 10.91 18.18
N GLY A 28 7.69 10.60 17.68
CA GLY A 28 8.37 11.44 16.74
C GLY A 28 8.85 10.66 15.53
N ALA A 29 9.25 11.38 14.48
CA ALA A 29 9.88 10.79 13.31
C ALA A 29 11.27 11.36 13.17
N PHE A 30 12.18 10.52 12.64
CA PHE A 30 13.57 10.90 12.42
C PHE A 30 13.70 10.97 10.92
N ILE A 31 14.41 11.98 10.41
CA ILE A 31 14.64 12.08 8.99
C ILE A 31 16.16 12.12 8.79
N HIS A 32 16.69 11.15 8.06
CA HIS A 32 18.13 11.13 7.67
C HIS A 32 18.19 11.37 6.21
N TRP A 33 18.63 12.57 5.83
CA TRP A 33 18.75 12.94 4.41
C TRP A 33 20.00 13.75 4.20
N GLY A 34 20.74 13.34 3.21
CA GLY A 34 22.07 13.89 2.96
C GLY A 34 22.58 13.25 1.68
N LEU A 35 23.85 13.52 1.35
CA LEU A 35 24.40 13.10 0.08
C LEU A 35 24.45 11.56 -0.02
N TYR A 36 24.60 10.88 1.11
CA TYR A 36 24.49 9.40 1.19
C TYR A 36 23.23 8.84 0.46
N ALA A 37 22.17 9.63 0.37
CA ALA A 37 20.99 9.14 -0.34
C ALA A 37 21.21 8.89 -1.83
N ILE A 38 22.20 9.56 -2.42
CA ILE A 38 22.43 9.41 -3.87
C ILE A 38 23.02 8.04 -4.26
N PRO A 39 24.17 7.68 -3.72
CA PRO A 39 24.61 6.31 -3.94
C PRO A 39 23.73 5.19 -3.32
N GLY A 40 23.00 5.50 -2.24
CA GLY A 40 22.08 4.52 -1.61
C GLY A 40 22.74 3.20 -1.16
N GLY A 41 23.92 3.29 -0.57
CA GLY A 41 24.63 2.11 -0.12
C GLY A 41 25.52 1.41 -1.16
N GLU A 42 25.49 1.91 -2.40
CA GLU A 42 26.30 1.35 -3.46
C GLU A 42 27.38 2.31 -3.92
N TRP A 43 28.60 1.81 -3.98
CA TRP A 43 29.68 2.61 -4.52
C TRP A 43 30.46 1.85 -5.54
N ASN A 44 30.57 2.45 -6.73
CA ASN A 44 31.42 1.90 -7.76
C ASN A 44 30.96 0.49 -8.06
N GLY A 45 29.67 0.26 -8.10
CA GLY A 45 29.13 -1.06 -8.36
C GLY A 45 29.12 -2.07 -7.20
N LYS A 46 29.86 -1.87 -6.10
CA LYS A 46 29.70 -2.71 -4.89
C LYS A 46 28.59 -2.14 -3.97
N VAL A 47 27.61 -2.99 -3.64
CA VAL A 47 26.54 -2.68 -2.68
C VAL A 47 27.01 -3.10 -1.30
N TYR A 48 27.21 -2.16 -0.40
CA TYR A 48 27.70 -2.45 0.94
C TYR A 48 26.50 -2.61 1.94
N GLY A 49 26.65 -3.53 2.88
CA GLY A 49 25.57 -3.95 3.76
C GLY A 49 25.48 -3.11 5.00
N GLY A 50 26.57 -2.44 5.36
CA GLY A 50 26.56 -1.48 6.47
C GLY A 50 25.59 -0.29 6.23
N ALA A 51 25.42 0.52 7.26
CA ALA A 51 24.50 1.66 7.21
C ALA A 51 24.86 2.58 6.03
N ALA A 52 23.90 2.79 5.12
CA ALA A 52 24.09 3.66 3.95
C ALA A 52 24.65 5.01 4.26
N GLU A 53 24.27 5.59 5.39
CA GLU A 53 24.79 6.91 5.72
C GLU A 53 26.28 6.91 6.08
N TRP A 54 26.83 5.71 6.19
CA TRP A 54 28.26 5.54 6.50
C TRP A 54 29.04 5.02 5.30
N LEU A 55 28.40 4.94 4.14
CA LEU A 55 29.04 4.46 2.93
C LEU A 55 30.38 5.11 2.62
N LYS A 56 30.53 6.40 2.92
CA LYS A 56 31.82 7.07 2.76
C LYS A 56 32.92 6.27 3.46
N SER A 57 32.58 5.71 4.60
CA SER A 57 33.54 4.96 5.41
C SER A 57 33.72 3.56 4.84
N TRP A 58 32.64 2.88 4.56
CA TRP A 58 32.75 1.50 4.08
C TRP A 58 33.52 1.38 2.77
N ALA A 59 33.33 2.34 1.89
CA ALA A 59 33.94 2.29 0.57
C ALA A 59 35.19 3.15 0.55
N LYS A 60 35.65 3.59 1.73
CA LYS A 60 36.88 4.33 1.87
C LYS A 60 36.98 5.44 0.80
N VAL A 61 35.96 6.29 0.76
CA VAL A 61 35.85 7.36 -0.21
C VAL A 61 36.40 8.62 0.41
N PRO A 62 37.37 9.25 -0.27
CA PRO A 62 37.96 10.49 0.30
C PRO A 62 36.98 11.68 0.24
N ALA A 63 37.15 12.66 1.12
CA ALA A 63 36.23 13.80 1.21
C ALA A 63 35.98 14.48 -0.15
N ASP A 64 37.05 14.94 -0.81
CA ASP A 64 36.99 15.63 -2.12
C ASP A 64 36.02 14.88 -3.02
N GLU A 65 36.18 13.56 -3.11
CA GLU A 65 35.36 12.76 -4.05
C GLU A 65 33.92 12.51 -3.57
N TRP A 66 33.74 12.33 -2.26
CA TRP A 66 32.38 12.14 -1.68
C TRP A 66 31.52 13.40 -1.84
N LEU A 67 32.07 14.55 -1.46
CA LEU A 67 31.38 15.81 -1.55
C LEU A 67 31.03 16.22 -3.00
N LYS A 68 31.73 15.68 -4.01
CA LYS A 68 31.36 15.84 -5.45
C LYS A 68 29.93 15.41 -5.70
N LEU A 69 29.36 14.62 -4.79
CA LEU A 69 27.94 14.22 -4.90
C LEU A 69 26.98 15.43 -4.93
N MET A 70 27.40 16.52 -4.27
CA MET A 70 26.73 17.82 -4.35
C MET A 70 26.31 18.20 -5.76
N ASP A 71 27.13 17.87 -6.76
CA ASP A 71 26.78 18.18 -8.15
C ASP A 71 25.55 17.45 -8.61
N GLN A 72 25.20 16.35 -7.93
CA GLN A 72 24.01 15.58 -8.31
C GLN A 72 22.83 15.80 -7.39
N TRP A 73 22.99 16.69 -6.42
CA TRP A 73 21.94 16.91 -5.47
C TRP A 73 20.89 17.77 -6.13
N ASN A 74 19.82 17.12 -6.58
CA ASN A 74 18.70 17.83 -7.17
C ASN A 74 17.38 17.06 -6.95
N PRO A 75 16.88 17.09 -5.71
CA PRO A 75 15.68 16.35 -5.37
C PRO A 75 14.42 16.99 -5.94
N THR A 76 14.08 16.62 -7.17
CA THR A 76 13.04 17.34 -7.91
C THR A 76 11.67 17.03 -7.40
N LYS A 77 11.48 15.83 -6.83
CA LYS A 77 10.21 15.47 -6.23
C LYS A 77 10.04 16.00 -4.78
N PHE A 78 11.04 16.67 -4.23
CA PHE A 78 10.89 17.20 -2.88
C PHE A 78 9.75 18.19 -2.76
N ASP A 79 8.93 18.03 -1.73
CA ASP A 79 7.83 18.93 -1.46
C ASP A 79 7.61 18.90 0.03
N ALA A 80 8.05 19.94 0.69
CA ALA A 80 8.01 20.00 2.11
C ALA A 80 6.62 19.79 2.67
N LYS A 81 5.60 20.29 1.98
CA LYS A 81 4.21 20.18 2.43
C LYS A 81 3.72 18.75 2.37
N LYS A 82 4.15 17.99 1.37
CA LYS A 82 3.83 16.56 1.31
C LYS A 82 4.50 15.79 2.50
N TRP A 83 5.74 16.13 2.82
CA TRP A 83 6.43 15.51 3.93
C TRP A 83 5.65 15.74 5.19
N ALA A 84 5.23 16.98 5.39
CA ALA A 84 4.56 17.38 6.64
C ALA A 84 3.23 16.69 6.76
N LYS A 85 2.55 16.52 5.63
CA LYS A 85 1.27 15.83 5.63
C LYS A 85 1.51 14.38 6.04
N MET A 86 2.56 13.79 5.52
CA MET A 86 2.85 12.39 5.80
C MET A 86 3.10 12.18 7.29
N ALA A 87 3.90 13.07 7.88
CA ALA A 87 4.11 13.01 9.32
C ALA A 87 2.84 13.20 10.12
N LYS A 88 1.97 14.09 9.66
CA LYS A 88 0.67 14.32 10.34
C LYS A 88 -0.19 13.07 10.27
N GLU A 89 -0.31 12.45 9.09
CA GLU A 89 -1.11 11.22 8.92
C GLU A 89 -0.54 10.06 9.73
N MET A 90 0.77 10.06 9.98
CA MET A 90 1.39 9.06 10.81
C MET A 90 1.05 9.24 12.31
N GLY A 91 0.76 10.47 12.72
CA GLY A 91 0.47 10.74 14.13
C GLY A 91 1.71 11.18 14.89
N THR A 92 2.79 11.52 14.20
CA THR A 92 3.97 12.07 14.88
C THR A 92 3.72 13.52 15.28
N LYS A 93 4.15 13.88 16.48
CA LYS A 93 4.02 15.21 16.99
C LYS A 93 5.29 16.01 16.81
N TYR A 94 6.38 15.34 16.48
CA TYR A 94 7.64 16.01 16.21
C TYR A 94 8.47 15.26 15.21
N VAL A 95 9.41 15.99 14.62
CA VAL A 95 10.32 15.44 13.64
C VAL A 95 11.72 15.94 13.97
N LYS A 96 12.68 15.01 14.01
CA LYS A 96 14.09 15.33 14.21
C LYS A 96 14.74 15.19 12.85
N ILE A 97 15.44 16.24 12.41
CA ILE A 97 15.96 16.30 11.06
C ILE A 97 17.45 16.41 11.13
N THR A 98 18.13 15.65 10.27
CA THR A 98 19.60 15.77 10.13
C THR A 98 19.98 17.10 9.46
N THR A 99 20.34 18.08 10.27
CA THR A 99 20.83 19.35 9.72
C THR A 99 22.13 19.14 9.00
N LYS A 100 22.96 18.29 9.59
CA LYS A 100 24.27 17.93 9.07
C LYS A 100 24.64 16.54 9.66
N HIS A 101 24.92 15.55 8.81
CA HIS A 101 25.41 14.27 9.32
C HIS A 101 26.95 14.28 9.35
N HIS A 102 27.58 13.14 9.51
CA HIS A 102 29.06 13.05 9.63
C HIS A 102 29.81 13.56 8.35
N GLU A 103 29.21 13.29 7.19
CA GLU A 103 29.69 13.78 5.92
C GLU A 103 29.87 15.30 5.88
N GLY A 104 29.09 16.04 6.68
CA GLY A 104 29.32 17.48 6.83
C GLY A 104 28.56 18.34 5.84
N PHE A 105 27.83 17.70 4.91
CA PHE A 105 26.91 18.41 4.03
C PHE A 105 25.71 18.99 4.81
N CYS A 106 25.57 20.32 4.79
CA CYS A 106 24.54 21.02 5.55
C CYS A 106 23.25 21.19 4.74
N LEU A 107 22.09 20.87 5.34
CA LEU A 107 20.79 21.04 4.67
C LEU A 107 20.24 22.48 4.70
N TRP A 108 20.97 23.38 5.35
CA TRP A 108 20.70 24.78 5.35
C TRP A 108 21.91 25.50 4.73
N PRO A 109 21.72 26.74 4.24
CA PRO A 109 22.85 27.43 3.60
C PRO A 109 23.81 28.06 4.61
N SER A 110 24.59 27.26 5.30
CA SER A 110 25.53 27.83 6.27
C SER A 110 26.50 28.79 5.57
N LYS A 111 26.88 29.82 6.29
CA LYS A 111 27.89 30.77 5.80
C LYS A 111 29.30 30.24 6.18
N TYR A 112 29.36 29.16 6.96
CA TYR A 112 30.65 28.73 7.51
C TYR A 112 31.34 27.60 6.78
N THR A 113 30.75 27.15 5.69
CA THR A 113 31.36 26.14 4.84
C THR A 113 30.70 26.26 3.49
N LYS A 114 31.39 25.79 2.47
CA LYS A 114 30.81 25.70 1.15
C LYS A 114 29.99 24.43 0.94
N TYR A 115 30.04 23.49 1.90
CA TYR A 115 29.42 22.17 1.67
C TYR A 115 27.98 22.21 2.17
N THR A 116 27.15 22.84 1.36
CA THR A 116 25.85 23.26 1.75
C THR A 116 24.89 23.14 0.58
N VAL A 117 23.61 23.01 0.87
CA VAL A 117 22.56 22.88 -0.14
C VAL A 117 22.55 24.07 -1.19
N ALA A 118 23.08 25.21 -0.78
CA ALA A 118 23.19 26.40 -1.64
C ALA A 118 24.09 26.16 -2.84
N ASN A 119 25.13 25.38 -2.67
CA ASN A 119 26.05 25.12 -3.77
C ASN A 119 25.73 23.84 -4.47
N THR A 120 24.46 23.55 -4.61
CA THR A 120 24.01 22.41 -5.38
C THR A 120 23.08 22.91 -6.46
N PRO A 121 22.87 22.11 -7.49
CA PRO A 121 21.86 22.50 -8.46
C PRO A 121 20.50 22.94 -7.84
N TYR A 122 20.08 22.30 -6.75
CA TYR A 122 18.77 22.55 -6.17
C TYR A 122 18.73 23.90 -5.49
N LYS A 123 19.84 24.27 -4.86
CA LYS A 123 20.07 25.64 -4.35
C LYS A 123 19.26 26.00 -3.10
N ARG A 124 18.06 25.45 -3.00
CA ARG A 124 17.10 25.93 -1.98
C ARG A 124 17.41 25.48 -0.56
N ASP A 125 16.95 26.27 0.40
CA ASP A 125 17.12 25.99 1.83
C ASP A 125 16.14 24.90 2.30
N ILE A 126 16.51 23.62 2.07
CA ILE A 126 15.66 22.45 2.43
C ILE A 126 15.22 22.57 3.87
N LEU A 127 16.17 22.85 4.76
CA LEU A 127 15.88 22.82 6.17
C LEU A 127 14.83 23.88 6.54
N GLY A 128 15.00 25.08 6.02
CA GLY A 128 14.03 26.17 6.22
C GLY A 128 12.65 25.83 5.68
N GLU A 129 12.60 25.23 4.48
CA GLU A 129 11.32 24.76 3.96
C GLU A 129 10.66 23.74 4.88
N LEU A 130 11.43 22.81 5.41
CA LEU A 130 10.86 21.79 6.30
C LEU A 130 10.32 22.40 7.58
N VAL A 131 11.14 23.25 8.21
CA VAL A 131 10.75 23.87 9.44
C VAL A 131 9.37 24.53 9.28
N LYS A 132 9.21 25.32 8.22
CA LYS A 132 7.98 26.02 7.97
C LYS A 132 6.82 25.05 7.81
N ALA A 133 7.02 24.05 6.96
CA ALA A 133 5.92 23.15 6.59
C ALA A 133 5.52 22.26 7.76
N TYR A 134 6.48 21.84 8.56
CA TYR A 134 6.14 21.07 9.73
C TYR A 134 5.42 21.93 10.73
N ASN A 135 6.01 23.09 11.02
CA ASN A 135 5.42 24.00 12.03
C ASN A 135 3.97 24.37 11.61
N ASP A 136 3.75 24.52 10.31
CA ASP A 136 2.41 24.75 9.80
C ASP A 136 1.42 23.64 10.13
N GLU A 137 1.89 22.41 10.29
CA GLU A 137 0.99 21.32 10.61
C GLU A 137 0.88 21.15 12.10
N GLY A 138 1.49 22.05 12.88
CA GLY A 138 1.51 21.90 14.36
C GLY A 138 2.51 20.86 14.87
N ILE A 139 3.54 20.60 14.09
CA ILE A 139 4.55 19.58 14.43
C ILE A 139 5.83 20.26 14.87
N ASP A 140 6.32 19.96 16.07
CA ASP A 140 7.57 20.53 16.54
C ASP A 140 8.77 20.01 15.74
N VAL A 141 9.84 20.83 15.70
CA VAL A 141 11.01 20.46 14.93
C VAL A 141 12.23 20.46 15.81
N HIS A 142 12.98 19.36 15.73
CA HIS A 142 14.19 19.14 16.53
C HIS A 142 15.29 18.97 15.54
N PHE A 143 16.48 19.41 15.92
CA PHE A 143 17.61 19.39 15.02
C PHE A 143 18.62 18.33 15.46
N TYR A 144 18.87 17.38 14.59
CA TYR A 144 20.01 16.47 14.72
C TYR A 144 21.23 17.20 14.20
N PHE A 145 22.33 17.13 14.95
CA PHE A 145 23.58 17.77 14.56
C PHE A 145 24.79 16.82 14.86
N SER A 146 25.54 16.41 13.84
CA SER A 146 26.76 15.64 14.05
C SER A 146 27.94 16.57 14.31
N VAL A 147 28.48 16.50 15.50
CA VAL A 147 29.69 17.22 15.80
C VAL A 147 30.83 16.73 14.89
N MET A 148 31.11 15.45 14.92
CA MET A 148 32.07 14.88 14.00
C MET A 148 31.72 15.30 12.58
N ASP A 149 32.73 15.78 11.85
CA ASP A 149 32.53 16.34 10.51
C ASP A 149 33.68 15.90 9.63
N TRP A 150 33.39 14.95 8.74
CA TRP A 150 34.35 14.44 7.82
C TRP A 150 34.74 15.39 6.67
N SER A 151 34.09 16.55 6.57
CA SER A 151 34.30 17.48 5.47
C SER A 151 35.23 18.61 5.90
N ASN A 152 35.39 18.83 7.20
CA ASN A 152 36.20 19.94 7.66
C ASN A 152 37.50 19.37 8.17
N PRO A 153 38.63 19.75 7.55
CA PRO A 153 39.88 19.06 7.89
C PRO A 153 40.53 19.60 9.14
N ASP A 154 39.89 20.56 9.81
CA ASP A 154 40.24 20.88 11.20
C ASP A 154 39.69 19.85 12.20
N TYR A 155 38.86 18.92 11.73
CA TYR A 155 38.38 17.90 12.66
C TYR A 155 39.52 16.96 13.09
N ARG A 156 39.57 16.67 14.39
CA ARG A 156 40.50 15.70 14.95
C ARG A 156 39.80 14.59 15.77
N TYR A 157 40.18 13.33 15.51
CA TYR A 157 39.76 12.15 16.33
C TYR A 157 40.38 12.16 17.73
N ASP A 158 41.63 12.59 17.81
CA ASP A 158 42.30 12.78 19.10
C ASP A 158 43.31 13.92 19.02
N ILE A 159 43.64 14.46 20.19
CA ILE A 159 44.60 15.54 20.32
C ILE A 159 45.97 14.93 20.67
N LYS A 160 46.75 14.60 19.64
CA LYS A 160 48.07 13.97 19.82
C LYS A 160 49.23 14.98 19.63
N SER A 161 48.93 16.28 19.50
CA SER A 161 49.96 17.33 19.26
C SER A 161 49.43 18.76 19.49
N LYS A 162 50.29 19.75 19.31
CA LYS A 162 49.90 21.16 19.48
C LYS A 162 49.27 21.62 18.17
N GLU A 163 49.69 21.05 17.03
CA GLU A 163 49.04 21.32 15.72
C GLU A 163 47.59 20.84 15.82
N ASP A 164 47.43 19.56 16.18
CA ASP A 164 46.12 18.97 16.44
C ASP A 164 45.26 19.89 17.33
N SER A 165 45.83 20.34 18.43
CA SER A 165 45.07 21.13 19.36
C SER A 165 44.64 22.51 18.80
N ILE A 166 45.49 23.06 17.94
CA ILE A 166 45.26 24.34 17.32
C ILE A 166 44.07 24.19 16.38
N ALA A 167 44.20 23.22 15.48
CA ALA A 167 43.20 22.90 14.51
C ALA A 167 41.84 22.61 15.16
N PHE A 168 41.85 21.84 16.23
CA PHE A 168 40.62 21.45 16.90
C PHE A 168 39.98 22.64 17.59
N SER A 169 40.77 23.54 18.12
CA SER A 169 40.18 24.76 18.77
C SER A 169 39.44 25.57 17.73
N ARG A 170 39.98 25.62 16.53
CA ARG A 170 39.26 26.20 15.39
C ARG A 170 37.97 25.49 15.04
N PHE A 171 38.05 24.17 14.86
CA PHE A 171 36.88 23.31 14.67
C PHE A 171 35.72 23.53 15.70
N LEU A 172 36.03 23.67 16.99
CA LEU A 172 35.01 23.95 17.98
C LEU A 172 34.40 25.34 17.81
N GLU A 173 35.18 26.30 17.31
CA GLU A 173 34.68 27.62 17.06
C GLU A 173 33.71 27.57 15.89
N PHE A 174 34.15 26.93 14.82
CA PHE A 174 33.31 26.66 13.66
C PHE A 174 32.00 25.99 14.04
N THR A 175 32.10 24.96 14.85
CA THR A 175 30.94 24.21 15.27
C THR A 175 30.01 25.14 16.02
N ASP A 176 30.56 25.89 16.97
CA ASP A 176 29.81 26.91 17.68
C ASP A 176 29.12 27.88 16.73
N ASN A 177 29.81 28.31 15.69
CA ASN A 177 29.21 29.23 14.71
C ASN A 177 27.99 28.61 14.03
N GLN A 178 28.14 27.36 13.57
CA GLN A 178 27.04 26.65 12.94
C GLN A 178 25.82 26.52 13.86
N LEU A 179 26.06 26.17 15.11
CA LEU A 179 24.99 26.04 16.05
C LEU A 179 24.26 27.38 16.28
N LYS A 180 25.03 28.46 16.47
CA LYS A 180 24.47 29.82 16.64
C LYS A 180 23.60 30.16 15.40
N GLU A 181 24.15 29.92 14.21
CA GLU A 181 23.42 30.09 12.99
C GLU A 181 22.07 29.39 13.01
N LEU A 182 22.06 28.10 13.37
CA LEU A 182 20.81 27.31 13.37
C LEU A 182 19.82 27.84 14.40
N ALA A 183 20.30 28.16 15.57
CA ALA A 183 19.45 28.63 16.62
C ALA A 183 18.78 29.95 16.24
N THR A 184 19.44 30.77 15.41
CA THR A 184 18.94 32.12 15.13
C THR A 184 18.23 32.19 13.79
N ARG A 185 18.68 31.42 12.80
CA ARG A 185 17.90 31.29 11.58
C ARG A 185 16.55 30.60 11.77
N TYR A 186 16.44 29.68 12.72
CA TYR A 186 15.22 28.85 12.84
C TYR A 186 14.83 28.81 14.29
N PRO A 187 14.40 29.96 14.83
CA PRO A 187 14.13 30.05 16.27
C PRO A 187 12.97 29.21 16.81
N THR A 188 12.19 28.55 15.95
CA THR A 188 11.15 27.65 16.48
C THR A 188 11.68 26.27 16.94
N VAL A 189 12.98 26.04 16.81
CA VAL A 189 13.57 24.75 17.08
C VAL A 189 13.35 24.43 18.53
N LYS A 190 12.95 23.20 18.81
CA LYS A 190 12.69 22.81 20.20
C LYS A 190 13.74 21.98 20.84
N ASP A 191 14.68 21.47 20.06
CA ASP A 191 15.65 20.55 20.59
C ASP A 191 16.81 20.47 19.70
N PHE A 192 17.96 20.21 20.30
CA PHE A 192 19.14 19.81 19.56
C PHE A 192 19.57 18.44 20.03
N TRP A 193 19.73 17.54 19.07
CA TRP A 193 20.12 16.16 19.36
C TRP A 193 21.48 15.92 18.72
N PHE A 194 22.49 15.93 19.57
CA PHE A 194 23.88 15.77 19.13
C PHE A 194 24.32 14.29 18.94
N ASP A 195 25.07 14.05 17.88
CA ASP A 195 25.64 12.76 17.55
C ASP A 195 27.10 12.98 17.16
N GLY A 196 27.87 11.90 16.99
CA GLY A 196 29.28 12.02 16.57
C GLY A 196 30.11 12.70 17.61
N THR A 197 29.83 12.41 18.88
CA THR A 197 30.52 13.05 20.01
C THR A 197 31.33 12.04 20.80
N TRP A 198 31.64 10.90 20.17
CA TRP A 198 32.24 9.78 20.92
C TRP A 198 33.78 9.83 20.92
N ASP A 199 34.38 10.56 19.96
CA ASP A 199 35.84 10.60 19.86
C ASP A 199 36.53 11.21 21.06
N ALA A 200 37.77 10.77 21.27
CA ALA A 200 38.58 11.23 22.38
C ALA A 200 38.71 12.75 22.36
N SER A 201 38.86 13.30 21.16
CA SER A 201 38.94 14.77 20.95
C SER A 201 37.81 15.47 21.72
N VAL A 202 36.60 14.91 21.68
CA VAL A 202 35.47 15.47 22.44
C VAL A 202 35.46 15.09 23.90
N LYS A 203 35.70 13.82 24.22
CA LYS A 203 35.78 13.40 25.61
C LYS A 203 36.75 14.31 26.38
N LYS A 204 37.88 14.60 25.74
CA LYS A 204 38.91 15.44 26.32
C LYS A 204 38.48 16.90 26.48
N ASN A 205 37.39 17.30 25.86
CA ASN A 205 36.92 18.68 25.96
C ASN A 205 35.53 18.87 26.57
N GLY A 206 35.31 18.23 27.70
CA GLY A 206 34.02 18.29 28.37
C GLY A 206 33.48 19.70 28.45
N TRP A 207 34.37 20.63 28.80
CA TRP A 207 34.03 22.02 29.06
C TRP A 207 33.23 22.55 27.85
N TRP A 208 33.65 22.17 26.65
CA TRP A 208 32.97 22.65 25.44
C TRP A 208 31.54 22.15 25.35
N THR A 209 31.30 20.91 25.76
CA THR A 209 29.98 20.30 25.67
C THR A 209 29.04 21.06 26.60
N ALA A 210 29.53 21.42 27.78
CA ALA A 210 28.71 22.17 28.75
C ALA A 210 28.49 23.59 28.27
N HIS A 211 29.49 24.15 27.59
CA HIS A 211 29.38 25.50 27.03
C HIS A 211 28.31 25.54 25.95
N ALA A 212 28.41 24.61 25.01
CA ALA A 212 27.45 24.45 23.91
C ALA A 212 26.01 24.35 24.42
N GLU A 213 25.84 23.62 25.52
CA GLU A 213 24.52 23.47 26.10
C GLU A 213 24.01 24.82 26.61
N GLN A 214 24.79 25.47 27.47
CA GLN A 214 24.39 26.78 28.08
C GLN A 214 24.17 27.76 26.94
N MET A 215 25.08 27.78 25.98
CA MET A 215 24.99 28.66 24.81
C MET A 215 23.64 28.55 24.11
N LEU A 216 23.20 27.31 23.90
CA LEU A 216 21.99 27.11 23.07
C LEU A 216 20.77 27.43 23.89
N LYS A 217 20.85 27.17 25.17
CA LYS A 217 19.76 27.49 26.06
C LYS A 217 19.60 29.00 26.22
N GLU A 218 20.70 29.74 26.09
CA GLU A 218 20.63 31.21 26.08
C GLU A 218 19.91 31.69 24.84
N LEU A 219 20.26 31.13 23.70
CA LEU A 219 19.66 31.56 22.46
C LEU A 219 18.22 31.11 22.25
N VAL A 220 17.83 29.96 22.79
CA VAL A 220 16.52 29.39 22.45
C VAL A 220 15.86 29.06 23.75
N PRO A 221 14.98 29.96 24.22
CA PRO A 221 14.39 29.68 25.51
C PRO A 221 13.66 28.34 25.50
N GLY A 222 14.00 27.50 26.46
CA GLY A 222 13.26 26.26 26.70
C GLY A 222 13.70 25.08 25.87
N VAL A 223 14.73 25.28 25.06
CA VAL A 223 15.23 24.26 24.15
C VAL A 223 15.71 23.06 24.94
N ALA A 224 15.53 21.87 24.37
CA ALA A 224 16.02 20.62 25.02
C ALA A 224 17.30 20.16 24.36
N ILE A 225 18.14 19.56 25.17
CA ILE A 225 19.48 19.12 24.73
C ILE A 225 19.68 17.70 25.18
N ASN A 226 20.10 16.84 24.26
CA ASN A 226 20.26 15.43 24.60
C ASN A 226 21.53 15.13 25.41
N SER A 227 21.50 14.01 26.12
CA SER A 227 22.60 13.57 26.94
C SER A 227 23.86 13.25 26.11
N ARG A 228 23.67 12.83 24.86
CA ARG A 228 24.79 12.38 24.05
C ARG A 228 25.84 13.48 23.74
N LEU A 229 25.43 14.74 23.86
CA LEU A 229 26.34 15.86 23.68
C LEU A 229 27.43 15.82 24.72
N ARG A 230 27.03 15.42 25.91
CA ARG A 230 27.74 15.84 27.08
C ARG A 230 28.80 14.87 27.56
N ALA A 231 29.94 15.46 27.94
CA ALA A 231 31.02 14.78 28.65
C ALA A 231 31.38 15.67 29.83
N ASP A 232 31.79 15.07 30.93
CA ASP A 232 32.20 15.86 32.08
C ASP A 232 33.72 16.13 32.10
N ASP A 233 34.16 16.72 33.22
CA ASP A 233 35.57 17.06 33.45
C ASP A 233 36.45 15.83 33.26
N LYS A 234 36.01 14.67 33.76
CA LYS A 234 36.79 13.42 33.65
C LYS A 234 36.64 12.72 32.30
N GLY A 235 35.74 13.17 31.44
CA GLY A 235 35.53 12.51 30.14
C GLY A 235 34.46 11.41 30.15
N LYS A 236 33.66 11.34 31.23
CA LYS A 236 32.50 10.46 31.31
C LYS A 236 31.31 11.07 30.52
N ARG A 237 30.76 10.27 29.62
CA ARG A 237 29.70 10.69 28.72
C ARG A 237 28.27 10.34 29.23
N HIS A 238 27.28 11.15 28.86
CA HIS A 238 25.85 10.98 29.28
C HIS A 238 25.53 11.21 30.76
N PHE A 239 26.14 10.40 31.62
CA PHE A 239 26.01 10.55 33.06
C PHE A 239 27.39 10.96 33.53
N ASP A 240 27.45 11.95 34.43
CA ASP A 240 28.72 12.44 34.89
C ASP A 240 29.31 11.46 35.91
N SER A 241 30.47 11.79 36.41
CA SER A 241 31.23 10.91 37.32
C SER A 241 30.55 10.68 38.67
N ASN A 242 29.56 11.50 39.03
CA ASN A 242 28.69 11.21 40.19
C ASN A 242 27.45 10.44 39.79
N GLY A 243 27.45 9.91 38.56
CA GLY A 243 26.29 9.25 38.00
C GLY A 243 25.03 10.11 37.87
N ARG A 244 25.20 11.42 37.68
CA ARG A 244 24.07 12.28 37.47
C ARG A 244 23.92 12.52 35.98
N LEU A 245 22.67 12.53 35.51
CA LEU A 245 22.38 12.69 34.07
C LEU A 245 22.72 14.09 33.55
N MET A 246 23.53 14.18 32.50
CA MET A 246 23.79 15.47 31.84
C MET A 246 22.83 15.71 30.69
N GLY A 247 22.60 16.97 30.38
CA GLY A 247 21.60 17.35 29.38
C GLY A 247 20.19 17.14 29.93
N ASP A 248 19.18 17.31 29.07
CA ASP A 248 17.81 17.29 29.57
C ASP A 248 17.09 15.94 29.53
N TYR A 249 17.65 14.98 28.78
CA TYR A 249 17.06 13.68 28.60
C TYR A 249 18.13 12.70 28.12
N GLU A 250 17.97 11.46 28.54
CA GLU A 250 18.85 10.38 28.16
C GLU A 250 18.54 9.96 26.73
N SER A 251 19.59 9.72 25.93
CA SER A 251 19.46 9.44 24.51
C SER A 251 20.28 8.24 24.04
N GLY A 252 20.49 7.27 24.90
CA GLY A 252 21.31 6.10 24.52
C GLY A 252 20.56 4.93 23.90
N TYR A 253 19.24 4.92 23.96
CA TYR A 253 18.50 3.77 23.51
C TYR A 253 18.25 3.92 22.05
N GLU A 254 19.30 3.53 21.31
CA GLU A 254 19.32 3.60 19.86
C GLU A 254 19.22 2.15 19.34
N ARG A 255 18.13 1.83 18.66
CA ARG A 255 17.81 0.49 18.18
C ARG A 255 17.75 -0.58 19.29
N ARG A 256 17.46 -0.15 20.50
CA ARG A 256 17.17 -1.06 21.61
C ARG A 256 16.39 -0.27 22.70
N LEU A 257 15.81 -1.01 23.65
CA LEU A 257 14.95 -0.48 24.67
C LEU A 257 15.24 -1.07 26.02
N PRO A 258 14.94 -0.34 27.09
CA PRO A 258 15.19 -0.89 28.40
C PRO A 258 14.25 -2.00 28.73
N ASP A 259 14.72 -2.91 29.57
CA ASP A 259 13.95 -4.08 29.90
C ASP A 259 12.82 -3.66 30.83
N PRO A 260 11.58 -4.04 30.55
CA PRO A 260 10.39 -3.64 31.36
C PRO A 260 10.37 -4.12 32.80
N VAL A 261 11.21 -5.10 33.15
CA VAL A 261 11.27 -5.66 34.51
C VAL A 261 12.52 -5.21 35.22
N LYS A 262 13.64 -5.15 34.52
CA LYS A 262 14.93 -4.89 35.16
C LYS A 262 15.50 -3.50 35.08
N ASP A 263 14.96 -2.64 34.21
CA ASP A 263 15.52 -1.33 33.97
C ASP A 263 14.51 -0.26 34.32
N LEU A 264 13.77 -0.46 35.41
CA LEU A 264 12.79 0.56 35.85
C LEU A 264 13.43 1.86 36.30
N LYS A 265 14.72 1.87 36.51
CA LYS A 265 15.45 3.09 36.82
C LYS A 265 15.20 4.22 35.80
N VAL A 266 14.89 3.90 34.55
CA VAL A 266 14.78 4.93 33.51
C VAL A 266 13.56 5.80 33.74
N THR A 267 12.65 5.35 34.58
CA THR A 267 11.44 6.11 34.78
C THR A 267 11.74 7.34 35.58
N GLN A 268 12.93 7.42 36.14
CA GLN A 268 13.31 8.55 36.99
C GLN A 268 13.78 9.75 36.22
N TRP A 269 14.05 9.59 34.92
CA TRP A 269 14.47 10.73 34.10
C TRP A 269 13.76 10.67 32.79
N ASP A 270 13.75 11.79 32.10
CA ASP A 270 13.21 11.82 30.76
C ASP A 270 14.21 11.15 29.84
N TRP A 271 13.68 10.50 28.82
CA TRP A 271 14.52 9.83 27.84
C TRP A 271 13.78 9.64 26.56
N GLU A 272 14.55 9.47 25.50
CA GLU A 272 13.99 9.26 24.18
C GLU A 272 14.79 8.15 23.49
N ALA A 273 14.06 7.23 22.91
CA ALA A 273 14.65 6.18 22.09
C ALA A 273 14.46 6.52 20.65
N CYS A 274 15.35 6.00 19.79
CA CYS A 274 15.12 6.04 18.35
C CYS A 274 15.35 4.68 17.75
N MET A 275 14.80 4.47 16.58
CA MET A 275 14.85 3.17 15.96
C MET A 275 14.81 3.30 14.47
N THR A 276 15.24 2.24 13.80
CA THR A 276 15.16 2.10 12.34
C THR A 276 14.18 0.98 11.96
N ILE A 277 13.70 0.99 10.72
CA ILE A 277 12.80 0.00 10.25
C ILE A 277 13.55 -1.30 9.87
N PRO A 278 14.57 -1.20 9.01
CA PRO A 278 15.46 -2.33 8.89
C PRO A 278 16.35 -2.44 10.10
N GLU A 279 17.29 -3.36 10.08
CA GLU A 279 18.09 -3.61 11.25
C GLU A 279 18.98 -2.46 11.62
N ASN A 280 19.66 -1.90 10.62
CA ASN A 280 20.55 -0.74 10.83
C ASN A 280 20.80 0.07 9.54
N GLN A 281 19.80 0.85 9.16
CA GLN A 281 19.90 1.77 8.03
C GLN A 281 19.15 3.03 8.40
N TRP A 282 19.85 4.15 8.47
CA TRP A 282 19.20 5.40 8.80
C TRP A 282 19.00 6.23 7.54
N GLY A 283 20.10 6.43 6.81
CA GLY A 283 20.00 6.98 5.47
C GLY A 283 19.43 5.97 4.50
N TYR A 284 19.00 6.47 3.36
CA TYR A 284 18.43 5.63 2.33
C TYR A 284 19.38 4.59 1.79
N HIS A 285 18.95 3.34 1.83
CA HIS A 285 19.68 2.23 1.25
C HIS A 285 18.82 1.56 0.23
N LYS A 286 19.39 1.29 -0.95
CA LYS A 286 18.56 0.88 -2.09
C LYS A 286 18.07 -0.56 -2.00
N ASP A 287 18.73 -1.36 -1.19
CA ASP A 287 18.33 -2.77 -1.05
C ASP A 287 18.00 -3.18 0.40
N TRP A 288 16.72 -3.14 0.71
CA TRP A 288 16.25 -3.51 2.04
C TRP A 288 16.15 -5.04 2.27
N SER A 289 16.33 -5.84 1.22
CA SER A 289 16.35 -7.31 1.35
C SER A 289 17.57 -7.83 2.09
N LEU A 290 18.55 -6.97 2.42
CA LEU A 290 19.79 -7.46 3.07
C LEU A 290 19.74 -7.72 4.60
N SER A 291 18.69 -7.25 5.28
CA SER A 291 18.56 -7.43 6.74
C SER A 291 17.08 -7.47 7.04
N TYR A 292 16.72 -7.84 8.27
CA TYR A 292 15.32 -7.98 8.62
C TYR A 292 14.66 -6.58 8.64
N VAL A 293 13.46 -6.50 8.05
CA VAL A 293 12.65 -5.29 8.00
C VAL A 293 11.44 -5.43 8.92
N LYS A 294 11.29 -4.52 9.87
CA LYS A 294 10.21 -4.67 10.87
C LYS A 294 8.88 -4.43 10.25
N THR A 295 7.85 -5.12 10.75
CA THR A 295 6.48 -4.86 10.36
C THR A 295 5.91 -3.73 11.18
N PRO A 296 4.76 -3.22 10.76
CA PRO A 296 4.13 -2.14 11.53
C PRO A 296 3.80 -2.48 12.98
N ILE A 297 3.27 -3.66 13.22
CA ILE A 297 3.01 -4.07 14.60
C ILE A 297 4.31 -4.12 15.44
N GLU A 298 5.42 -4.57 14.84
CA GLU A 298 6.67 -4.62 15.56
C GLU A 298 7.16 -3.25 15.95
N VAL A 299 6.84 -2.27 15.10
CA VAL A 299 7.20 -0.87 15.38
C VAL A 299 6.29 -0.28 16.45
N ILE A 300 4.99 -0.54 16.34
CA ILE A 300 4.01 -0.08 17.34
C ILE A 300 4.29 -0.65 18.75
N ASP A 301 4.70 -1.91 18.80
CA ASP A 301 5.13 -2.52 20.03
C ASP A 301 6.20 -1.71 20.71
N ARG A 302 7.15 -1.26 19.93
CA ARG A 302 8.30 -0.59 20.47
C ARG A 302 7.95 0.82 20.91
N ILE A 303 7.07 1.45 20.15
CA ILE A 303 6.57 2.80 20.56
C ILE A 303 5.89 2.72 21.93
N VAL A 304 4.95 1.77 22.06
CA VAL A 304 4.26 1.59 23.33
C VAL A 304 5.18 1.19 24.48
N HIS A 305 6.11 0.29 24.17
CA HIS A 305 7.10 -0.12 25.14
C HIS A 305 7.75 1.14 25.70
N ALA A 306 8.21 2.01 24.83
CA ALA A 306 8.89 3.21 25.31
C ALA A 306 7.99 4.06 26.23
N VAL A 307 6.76 4.36 25.78
CA VAL A 307 5.88 5.19 26.58
C VAL A 307 5.55 4.54 27.91
N SER A 308 5.39 3.23 27.91
CA SER A 308 5.11 2.45 29.11
C SER A 308 6.21 2.55 30.11
N MET A 309 7.39 2.97 29.68
CA MET A 309 8.48 3.17 30.63
C MET A 309 8.92 4.63 30.71
N GLY A 310 8.04 5.54 30.32
CA GLY A 310 8.28 6.94 30.49
C GLY A 310 9.21 7.56 29.50
N GLY A 311 9.22 7.04 28.27
CA GLY A 311 10.12 7.60 27.26
C GLY A 311 9.44 7.89 25.94
N ASN A 312 10.05 8.72 25.14
CA ASN A 312 9.59 8.98 23.79
C ASN A 312 10.20 7.97 22.84
N MET A 313 9.57 7.82 21.67
CA MET A 313 10.13 6.99 20.59
C MET A 313 10.07 7.72 19.28
N VAL A 314 11.17 7.65 18.54
CA VAL A 314 11.33 8.32 17.30
C VAL A 314 11.64 7.29 16.24
N VAL A 315 10.78 7.21 15.23
CA VAL A 315 10.90 6.23 14.16
C VAL A 315 11.58 6.89 12.96
N ASN A 316 12.63 6.25 12.44
CA ASN A 316 13.44 6.83 11.37
C ASN A 316 12.91 6.58 9.97
N PHE A 317 13.08 7.59 9.12
CA PHE A 317 12.87 7.54 7.68
C PHE A 317 14.10 8.08 6.95
N GLY A 318 14.42 7.47 5.82
CA GLY A 318 15.58 7.85 5.02
C GLY A 318 15.09 8.15 3.61
N PRO A 319 14.76 9.42 3.35
CA PRO A 319 14.14 9.76 2.07
C PRO A 319 15.05 9.41 0.89
N GLN A 320 14.43 9.14 -0.26
CA GLN A 320 15.18 8.98 -1.52
C GLN A 320 15.89 10.26 -1.95
N ALA A 321 16.86 10.07 -2.84
CA ALA A 321 17.61 11.17 -3.43
C ALA A 321 16.65 12.14 -4.16
N ASP A 322 15.60 11.61 -4.75
CA ASP A 322 14.71 12.43 -5.54
C ASP A 322 13.75 13.29 -4.66
N GLY A 323 13.76 13.06 -3.35
CA GLY A 323 12.96 13.86 -2.42
C GLY A 323 11.63 13.23 -2.03
N ASP A 324 11.39 12.03 -2.54
CA ASP A 324 10.23 11.23 -2.16
C ASP A 324 10.62 10.10 -1.15
N PHE A 325 9.60 9.48 -0.55
CA PHE A 325 9.81 8.35 0.33
C PHE A 325 9.47 7.09 -0.40
N ARG A 326 10.24 6.05 -0.13
CA ARG A 326 10.04 4.71 -0.68
C ARG A 326 8.75 4.08 -0.19
N PRO A 327 8.25 3.07 -0.90
CA PRO A 327 6.91 2.57 -0.63
C PRO A 327 6.79 1.95 0.77
N GLU A 328 7.85 1.27 1.20
CA GLU A 328 7.81 0.58 2.47
C GLU A 328 7.59 1.61 3.56
N GLU A 329 8.22 2.77 3.43
CA GLU A 329 8.12 3.82 4.45
C GLU A 329 6.78 4.50 4.40
N LYS A 330 6.22 4.65 3.22
CA LYS A 330 4.84 5.17 3.10
C LYS A 330 3.81 4.24 3.70
N ALA A 331 3.97 2.95 3.46
CA ALA A 331 3.07 1.96 4.06
C ALA A 331 3.18 1.98 5.61
N MET A 332 4.41 2.05 6.08
CA MET A 332 4.69 2.09 7.51
C MET A 332 4.01 3.29 8.18
N ALA A 333 4.16 4.46 7.57
CA ALA A 333 3.60 5.65 8.13
C ALA A 333 2.09 5.57 8.19
N THR A 334 1.47 5.15 7.09
CA THR A 334 0.03 4.94 7.03
C THR A 334 -0.46 3.93 8.07
N ALA A 335 0.24 2.81 8.19
CA ALA A 335 -0.18 1.78 9.16
C ALA A 335 -0.10 2.31 10.60
N ILE A 336 1.00 2.96 10.93
CA ILE A 336 1.13 3.52 12.27
C ILE A 336 0.04 4.57 12.51
N GLY A 337 -0.19 5.41 11.51
CA GLY A 337 -1.26 6.44 11.59
C GLY A 337 -2.66 5.90 11.86
N LYS A 338 -3.07 4.84 11.14
CA LYS A 338 -4.33 4.19 11.42
C LYS A 338 -4.44 3.73 12.85
N TRP A 339 -3.38 3.10 13.37
CA TRP A 339 -3.43 2.55 14.71
C TRP A 339 -3.42 3.64 15.75
N MET A 340 -2.58 4.65 15.55
CA MET A 340 -2.56 5.80 16.50
C MET A 340 -3.87 6.56 16.50
N ASN A 341 -4.52 6.62 15.35
CA ASN A 341 -5.75 7.36 15.25
C ASN A 341 -6.81 6.67 16.11
N ARG A 342 -6.75 5.37 16.16
CA ARG A 342 -7.68 4.58 16.95
C ARG A 342 -7.25 4.47 18.41
N TYR A 343 -5.96 4.32 18.69
CA TYR A 343 -5.54 3.96 20.06
C TYR A 343 -4.62 4.96 20.74
N GLY A 344 -4.38 6.07 20.08
CA GLY A 344 -3.46 7.10 20.57
C GLY A 344 -3.72 7.71 21.91
N LYS A 345 -4.93 7.58 22.44
CA LYS A 345 -5.18 8.13 23.79
C LYS A 345 -4.31 7.37 24.81
N ALA A 346 -3.85 6.16 24.45
CA ALA A 346 -2.92 5.39 25.30
C ALA A 346 -1.43 5.68 25.10
N VAL A 347 -1.13 6.57 24.17
CA VAL A 347 0.24 6.94 23.87
C VAL A 347 0.57 8.41 24.14
N TYR A 348 -0.14 9.32 23.47
CA TYR A 348 0.09 10.76 23.67
C TYR A 348 -0.13 11.16 25.11
N ALA A 349 0.79 11.91 25.66
CA ALA A 349 0.68 12.42 27.02
C ALA A 349 0.61 11.34 28.10
N CYS A 350 0.99 10.11 27.74
CA CYS A 350 0.98 9.05 28.71
C CYS A 350 2.34 8.80 29.31
N ASP A 351 2.37 7.99 30.37
CA ASP A 351 3.60 7.77 31.14
C ASP A 351 3.58 6.39 31.81
N TYR A 352 4.68 6.09 32.48
CA TYR A 352 4.83 4.88 33.29
C TYR A 352 3.73 4.75 34.35
N ALA A 353 3.07 3.61 34.39
CA ALA A 353 1.90 3.40 35.25
C ALA A 353 2.21 2.79 36.62
N GLY A 354 3.45 2.39 36.89
CA GLY A 354 3.73 1.78 38.18
C GLY A 354 3.18 0.41 38.46
N PHE A 355 2.69 -0.31 37.44
CA PHE A 355 2.18 -1.69 37.64
C PHE A 355 3.25 -2.73 37.25
N GLU A 356 3.19 -3.93 37.81
CA GLU A 356 4.12 -4.99 37.40
C GLU A 356 3.77 -5.47 36.01
N LYS A 357 4.79 -5.60 35.19
CA LYS A 357 4.65 -6.00 33.80
C LYS A 357 3.99 -7.37 33.69
N GLN A 358 3.06 -7.53 32.75
CA GLN A 358 2.46 -8.76 32.46
C GLN A 358 2.72 -9.14 30.97
N ASP A 359 2.47 -10.39 30.62
CA ASP A 359 2.82 -10.94 29.34
C ASP A 359 1.95 -10.52 28.19
N TRP A 360 0.75 -10.02 28.46
CA TRP A 360 -0.17 -9.62 27.39
C TRP A 360 0.23 -8.31 26.66
N GLY A 361 1.05 -7.47 27.30
CA GLY A 361 1.41 -6.22 26.72
C GLY A 361 1.89 -5.24 27.74
N TYR A 362 1.54 -3.98 27.55
CA TYR A 362 2.04 -2.89 28.40
C TYR A 362 0.90 -2.10 29.03
N TYR A 363 1.17 -1.53 30.18
CA TYR A 363 0.36 -0.50 30.75
C TYR A 363 0.91 0.90 30.43
N THR A 364 0.03 1.86 30.21
CA THR A 364 0.40 3.28 30.23
C THR A 364 -0.58 4.09 31.12
N ARG A 365 -0.12 5.18 31.74
CA ARG A 365 -0.92 6.02 32.67
C ARG A 365 -1.20 7.33 31.99
N GLY A 366 -2.49 7.66 31.90
CA GLY A 366 -2.97 8.95 31.36
C GLY A 366 -2.78 10.12 32.30
N LYS A 367 -3.01 11.33 31.80
CA LYS A 367 -2.91 12.55 32.59
C LYS A 367 -3.88 12.59 33.80
N ASN A 368 -5.04 11.96 33.65
CA ASN A 368 -6.01 11.85 34.74
C ASN A 368 -6.12 10.47 35.40
N ASP A 369 -4.99 9.81 35.63
CA ASP A 369 -4.94 8.48 36.24
C ASP A 369 -5.76 7.40 35.55
N GLU A 370 -6.04 7.59 34.26
CA GLU A 370 -6.49 6.47 33.44
C GLU A 370 -5.33 5.49 33.35
N VAL A 371 -5.63 4.22 33.42
CA VAL A 371 -4.61 3.19 33.23
C VAL A 371 -5.03 2.41 32.03
N TYR A 372 -4.20 2.43 30.99
CA TYR A 372 -4.51 1.71 29.77
C TYR A 372 -3.76 0.41 29.70
N MET A 373 -4.45 -0.64 29.28
CA MET A 373 -3.84 -1.91 29.01
C MET A 373 -3.70 -2.01 27.51
N VAL A 374 -2.47 -2.09 27.00
CA VAL A 374 -2.26 -2.24 25.57
C VAL A 374 -1.83 -3.66 25.31
N VAL A 375 -2.73 -4.39 24.66
CA VAL A 375 -2.64 -5.80 24.50
C VAL A 375 -2.06 -6.19 23.14
N PHE A 376 -0.89 -6.85 23.18
CA PHE A 376 -0.18 -7.33 22.00
C PHE A 376 -0.21 -8.84 21.86
N ASN A 377 -0.36 -9.55 22.98
CA ASN A 377 -0.35 -11.03 23.01
C ASN A 377 -1.61 -11.56 23.68
N GLN A 378 -2.50 -12.11 22.87
CA GLN A 378 -3.84 -12.49 23.30
C GLN A 378 -3.81 -13.88 24.00
N PRO A 379 -4.18 -13.92 25.28
CA PRO A 379 -4.09 -15.18 26.02
C PRO A 379 -5.19 -16.14 25.62
N TYR A 380 -4.84 -17.41 25.38
CA TYR A 380 -5.89 -18.42 25.10
C TYR A 380 -6.84 -18.62 26.31
N SER A 381 -6.35 -18.31 27.52
CA SER A 381 -7.18 -18.33 28.70
C SER A 381 -8.30 -17.33 28.64
N GLU A 382 -8.22 -16.38 27.72
CA GLU A 382 -9.22 -15.31 27.62
C GLU A 382 -9.25 -14.37 28.81
N ARG A 383 -8.22 -14.42 29.60
CA ARG A 383 -8.12 -13.61 30.81
C ARG A 383 -6.79 -12.88 30.82
N LEU A 384 -6.83 -11.59 31.08
CA LEU A 384 -5.67 -10.76 31.10
C LEU A 384 -5.35 -10.46 32.53
N ILE A 385 -4.18 -10.90 33.01
CA ILE A 385 -3.91 -10.81 34.40
C ILE A 385 -3.50 -9.41 34.75
N VAL A 386 -4.06 -8.90 35.84
CA VAL A 386 -3.70 -7.57 36.31
C VAL A 386 -3.40 -7.63 37.78
N LYS A 387 -2.17 -7.30 38.12
CA LYS A 387 -1.71 -7.24 39.47
C LYS A 387 -1.46 -5.78 39.85
N THR A 388 -2.14 -5.31 40.90
CA THR A 388 -2.14 -3.90 41.28
C THR A 388 -1.12 -3.61 42.37
N PRO A 389 -0.55 -2.41 42.36
CA PRO A 389 0.29 -2.03 43.49
C PRO A 389 -0.53 -1.98 44.78
N LYS A 390 0.17 -2.02 45.91
CA LYS A 390 -0.42 -1.83 47.23
C LYS A 390 -1.43 -0.70 47.20
N GLY A 391 -2.65 -0.93 47.68
CA GLY A 391 -3.62 0.17 47.83
C GLY A 391 -4.42 0.55 46.60
N ILE A 392 -4.17 -0.12 45.48
CA ILE A 392 -4.89 0.19 44.26
C ILE A 392 -5.91 -0.89 43.93
N THR A 393 -7.09 -0.47 43.55
CA THR A 393 -8.12 -1.40 43.11
C THR A 393 -8.59 -0.99 41.73
N VAL A 394 -9.30 -1.90 41.10
CA VAL A 394 -9.74 -1.69 39.77
C VAL A 394 -11.24 -1.64 39.90
N GLU A 395 -11.81 -0.49 39.61
CA GLU A 395 -13.26 -0.29 39.70
C GLU A 395 -13.94 -0.67 38.41
N LYS A 396 -13.29 -0.46 37.27
CA LYS A 396 -13.96 -0.70 35.98
C LYS A 396 -12.95 -0.94 34.86
N ALA A 397 -13.40 -1.66 33.84
CA ALA A 397 -12.70 -1.83 32.62
C ALA A 397 -13.60 -1.58 31.45
N THR A 398 -13.05 -0.92 30.43
CA THR A 398 -13.77 -0.55 29.24
C THR A 398 -12.93 -0.70 27.97
N LEU A 399 -13.49 -1.28 26.93
CA LEU A 399 -12.84 -1.29 25.65
C LEU A 399 -12.81 0.13 25.05
N LEU A 400 -11.61 0.66 24.84
CA LEU A 400 -11.41 2.03 24.42
C LEU A 400 -12.16 2.41 23.17
N THR A 401 -12.15 1.56 22.16
CA THR A 401 -12.79 1.92 20.90
C THR A 401 -14.34 1.95 20.99
N THR A 402 -14.96 0.98 21.67
CA THR A 402 -16.43 0.86 21.67
C THR A 402 -17.10 1.35 22.95
N GLY A 403 -16.35 1.58 24.01
CA GLY A 403 -16.97 1.85 25.30
C GLY A 403 -17.65 0.64 25.94
N GLU A 404 -17.63 -0.53 25.31
CA GLU A 404 -18.25 -1.72 25.95
C GLU A 404 -17.59 -2.06 27.27
N ASP A 405 -18.39 -2.41 28.25
CA ASP A 405 -17.91 -2.73 29.57
C ASP A 405 -17.23 -4.08 29.50
N ILE A 406 -16.20 -4.26 30.33
CA ILE A 406 -15.40 -5.49 30.30
C ILE A 406 -15.41 -6.05 31.71
N THR A 407 -15.70 -7.33 31.83
CA THR A 407 -15.72 -7.99 33.12
C THR A 407 -14.36 -8.05 33.78
N VAL A 408 -14.36 -7.69 35.06
CA VAL A 408 -13.23 -7.76 35.91
C VAL A 408 -13.52 -8.64 37.08
N VAL A 409 -12.73 -9.69 37.28
CA VAL A 409 -12.94 -10.65 38.37
C VAL A 409 -11.75 -10.62 39.29
N GLU A 410 -11.96 -10.46 40.59
CA GLU A 410 -10.85 -10.51 41.54
C GLU A 410 -10.46 -11.96 41.70
N THR A 411 -9.16 -12.24 41.75
CA THR A 411 -8.71 -13.64 41.84
C THR A 411 -7.99 -13.83 43.18
N THR A 412 -7.31 -12.81 43.63
CA THR A 412 -6.65 -12.89 44.89
C THR A 412 -6.44 -11.45 45.36
N ARG A 413 -5.87 -11.26 46.55
CA ARG A 413 -5.56 -9.91 47.04
C ARG A 413 -4.63 -9.28 46.01
N ASN A 414 -5.03 -8.13 45.48
CA ASN A 414 -4.21 -7.37 44.54
C ASN A 414 -4.09 -7.95 43.15
N GLU A 415 -5.04 -8.78 42.74
CA GLU A 415 -4.95 -9.36 41.44
C GLU A 415 -6.28 -9.66 40.84
N TYR A 416 -6.40 -9.41 39.54
CA TYR A 416 -7.64 -9.63 38.79
C TYR A 416 -7.41 -10.34 37.48
N ASN A 417 -8.48 -10.95 36.97
CA ASN A 417 -8.64 -11.34 35.60
C ASN A 417 -9.58 -10.37 34.88
N VAL A 418 -9.03 -9.66 33.91
CA VAL A 418 -9.79 -8.81 33.06
C VAL A 418 -10.07 -9.61 31.82
N SER A 419 -11.36 -9.76 31.47
CA SER A 419 -11.71 -10.57 30.30
C SER A 419 -11.29 -9.87 29.02
N VAL A 420 -10.98 -10.68 28.01
CA VAL A 420 -10.79 -10.19 26.69
C VAL A 420 -12.15 -9.77 26.16
N PRO A 421 -12.18 -8.90 25.15
CA PRO A 421 -13.45 -8.52 24.52
C PRO A 421 -14.20 -9.72 23.94
N LYS A 422 -15.54 -9.61 23.85
CA LYS A 422 -16.36 -10.71 23.30
C LYS A 422 -15.93 -10.99 21.86
N LYS A 423 -15.72 -9.95 21.05
CA LYS A 423 -15.18 -10.13 19.65
C LYS A 423 -13.68 -9.79 19.67
N ASN A 424 -12.85 -10.70 19.20
CA ASN A 424 -11.41 -10.44 19.14
C ASN A 424 -11.10 -9.28 18.22
N PRO A 425 -10.51 -8.20 18.75
CA PRO A 425 -10.26 -7.06 17.88
C PRO A 425 -9.34 -7.31 16.69
N GLY A 426 -8.58 -8.39 16.70
CA GLY A 426 -7.75 -8.75 15.57
C GLY A 426 -6.56 -7.85 15.35
N GLU A 427 -6.22 -7.04 16.34
CA GLU A 427 -5.03 -6.19 16.27
C GLU A 427 -4.72 -5.78 17.68
N PRO A 428 -3.52 -5.25 17.93
CA PRO A 428 -3.27 -4.82 19.30
C PRO A 428 -4.30 -3.78 19.68
N TYR A 429 -4.80 -3.88 20.90
CA TYR A 429 -5.93 -3.10 21.31
C TYR A 429 -5.78 -2.57 22.70
N VAL A 430 -6.69 -1.69 23.12
CA VAL A 430 -6.58 -1.04 24.40
C VAL A 430 -7.83 -1.27 25.26
N ILE A 431 -7.59 -1.62 26.51
CA ILE A 431 -8.62 -1.66 27.50
C ILE A 431 -8.28 -0.61 28.48
N GLN A 432 -9.26 0.23 28.80
CA GLN A 432 -9.05 1.33 29.74
C GLN A 432 -9.61 0.91 31.09
N LEU A 433 -8.84 1.16 32.15
CA LEU A 433 -9.19 0.85 33.50
C LEU A 433 -9.42 2.09 34.27
N LYS A 434 -10.48 2.06 35.08
CA LYS A 434 -10.67 3.03 36.12
C LYS A 434 -10.17 2.37 37.37
N VAL A 435 -9.22 3.03 38.02
CA VAL A 435 -8.67 2.51 39.26
C VAL A 435 -8.93 3.49 40.39
N ARG A 436 -8.90 3.00 41.64
CA ARG A 436 -9.07 3.85 42.83
C ARG A 436 -7.89 3.55 43.75
N ALA A 437 -7.25 4.59 44.29
CA ALA A 437 -6.23 4.43 45.34
C ALA A 437 -6.86 4.55 46.73
N ALA A 438 -6.11 4.22 47.77
CA ALA A 438 -6.58 4.33 49.16
C ALA A 438 -5.98 5.55 49.87
N LYS A 439 -6.79 6.26 50.66
CA LYS A 439 -6.35 7.53 51.28
C LYS A 439 -5.17 7.37 52.24
N GLU B 1 -18.98 -18.64 -47.55
CA GLU B 1 -19.70 -19.19 -46.37
C GLU B 1 -19.41 -20.69 -46.22
N ILE B 2 -18.51 -21.07 -45.30
CA ILE B 2 -17.77 -22.39 -45.25
C ILE B 2 -18.39 -23.27 -44.16
N PRO B 3 -18.21 -24.62 -44.24
CA PRO B 3 -18.70 -25.50 -43.16
C PRO B 3 -17.57 -25.98 -42.25
N LEU B 4 -17.86 -26.07 -40.94
CA LEU B 4 -16.85 -26.45 -39.96
C LEU B 4 -17.37 -27.30 -38.81
N LYS B 5 -16.61 -28.33 -38.45
CA LYS B 5 -16.89 -29.13 -37.27
C LYS B 5 -16.45 -28.41 -35.97
N TYR B 6 -15.34 -27.67 -36.02
CA TYR B 6 -14.66 -27.12 -34.82
C TYR B 6 -14.52 -25.63 -34.86
N GLY B 7 -15.57 -24.98 -35.35
CA GLY B 7 -15.60 -23.53 -35.42
C GLY B 7 -16.24 -22.97 -34.18
N ALA B 8 -16.81 -21.77 -34.31
CA ALA B 8 -17.43 -21.08 -33.16
C ALA B 8 -18.69 -21.76 -32.65
N THR B 9 -18.99 -21.55 -31.37
CA THR B 9 -20.17 -22.15 -30.75
C THR B 9 -21.17 -21.07 -30.34
N ASN B 10 -20.74 -20.08 -29.55
CA ASN B 10 -21.60 -18.93 -29.13
C ASN B 10 -22.16 -18.12 -30.29
N GLU B 11 -23.36 -17.56 -30.08
CA GLU B 11 -24.01 -16.75 -31.09
C GLU B 11 -23.44 -15.35 -30.97
N GLY B 12 -23.91 -14.58 -30.00
CA GLY B 12 -23.28 -13.28 -29.70
C GLY B 12 -22.45 -13.38 -28.42
N LYS B 13 -22.61 -12.38 -27.56
CA LYS B 13 -22.04 -12.42 -26.24
C LYS B 13 -22.88 -13.33 -25.37
N ARG B 14 -22.23 -14.19 -24.59
CA ARG B 14 -22.93 -14.90 -23.51
C ARG B 14 -23.54 -13.90 -22.56
N GLN B 15 -24.76 -14.17 -22.09
CA GLN B 15 -25.39 -13.35 -21.06
C GLN B 15 -25.82 -14.10 -19.83
N ASP B 16 -25.39 -15.35 -19.67
CA ASP B 16 -25.55 -16.06 -18.40
C ASP B 16 -24.89 -15.25 -17.29
N PRO B 17 -25.28 -15.49 -16.04
CA PRO B 17 -24.77 -14.61 -14.96
C PRO B 17 -23.28 -14.77 -14.69
N ALA B 18 -22.71 -15.90 -15.07
CA ALA B 18 -21.31 -16.11 -14.80
C ALA B 18 -20.49 -15.23 -15.75
N MET B 19 -20.94 -15.09 -17.01
CA MET B 19 -20.28 -14.19 -17.95
C MET B 19 -20.48 -12.77 -17.57
N GLN B 20 -21.58 -12.43 -16.96
CA GLN B 20 -21.81 -11.05 -16.57
C GLN B 20 -20.94 -10.64 -15.41
N LYS B 21 -20.61 -11.60 -14.57
CA LYS B 21 -19.70 -11.36 -13.43
C LYS B 21 -18.24 -11.19 -13.94
N PHE B 22 -17.87 -12.02 -14.90
CA PHE B 22 -16.59 -11.96 -15.57
C PHE B 22 -16.41 -10.56 -16.15
N ARG B 23 -17.44 -10.09 -16.84
CA ARG B 23 -17.46 -8.79 -17.49
C ARG B 23 -17.45 -7.64 -16.52
N ASP B 24 -18.37 -7.65 -15.59
CA ASP B 24 -18.50 -6.60 -14.62
C ASP B 24 -17.29 -6.40 -13.69
N ASN B 25 -16.59 -7.48 -13.37
CA ASN B 25 -15.37 -7.39 -12.59
C ASN B 25 -14.43 -6.34 -13.17
N ARG B 26 -14.28 -6.39 -14.52
CA ARG B 26 -13.47 -5.46 -15.33
C ARG B 26 -11.98 -5.43 -15.07
N LEU B 27 -11.58 -5.27 -13.83
CA LEU B 27 -10.17 -5.11 -13.46
C LEU B 27 -9.62 -6.33 -12.72
N GLY B 28 -8.55 -6.87 -13.28
CA GLY B 28 -7.95 -8.08 -12.78
C GLY B 28 -6.46 -7.92 -12.63
N ALA B 29 -5.85 -8.84 -11.89
CA ALA B 29 -4.41 -8.92 -11.77
C ALA B 29 -3.95 -10.25 -12.36
N PHE B 30 -2.76 -10.23 -12.95
CA PHE B 30 -2.13 -11.40 -13.49
C PHE B 30 -0.99 -11.73 -12.52
N ILE B 31 -0.78 -12.99 -12.21
CA ILE B 31 0.35 -13.41 -11.41
C ILE B 31 1.17 -14.40 -12.25
N HIS B 32 2.41 -14.03 -12.56
CA HIS B 32 3.37 -14.97 -13.16
C HIS B 32 4.38 -15.38 -12.10
N TRP B 33 4.25 -16.61 -11.63
CA TRP B 33 5.20 -17.18 -10.67
C TRP B 33 5.54 -18.61 -11.06
N GLY B 34 6.82 -18.87 -11.09
CA GLY B 34 7.35 -20.15 -11.52
C GLY B 34 8.83 -20.17 -11.26
N LEU B 35 9.52 -21.17 -11.81
CA LEU B 35 10.94 -21.35 -11.50
C LEU B 35 11.76 -20.20 -12.08
N TYR B 36 11.29 -19.61 -13.18
CA TYR B 36 11.93 -18.40 -13.77
C TYR B 36 12.17 -17.28 -12.72
N ALA B 37 11.40 -17.27 -11.65
CA ALA B 37 11.62 -16.24 -10.61
C ALA B 37 12.95 -16.36 -9.86
N ILE B 38 13.51 -17.57 -9.83
CA ILE B 38 14.76 -17.78 -9.11
C ILE B 38 15.94 -17.12 -9.83
N PRO B 39 16.18 -17.45 -11.09
CA PRO B 39 17.29 -16.73 -11.75
C PRO B 39 17.00 -15.24 -12.03
N GLY B 40 15.71 -14.90 -12.18
CA GLY B 40 15.31 -13.52 -12.38
C GLY B 40 15.91 -12.85 -13.61
N GLY B 41 15.96 -13.57 -14.70
CA GLY B 41 16.52 -13.02 -15.97
C GLY B 41 18.04 -13.20 -16.15
N GLU B 42 18.72 -13.74 -15.14
CA GLU B 42 20.17 -13.91 -15.19
C GLU B 42 20.56 -15.38 -15.18
N TRP B 43 21.44 -15.74 -16.09
CA TRP B 43 21.93 -17.10 -16.15
C TRP B 43 23.42 -17.12 -16.39
N ASN B 44 24.11 -17.83 -15.49
CA ASN B 44 25.55 -18.00 -15.59
C ASN B 44 26.19 -16.65 -15.68
N GLY B 45 25.73 -15.71 -14.87
CA GLY B 45 26.30 -14.38 -14.88
C GLY B 45 25.91 -13.43 -16.01
N LYS B 46 25.34 -13.88 -17.13
CA LYS B 46 24.77 -12.93 -18.11
C LYS B 46 23.28 -12.61 -17.73
N VAL B 47 22.97 -11.33 -17.67
CA VAL B 47 21.63 -10.79 -17.46
C VAL B 47 20.99 -10.56 -18.83
N TYR B 48 19.94 -11.32 -19.15
CA TYR B 48 19.29 -11.18 -20.43
C TYR B 48 18.11 -10.21 -20.35
N GLY B 49 17.92 -9.44 -21.43
CA GLY B 49 16.96 -8.35 -21.48
C GLY B 49 15.57 -8.79 -21.90
N GLY B 50 15.46 -9.92 -22.57
CA GLY B 50 14.16 -10.51 -22.87
C GLY B 50 13.34 -10.87 -21.63
N ALA B 51 12.08 -11.26 -21.87
CA ALA B 51 11.16 -11.64 -20.81
C ALA B 51 11.77 -12.73 -19.91
N ALA B 52 11.91 -12.43 -18.62
CA ALA B 52 12.47 -13.37 -17.66
C ALA B 52 11.84 -14.76 -17.68
N GLU B 53 10.55 -14.85 -17.94
CA GLU B 53 9.89 -16.16 -17.92
C GLU B 53 10.31 -17.04 -19.12
N TRP B 54 11.07 -16.44 -20.04
CA TRP B 54 11.56 -17.10 -21.24
C TRP B 54 13.08 -17.28 -21.17
N LEU B 55 13.66 -17.03 -20.01
CA LEU B 55 15.09 -17.19 -19.86
C LEU B 55 15.60 -18.56 -20.29
N LYS B 56 14.82 -19.64 -20.07
CA LYS B 56 15.24 -20.99 -20.53
C LYS B 56 15.57 -20.95 -22.00
N SER B 57 14.84 -20.12 -22.75
CA SER B 57 15.08 -19.98 -24.18
C SER B 57 16.26 -19.07 -24.46
N TRP B 58 16.30 -17.89 -23.86
CA TRP B 58 17.36 -16.94 -24.18
C TRP B 58 18.75 -17.48 -23.85
N ALA B 59 18.85 -18.22 -22.77
CA ALA B 59 20.13 -18.77 -22.36
C ALA B 59 20.31 -20.22 -22.85
N LYS B 60 19.47 -20.66 -23.79
CA LYS B 60 19.54 -22.02 -24.37
C LYS B 60 19.80 -23.07 -23.26
N VAL B 61 18.95 -23.11 -22.24
CA VAL B 61 19.10 -24.02 -21.10
C VAL B 61 18.26 -25.29 -21.34
N PRO B 62 18.88 -26.47 -21.22
CA PRO B 62 18.13 -27.71 -21.46
C PRO B 62 17.19 -28.02 -20.29
N ALA B 63 16.12 -28.75 -20.57
CA ALA B 63 15.10 -29.06 -19.58
C ALA B 63 15.70 -29.62 -18.27
N ASP B 64 16.44 -30.73 -18.34
CA ASP B 64 17.03 -31.38 -17.16
C ASP B 64 17.62 -30.31 -16.26
N GLU B 65 18.40 -29.41 -16.84
CA GLU B 65 19.13 -28.41 -16.03
C GLU B 65 18.26 -27.26 -15.52
N TRP B 66 17.29 -26.82 -16.32
CA TRP B 66 16.35 -25.78 -15.92
C TRP B 66 15.49 -26.25 -14.73
N LEU B 67 14.91 -27.44 -14.86
CA LEU B 67 14.03 -27.98 -13.83
C LEU B 67 14.74 -28.31 -12.51
N LYS B 68 16.06 -28.44 -12.53
CA LYS B 68 16.87 -28.50 -11.30
C LYS B 68 16.65 -27.29 -10.35
N LEU B 69 16.11 -26.20 -10.89
CA LEU B 69 15.75 -25.04 -10.07
C LEU B 69 14.75 -25.38 -8.95
N MET B 70 13.94 -26.41 -9.19
CA MET B 70 13.05 -26.99 -8.15
C MET B 70 13.72 -27.19 -6.80
N ASP B 71 15.00 -27.57 -6.82
CA ASP B 71 15.73 -27.77 -5.58
C ASP B 71 15.88 -26.50 -4.79
N GLN B 72 15.77 -25.36 -5.46
CA GLN B 72 15.85 -24.09 -4.77
C GLN B 72 14.48 -23.40 -4.54
N TRP B 73 13.41 -24.06 -4.90
CA TRP B 73 12.10 -23.48 -4.75
C TRP B 73 11.71 -23.59 -3.30
N ASN B 74 11.86 -22.48 -2.57
CA ASN B 74 11.47 -22.43 -1.18
C ASN B 74 11.05 -21.01 -0.78
N PRO B 75 9.87 -20.58 -1.22
CA PRO B 75 9.43 -19.21 -0.98
C PRO B 75 8.96 -19.01 0.46
N THR B 76 9.89 -18.70 1.34
CA THR B 76 9.59 -18.67 2.77
C THR B 76 8.72 -17.51 3.17
N LYS B 77 8.81 -16.40 2.41
CA LYS B 77 7.98 -15.24 2.71
C LYS B 77 6.56 -15.37 2.11
N PHE B 78 6.29 -16.42 1.36
CA PHE B 78 4.97 -16.59 0.79
C PHE B 78 3.88 -16.65 1.85
N ASP B 79 2.81 -15.88 1.64
CA ASP B 79 1.67 -15.86 2.55
C ASP B 79 0.44 -15.52 1.73
N ALA B 80 -0.35 -16.52 1.41
CA ALA B 80 -1.45 -16.35 0.49
C ALA B 80 -2.41 -15.24 0.93
N LYS B 81 -2.61 -15.10 2.23
CA LYS B 81 -3.52 -14.13 2.77
C LYS B 81 -2.99 -12.72 2.56
N LYS B 82 -1.66 -12.53 2.61
CA LYS B 82 -1.10 -11.20 2.30
C LYS B 82 -1.33 -10.88 0.81
N TRP B 83 -1.15 -11.88 -0.06
CA TRP B 83 -1.33 -11.70 -1.49
C TRP B 83 -2.76 -11.24 -1.78
N ALA B 84 -3.71 -11.91 -1.16
CA ALA B 84 -5.10 -11.60 -1.34
C ALA B 84 -5.48 -10.21 -0.83
N LYS B 85 -4.91 -9.83 0.30
CA LYS B 85 -5.12 -8.51 0.83
C LYS B 85 -4.59 -7.47 -0.15
N MET B 86 -3.45 -7.73 -0.72
CA MET B 86 -2.84 -6.78 -1.65
C MET B 86 -3.73 -6.58 -2.88
N ALA B 87 -4.23 -7.68 -3.45
CA ALA B 87 -5.18 -7.59 -4.56
C ALA B 87 -6.46 -6.84 -4.21
N LYS B 88 -6.94 -7.02 -2.97
CA LYS B 88 -8.12 -6.36 -2.50
C LYS B 88 -7.87 -4.87 -2.43
N GLU B 89 -6.74 -4.46 -1.85
CA GLU B 89 -6.38 -3.04 -1.73
C GLU B 89 -6.22 -2.40 -3.10
N MET B 90 -5.86 -3.17 -4.10
CA MET B 90 -5.64 -2.67 -5.44
C MET B 90 -6.98 -2.43 -6.17
N GLY B 91 -8.02 -3.15 -5.75
CA GLY B 91 -9.35 -3.00 -6.34
C GLY B 91 -9.61 -4.05 -7.39
N THR B 92 -8.76 -5.06 -7.48
CA THR B 92 -8.95 -6.10 -8.49
C THR B 92 -10.05 -7.01 -8.01
N LYS B 93 -10.89 -7.42 -8.93
CA LYS B 93 -12.00 -8.30 -8.63
C LYS B 93 -11.69 -9.72 -9.04
N TYR B 94 -10.61 -9.90 -9.78
CA TYR B 94 -10.14 -11.23 -10.10
C TYR B 94 -8.66 -11.27 -10.27
N VAL B 95 -8.13 -12.49 -10.19
CA VAL B 95 -6.71 -12.74 -10.38
C VAL B 95 -6.55 -13.97 -11.27
N LYS B 96 -5.65 -13.87 -12.25
CA LYS B 96 -5.36 -14.95 -13.18
C LYS B 96 -4.00 -15.42 -12.77
N ILE B 97 -3.87 -16.71 -12.51
CA ILE B 97 -2.64 -17.27 -11.94
C ILE B 97 -2.06 -18.27 -12.89
N THR B 98 -0.74 -18.23 -13.05
CA THR B 98 -0.04 -19.22 -13.81
C THR B 98 -0.02 -20.55 -13.09
N THR B 99 -0.92 -21.43 -13.46
CA THR B 99 -0.89 -22.79 -12.92
C THR B 99 0.38 -23.54 -13.38
N LYS B 100 0.75 -23.29 -14.63
CA LYS B 100 1.89 -23.88 -15.27
C LYS B 100 2.28 -22.98 -16.44
N HIS B 101 3.53 -22.51 -16.50
CA HIS B 101 3.98 -21.74 -17.67
C HIS B 101 4.69 -22.71 -18.66
N HIS B 102 5.38 -22.18 -19.67
CA HIS B 102 5.98 -23.02 -20.73
C HIS B 102 6.98 -24.01 -20.16
N GLU B 103 7.68 -23.58 -19.12
CA GLU B 103 8.66 -24.43 -18.44
C GLU B 103 8.03 -25.75 -17.96
N GLY B 104 6.74 -25.75 -17.68
CA GLY B 104 6.05 -26.98 -17.29
C GLY B 104 6.00 -27.25 -15.79
N PHE B 105 6.66 -26.42 -14.98
CA PHE B 105 6.58 -26.52 -13.54
C PHE B 105 5.17 -26.14 -13.01
N CYS B 106 4.52 -27.06 -12.30
CA CYS B 106 3.14 -26.88 -11.86
C CYS B 106 3.05 -26.32 -10.45
N LEU B 107 2.20 -25.32 -10.24
CA LEU B 107 2.03 -24.71 -8.89
C LEU B 107 1.06 -25.49 -7.98
N TRP B 108 0.48 -26.57 -8.49
CA TRP B 108 -0.33 -27.49 -7.72
C TRP B 108 0.32 -28.86 -7.82
N PRO B 109 0.01 -29.76 -6.88
CA PRO B 109 0.66 -31.06 -6.88
C PRO B 109 0.09 -32.06 -7.91
N SER B 110 0.35 -31.84 -9.20
CA SER B 110 -0.18 -32.74 -10.20
C SER B 110 0.31 -34.18 -9.95
N LYS B 111 -0.56 -35.13 -10.24
CA LYS B 111 -0.19 -36.54 -10.20
C LYS B 111 0.41 -36.96 -11.57
N TYR B 112 0.40 -36.07 -12.58
CA TYR B 112 0.79 -36.45 -13.93
C TYR B 112 2.17 -36.05 -14.38
N THR B 113 2.95 -35.50 -13.47
CA THR B 113 4.33 -35.17 -13.75
C THR B 113 5.02 -35.03 -12.42
N LYS B 114 6.34 -35.22 -12.44
CA LYS B 114 7.20 -35.00 -11.29
C LYS B 114 7.52 -33.51 -11.08
N TYR B 115 7.21 -32.67 -12.06
CA TYR B 115 7.67 -31.29 -12.03
C TYR B 115 6.61 -30.39 -11.41
N THR B 116 6.47 -30.52 -10.08
CA THR B 116 5.41 -29.86 -9.33
C THR B 116 5.93 -29.38 -7.99
N VAL B 117 5.19 -28.48 -7.39
CA VAL B 117 5.56 -27.90 -6.11
C VAL B 117 5.78 -28.93 -5.01
N ALA B 118 5.12 -30.07 -5.14
CA ALA B 118 5.24 -31.15 -4.16
C ALA B 118 6.67 -31.67 -4.05
N ASN B 119 7.40 -31.67 -5.15
CA ASN B 119 8.77 -32.19 -5.11
C ASN B 119 9.79 -31.09 -4.95
N THR B 120 9.44 -30.08 -4.17
CA THR B 120 10.38 -28.98 -3.88
C THR B 120 10.52 -28.95 -2.39
N PRO B 121 11.54 -28.30 -1.89
CA PRO B 121 11.63 -28.13 -0.44
C PRO B 121 10.36 -27.55 0.21
N TYR B 122 9.66 -26.67 -0.50
CA TYR B 122 8.49 -26.01 0.06
C TYR B 122 7.31 -26.95 0.20
N LYS B 123 7.15 -27.83 -0.78
CA LYS B 123 6.21 -28.96 -0.73
C LYS B 123 4.73 -28.58 -0.88
N ARG B 124 4.35 -27.41 -0.42
CA ARG B 124 2.93 -27.08 -0.27
C ARG B 124 2.23 -26.72 -1.57
N ASP B 125 0.91 -26.92 -1.58
CA ASP B 125 0.08 -26.62 -2.71
C ASP B 125 -0.19 -25.11 -2.83
N ILE B 126 0.75 -24.38 -3.44
CA ILE B 126 0.65 -22.92 -3.61
C ILE B 126 -0.71 -22.54 -4.22
N LEU B 127 -1.06 -23.22 -5.30
CA LEU B 127 -2.22 -22.83 -6.04
C LEU B 127 -3.49 -22.97 -5.18
N GLY B 128 -3.59 -24.07 -4.45
CA GLY B 128 -4.73 -24.28 -3.54
C GLY B 128 -4.80 -23.25 -2.44
N GLU B 129 -3.66 -22.91 -1.87
CA GLU B 129 -3.63 -21.83 -0.88
C GLU B 129 -4.13 -20.50 -1.49
N LEU B 130 -3.68 -20.16 -2.70
CA LEU B 130 -4.08 -18.93 -3.36
C LEU B 130 -5.58 -18.91 -3.62
N VAL B 131 -6.09 -20.00 -4.14
CA VAL B 131 -7.50 -20.08 -4.47
C VAL B 131 -8.37 -19.77 -3.24
N LYS B 132 -8.04 -20.43 -2.13
CA LYS B 132 -8.79 -20.23 -0.89
C LYS B 132 -8.70 -18.79 -0.45
N ALA B 133 -7.49 -18.26 -0.40
CA ALA B 133 -7.28 -16.92 0.15
C ALA B 133 -7.92 -15.79 -0.73
N TYR B 134 -7.86 -15.94 -2.05
CA TYR B 134 -8.50 -14.99 -2.95
C TYR B 134 -10.00 -15.10 -2.82
N ASN B 135 -10.50 -16.32 -2.85
CA ASN B 135 -11.95 -16.52 -2.71
C ASN B 135 -12.45 -15.96 -1.42
N ASP B 136 -11.68 -16.13 -0.35
CA ASP B 136 -12.04 -15.54 0.96
C ASP B 136 -12.17 -14.05 0.95
N GLU B 137 -11.47 -13.37 0.06
CA GLU B 137 -11.63 -11.94 -0.05
C GLU B 137 -12.70 -11.55 -1.05
N GLY B 138 -13.41 -12.52 -1.62
CA GLY B 138 -14.43 -12.25 -2.63
C GLY B 138 -13.86 -12.02 -4.04
N ILE B 139 -12.66 -12.54 -4.30
CA ILE B 139 -11.96 -12.31 -5.54
C ILE B 139 -12.03 -13.57 -6.36
N ASP B 140 -12.51 -13.49 -7.59
CA ASP B 140 -12.57 -14.67 -8.46
C ASP B 140 -11.21 -15.08 -8.90
N VAL B 141 -11.07 -16.35 -9.22
CA VAL B 141 -9.79 -16.90 -9.63
C VAL B 141 -9.91 -17.53 -11.01
N HIS B 142 -8.99 -17.14 -11.89
CA HIS B 142 -8.89 -17.68 -13.22
C HIS B 142 -7.56 -18.37 -13.29
N PHE B 143 -7.50 -19.38 -14.14
CA PHE B 143 -6.28 -20.19 -14.30
C PHE B 143 -5.64 -19.99 -15.64
N TYR B 144 -4.38 -19.51 -15.62
CA TYR B 144 -3.56 -19.45 -16.78
C TYR B 144 -2.96 -20.85 -16.95
N PHE B 145 -2.92 -21.34 -18.19
CA PHE B 145 -2.38 -22.66 -18.50
C PHE B 145 -1.66 -22.66 -19.85
N SER B 146 -0.36 -22.93 -19.85
CA SER B 146 0.37 -23.03 -21.09
C SER B 146 0.28 -24.45 -21.65
N VAL B 147 -0.29 -24.57 -22.84
CA VAL B 147 -0.33 -25.85 -23.52
C VAL B 147 1.07 -26.30 -23.85
N MET B 148 1.78 -25.49 -24.60
CA MET B 148 3.18 -25.75 -24.81
C MET B 148 3.86 -26.05 -23.48
N ASP B 149 4.62 -27.15 -23.44
CA ASP B 149 5.27 -27.63 -22.23
C ASP B 149 6.66 -28.11 -22.57
N TRP B 150 7.65 -27.32 -22.20
CA TRP B 150 9.05 -27.64 -22.47
C TRP B 150 9.59 -28.79 -21.60
N SER B 151 8.80 -29.26 -20.63
CA SER B 151 9.28 -30.27 -19.68
C SER B 151 8.88 -31.68 -20.11
N ASN B 152 7.93 -31.77 -21.04
CA ASN B 152 7.44 -33.03 -21.52
C ASN B 152 7.89 -33.27 -22.95
N PRO B 153 8.71 -34.33 -23.20
CA PRO B 153 9.27 -34.49 -24.54
C PRO B 153 8.31 -35.11 -25.58
N ASP B 154 7.08 -35.43 -25.19
CA ASP B 154 6.05 -35.73 -26.15
C ASP B 154 5.54 -34.47 -26.82
N TYR B 155 5.98 -33.30 -26.36
CA TYR B 155 5.55 -32.07 -27.00
C TYR B 155 6.17 -31.96 -28.40
N ARG B 156 5.35 -31.55 -29.37
CA ARG B 156 5.77 -31.29 -30.74
C ARG B 156 5.34 -29.91 -31.27
N TYR B 157 6.30 -29.20 -31.85
CA TYR B 157 6.07 -27.90 -32.52
C TYR B 157 5.32 -28.06 -33.80
N ASP B 158 5.62 -29.14 -34.52
CA ASP B 158 4.88 -29.49 -35.71
C ASP B 158 4.77 -31.00 -35.87
N ILE B 159 3.76 -31.42 -36.63
CA ILE B 159 3.51 -32.80 -36.96
C ILE B 159 4.08 -33.09 -38.35
N LYS B 160 5.35 -33.49 -38.38
CA LYS B 160 6.04 -33.78 -39.62
C LYS B 160 6.14 -35.31 -39.89
N SER B 161 5.48 -36.16 -39.10
CA SER B 161 5.58 -37.62 -39.23
C SER B 161 4.46 -38.35 -38.48
N LYS B 162 4.46 -39.69 -38.54
CA LYS B 162 3.51 -40.46 -37.74
C LYS B 162 4.08 -40.66 -36.33
N GLU B 163 5.43 -40.68 -36.16
CA GLU B 163 6.06 -40.72 -34.80
C GLU B 163 5.63 -39.45 -34.04
N ASP B 164 5.90 -38.31 -34.66
CA ASP B 164 5.41 -37.02 -34.17
C ASP B 164 3.93 -37.05 -33.77
N SER B 165 3.10 -37.57 -34.64
CA SER B 165 1.66 -37.54 -34.39
C SER B 165 1.26 -38.46 -33.24
N ILE B 166 2.00 -39.55 -33.09
CA ILE B 166 1.77 -40.53 -32.02
C ILE B 166 2.07 -39.85 -30.69
N ALA B 167 3.29 -39.32 -30.61
CA ALA B 167 3.78 -38.63 -29.43
C ALA B 167 2.83 -37.51 -29.01
N PHE B 168 2.40 -36.74 -30.00
CA PHE B 168 1.60 -35.61 -29.70
C PHE B 168 0.23 -36.04 -29.18
N SER B 169 -0.30 -37.13 -29.71
CA SER B 169 -1.63 -37.59 -29.23
C SER B 169 -1.53 -37.92 -27.75
N ARG B 170 -0.39 -38.47 -27.34
CA ARG B 170 -0.10 -38.70 -25.92
C ARG B 170 -0.08 -37.44 -25.11
N PHE B 171 0.72 -36.47 -25.60
CA PHE B 171 0.79 -35.15 -25.03
C PHE B 171 -0.58 -34.50 -24.80
N LEU B 172 -1.48 -34.61 -25.76
CA LEU B 172 -2.85 -34.09 -25.57
C LEU B 172 -3.66 -34.85 -24.50
N GLU B 173 -3.39 -36.14 -24.29
CA GLU B 173 -4.07 -36.91 -23.22
C GLU B 173 -3.56 -36.42 -21.85
N PHE B 174 -2.24 -36.32 -21.73
CA PHE B 174 -1.59 -35.72 -20.56
C PHE B 174 -2.11 -34.32 -20.21
N THR B 175 -2.20 -33.47 -21.21
CA THR B 175 -2.70 -32.14 -21.04
C THR B 175 -4.12 -32.22 -20.53
N ASP B 176 -4.93 -33.04 -21.19
CA ASP B 176 -6.31 -33.25 -20.75
C ASP B 176 -6.36 -33.66 -19.29
N ASN B 177 -5.46 -34.55 -18.87
CA ASN B 177 -5.45 -35.04 -17.48
C ASN B 177 -5.17 -33.91 -16.50
N GLN B 178 -4.18 -33.09 -16.81
CA GLN B 178 -3.90 -31.92 -15.99
C GLN B 178 -5.07 -30.95 -15.88
N LEU B 179 -5.71 -30.67 -16.99
CA LEU B 179 -6.85 -29.81 -16.96
C LEU B 179 -8.00 -30.37 -16.08
N LYS B 180 -8.29 -31.65 -16.25
CA LYS B 180 -9.37 -32.30 -15.47
C LYS B 180 -9.04 -32.17 -14.01
N GLU B 181 -7.80 -32.48 -13.69
CA GLU B 181 -7.29 -32.34 -12.33
C GLU B 181 -7.59 -30.93 -11.78
N LEU B 182 -7.22 -29.89 -12.53
CA LEU B 182 -7.42 -28.51 -12.10
C LEU B 182 -8.87 -28.17 -11.93
N ALA B 183 -9.69 -28.59 -12.88
CA ALA B 183 -11.11 -28.29 -12.80
C ALA B 183 -11.79 -28.95 -11.59
N THR B 184 -11.28 -30.10 -11.14
CA THR B 184 -11.93 -30.87 -10.06
C THR B 184 -11.30 -30.65 -8.71
N ARG B 185 -10.00 -30.45 -8.64
CA ARG B 185 -9.39 -30.00 -7.39
C ARG B 185 -9.82 -28.61 -6.93
N TYR B 186 -10.11 -27.70 -7.87
CA TYR B 186 -10.36 -26.30 -7.52
C TYR B 186 -11.63 -25.83 -8.23
N PRO B 187 -12.80 -26.34 -7.81
CA PRO B 187 -14.02 -26.14 -8.57
C PRO B 187 -14.54 -24.71 -8.55
N THR B 188 -13.94 -23.83 -7.75
CA THR B 188 -14.35 -22.42 -7.81
C THR B 188 -13.75 -21.60 -8.99
N VAL B 189 -12.95 -22.26 -9.82
CA VAL B 189 -12.30 -21.58 -10.90
C VAL B 189 -13.32 -21.02 -11.85
N LYS B 190 -13.15 -19.76 -12.28
CA LYS B 190 -14.09 -19.11 -13.19
C LYS B 190 -13.66 -19.03 -14.65
N ASP B 191 -12.40 -19.33 -14.93
CA ASP B 191 -11.91 -19.14 -16.26
C ASP B 191 -10.63 -19.88 -16.44
N PHE B 192 -10.43 -20.35 -17.65
CA PHE B 192 -9.18 -20.90 -18.06
C PHE B 192 -8.67 -20.06 -19.21
N TRP B 193 -7.46 -19.57 -19.06
CA TRP B 193 -6.85 -18.70 -20.06
C TRP B 193 -5.64 -19.43 -20.62
N PHE B 194 -5.81 -19.93 -21.83
CA PHE B 194 -4.76 -20.72 -22.48
C PHE B 194 -3.75 -19.85 -23.21
N ASP B 195 -2.51 -20.32 -23.15
CA ASP B 195 -1.38 -19.70 -23.83
C ASP B 195 -0.53 -20.84 -24.44
N GLY B 196 0.45 -20.49 -25.24
CA GLY B 196 1.35 -21.49 -25.82
C GLY B 196 0.60 -22.39 -26.76
N THR B 197 -0.37 -21.82 -27.50
CA THR B 197 -1.18 -22.55 -28.44
C THR B 197 -0.92 -22.12 -29.88
N TRP B 198 0.22 -21.51 -30.14
CA TRP B 198 0.47 -20.90 -31.48
C TRP B 198 1.12 -21.85 -32.46
N ASP B 199 1.77 -22.88 -31.96
CA ASP B 199 2.49 -23.81 -32.83
C ASP B 199 1.58 -24.53 -33.82
N ALA B 200 2.17 -24.92 -34.94
CA ALA B 200 1.47 -25.67 -36.00
C ALA B 200 0.87 -26.97 -35.47
N SER B 201 1.58 -27.61 -34.53
CA SER B 201 1.08 -28.78 -33.80
C SER B 201 -0.34 -28.59 -33.35
N VAL B 202 -0.61 -27.44 -32.78
CA VAL B 202 -1.93 -27.15 -32.27
C VAL B 202 -2.87 -26.66 -33.36
N LYS B 203 -2.39 -25.78 -34.23
CA LYS B 203 -3.19 -25.33 -35.39
C LYS B 203 -3.77 -26.56 -36.12
N LYS B 204 -2.94 -27.58 -36.28
CA LYS B 204 -3.35 -28.81 -36.93
C LYS B 204 -4.37 -29.65 -36.16
N ASN B 205 -4.57 -29.35 -34.89
CA ASN B 205 -5.47 -30.16 -34.09
C ASN B 205 -6.62 -29.38 -33.50
N GLY B 206 -7.22 -28.58 -34.34
CA GLY B 206 -8.38 -27.80 -33.93
C GLY B 206 -9.34 -28.58 -33.07
N TRP B 207 -9.65 -29.80 -33.49
CA TRP B 207 -10.67 -30.65 -32.86
C TRP B 207 -10.38 -30.75 -31.35
N TRP B 208 -9.11 -30.86 -31.00
CA TRP B 208 -8.74 -30.95 -29.62
C TRP B 208 -9.09 -29.67 -28.83
N THR B 209 -8.90 -28.52 -29.48
CA THR B 209 -9.14 -27.24 -28.82
C THR B 209 -10.62 -27.12 -28.50
N ALA B 210 -11.46 -27.55 -29.44
CA ALA B 210 -12.91 -27.53 -29.22
C ALA B 210 -13.33 -28.56 -28.17
N HIS B 211 -12.65 -29.70 -28.15
CA HIS B 211 -12.90 -30.74 -27.15
C HIS B 211 -12.57 -30.25 -25.73
N ALA B 212 -11.36 -29.71 -25.57
CA ALA B 212 -10.90 -29.11 -24.31
C ALA B 212 -11.85 -28.06 -23.77
N GLU B 213 -12.39 -27.25 -24.67
CA GLU B 213 -13.39 -26.29 -24.28
C GLU B 213 -14.65 -26.97 -23.72
N GLN B 214 -15.26 -27.86 -24.51
CA GLN B 214 -16.50 -28.55 -24.13
C GLN B 214 -16.24 -29.36 -22.85
N MET B 215 -15.12 -30.05 -22.80
CA MET B 215 -14.71 -30.79 -21.62
C MET B 215 -14.69 -29.96 -20.34
N LEU B 216 -14.15 -28.74 -20.43
CA LEU B 216 -14.01 -27.91 -19.22
C LEU B 216 -15.33 -27.31 -18.84
N LYS B 217 -16.14 -26.99 -19.85
CA LYS B 217 -17.47 -26.48 -19.59
C LYS B 217 -18.39 -27.54 -18.97
N GLU B 218 -18.15 -28.81 -19.29
CA GLU B 218 -18.88 -29.92 -18.63
C GLU B 218 -18.51 -29.94 -17.16
N LEU B 219 -17.22 -29.88 -16.87
CA LEU B 219 -16.75 -29.99 -15.49
C LEU B 219 -17.02 -28.80 -14.64
N VAL B 220 -17.05 -27.61 -15.22
CA VAL B 220 -17.16 -26.41 -14.42
C VAL B 220 -18.28 -25.59 -14.98
N PRO B 221 -19.44 -25.73 -14.39
CA PRO B 221 -20.52 -24.92 -14.93
C PRO B 221 -20.19 -23.44 -15.01
N GLY B 222 -20.39 -22.88 -16.18
CA GLY B 222 -20.36 -21.43 -16.37
C GLY B 222 -18.97 -20.88 -16.66
N VAL B 223 -17.97 -21.76 -16.69
CA VAL B 223 -16.57 -21.38 -16.80
C VAL B 223 -16.35 -20.66 -18.12
N ALA B 224 -15.44 -19.68 -18.13
CA ALA B 224 -15.11 -18.97 -19.35
C ALA B 224 -13.82 -19.52 -19.91
N ILE B 225 -13.73 -19.48 -21.23
CA ILE B 225 -12.60 -20.00 -21.97
C ILE B 225 -12.15 -18.96 -23.00
N ASN B 226 -10.84 -18.68 -23.05
CA ASN B 226 -10.35 -17.61 -23.92
C ASN B 226 -10.21 -18.04 -25.35
N SER B 227 -10.23 -17.08 -26.25
CA SER B 227 -10.14 -17.31 -27.68
C SER B 227 -8.83 -17.94 -28.05
N ARG B 228 -7.79 -17.66 -27.28
CA ARG B 228 -6.44 -18.10 -27.66
C ARG B 228 -6.26 -19.61 -27.70
N LEU B 229 -7.14 -20.31 -27.01
CA LEU B 229 -7.13 -21.77 -27.03
C LEU B 229 -7.37 -22.29 -28.44
N ARG B 230 -8.27 -21.61 -29.12
CA ARG B 230 -9.07 -22.21 -30.15
C ARG B 230 -8.49 -22.05 -31.55
N ALA B 231 -8.57 -23.15 -32.28
CA ALA B 231 -8.27 -23.20 -33.70
C ALA B 231 -9.40 -23.99 -34.32
N ASP B 232 -9.73 -23.66 -35.56
CA ASP B 232 -10.78 -24.40 -36.25
C ASP B 232 -10.22 -25.55 -37.14
N ASP B 233 -11.13 -26.15 -37.90
CA ASP B 233 -10.83 -27.26 -38.80
C ASP B 233 -9.69 -26.90 -39.73
N LYS B 234 -9.74 -25.68 -40.28
CA LYS B 234 -8.72 -25.21 -41.23
C LYS B 234 -7.43 -24.70 -40.54
N GLY B 235 -7.43 -24.56 -39.22
CA GLY B 235 -6.23 -24.06 -38.51
C GLY B 235 -6.18 -22.56 -38.26
N LYS B 236 -7.30 -21.88 -38.48
CA LYS B 236 -7.45 -20.47 -38.14
C LYS B 236 -7.72 -20.30 -36.64
N ARG B 237 -6.90 -19.44 -36.02
CA ARG B 237 -6.90 -19.21 -34.58
C ARG B 237 -7.78 -18.03 -34.16
N HIS B 238 -8.35 -18.10 -32.95
CA HIS B 238 -9.23 -17.04 -32.37
C HIS B 238 -10.58 -16.89 -33.04
N PHE B 239 -10.54 -16.53 -34.32
CA PHE B 239 -11.76 -16.35 -35.09
C PHE B 239 -11.71 -17.44 -36.12
N ASP B 240 -12.83 -18.12 -36.32
CA ASP B 240 -12.81 -19.26 -37.26
C ASP B 240 -12.78 -18.74 -38.69
N SER B 241 -12.79 -19.67 -39.65
CA SER B 241 -12.69 -19.33 -41.07
C SER B 241 -13.91 -18.57 -41.61
N ASN B 242 -15.04 -18.56 -40.89
CA ASN B 242 -16.15 -17.66 -41.21
C ASN B 242 -16.07 -16.36 -40.43
N GLY B 243 -14.91 -16.09 -39.83
CA GLY B 243 -14.71 -14.92 -39.00
C GLY B 243 -15.60 -14.84 -37.79
N ARG B 244 -16.02 -15.97 -37.25
CA ARG B 244 -16.84 -15.97 -36.06
C ARG B 244 -15.89 -16.25 -34.86
N LEU B 245 -16.09 -15.53 -33.76
CA LEU B 245 -15.22 -15.64 -32.55
C LEU B 245 -15.35 -17.00 -31.86
N MET B 246 -14.24 -17.71 -31.67
CA MET B 246 -14.24 -18.94 -30.87
C MET B 246 -13.91 -18.66 -29.39
N GLY B 247 -14.38 -19.55 -28.51
CA GLY B 247 -14.25 -19.35 -27.07
C GLY B 247 -15.19 -18.26 -26.62
N ASP B 248 -15.09 -17.87 -25.36
CA ASP B 248 -16.08 -16.94 -24.83
C ASP B 248 -15.70 -15.46 -24.90
N TYR B 249 -14.43 -15.16 -25.14
CA TYR B 249 -13.94 -13.79 -25.17
C TYR B 249 -12.64 -13.73 -25.91
N GLU B 250 -12.43 -12.61 -26.57
CA GLU B 250 -11.22 -12.38 -27.35
C GLU B 250 -10.08 -12.05 -26.37
N SER B 251 -8.90 -12.63 -26.62
CA SER B 251 -7.76 -12.47 -25.75
C SER B 251 -6.45 -12.08 -26.42
N GLY B 252 -6.51 -11.33 -27.51
CA GLY B 252 -5.29 -11.02 -28.26
C GLY B 252 -4.58 -9.74 -27.84
N TYR B 253 -5.22 -8.89 -27.06
CA TYR B 253 -4.68 -7.58 -26.80
C TYR B 253 -3.74 -7.68 -25.60
N GLU B 254 -2.53 -8.13 -25.91
CA GLU B 254 -1.47 -8.39 -24.98
C GLU B 254 -0.44 -7.28 -25.19
N ARG B 255 -0.33 -6.41 -24.19
CA ARG B 255 0.55 -5.25 -24.21
C ARG B 255 0.23 -4.30 -25.36
N ARG B 256 -1.01 -4.31 -25.79
CA ARG B 256 -1.55 -3.29 -26.69
C ARG B 256 -3.06 -3.26 -26.59
N LEU B 257 -3.64 -2.18 -27.11
CA LEU B 257 -5.07 -1.92 -27.02
C LEU B 257 -5.68 -1.49 -28.33
N PRO B 258 -6.97 -1.74 -28.54
CA PRO B 258 -7.55 -1.30 -29.80
C PRO B 258 -7.72 0.20 -29.87
N ASP B 259 -7.74 0.71 -31.08
CA ASP B 259 -7.77 2.15 -31.27
C ASP B 259 -9.17 2.63 -31.03
N PRO B 260 -9.34 3.71 -30.22
CA PRO B 260 -10.67 4.15 -29.79
C PRO B 260 -11.54 4.70 -30.91
N VAL B 261 -10.94 5.01 -32.03
CA VAL B 261 -11.67 5.58 -33.17
C VAL B 261 -11.86 4.51 -34.26
N LYS B 262 -10.85 3.69 -34.49
CA LYS B 262 -10.85 2.78 -35.62
C LYS B 262 -11.20 1.33 -35.36
N ASP B 263 -11.19 0.89 -34.11
CA ASP B 263 -11.37 -0.52 -33.79
C ASP B 263 -12.62 -0.68 -32.93
N LEU B 264 -13.67 0.08 -33.24
CA LEU B 264 -14.93 -0.07 -32.54
C LEU B 264 -15.61 -1.44 -32.73
N LYS B 265 -15.15 -2.21 -33.68
CA LYS B 265 -15.62 -3.56 -33.85
C LYS B 265 -15.53 -4.42 -32.57
N VAL B 266 -14.58 -4.15 -31.69
CA VAL B 266 -14.37 -5.00 -30.52
C VAL B 266 -15.51 -4.86 -29.53
N THR B 267 -16.33 -3.82 -29.67
CA THR B 267 -17.43 -3.65 -28.74
C THR B 267 -18.50 -4.71 -28.96
N GLN B 268 -18.39 -5.48 -30.05
CA GLN B 268 -19.41 -6.48 -30.40
C GLN B 268 -19.20 -7.79 -29.70
N TRP B 269 -18.04 -7.97 -29.08
CA TRP B 269 -17.79 -9.20 -28.36
C TRP B 269 -17.10 -8.88 -27.06
N ASP B 270 -17.15 -9.84 -26.15
CA ASP B 270 -16.43 -9.71 -24.90
C ASP B 270 -14.96 -9.90 -25.21
N TRP B 271 -14.12 -9.15 -24.49
CA TRP B 271 -12.67 -9.27 -24.65
C TRP B 271 -11.96 -8.82 -23.40
N GLU B 272 -10.72 -9.29 -23.28
CA GLU B 272 -9.89 -8.96 -22.14
C GLU B 272 -8.46 -8.68 -22.63
N ALA B 273 -7.92 -7.57 -22.14
CA ALA B 273 -6.54 -7.20 -22.43
C ALA B 273 -5.69 -7.51 -21.21
N CYS B 274 -4.42 -7.78 -21.43
CA CYS B 274 -3.48 -7.88 -20.33
C CYS B 274 -2.23 -7.04 -20.64
N MET B 275 -1.50 -6.66 -19.60
CA MET B 275 -0.40 -5.74 -19.76
C MET B 275 0.63 -5.96 -18.67
N THR B 276 1.84 -5.51 -18.95
CA THR B 276 2.93 -5.54 -18.03
C THR B 276 3.28 -4.13 -17.61
N ILE B 277 3.95 -4.01 -16.48
CA ILE B 277 4.42 -2.74 -15.98
C ILE B 277 5.69 -2.27 -16.72
N PRO B 278 6.74 -3.12 -16.78
CA PRO B 278 7.82 -2.79 -17.73
C PRO B 278 7.37 -3.09 -19.14
N GLU B 279 8.25 -2.90 -20.10
CA GLU B 279 7.87 -3.07 -21.46
C GLU B 279 7.44 -4.52 -21.84
N ASN B 280 8.21 -5.51 -21.37
CA ASN B 280 7.89 -6.92 -21.60
C ASN B 280 8.58 -7.85 -20.61
N GLN B 281 8.04 -7.90 -19.42
CA GLN B 281 8.49 -8.80 -18.36
C GLN B 281 7.23 -9.28 -17.65
N TRP B 282 6.97 -10.56 -17.67
CA TRP B 282 5.82 -11.08 -16.92
C TRP B 282 6.29 -11.74 -15.65
N GLY B 283 7.25 -12.63 -15.80
CA GLY B 283 7.91 -13.21 -14.64
C GLY B 283 8.87 -12.22 -14.03
N TYR B 284 9.26 -12.48 -12.82
CA TYR B 284 10.18 -11.62 -12.11
C TYR B 284 11.52 -11.48 -12.79
N HIS B 285 11.90 -10.23 -13.06
CA HIS B 285 13.19 -9.88 -13.60
C HIS B 285 13.88 -8.96 -12.65
N LYS B 286 15.14 -9.25 -12.37
CA LYS B 286 15.83 -8.59 -11.27
C LYS B 286 16.24 -7.16 -11.59
N ASP B 287 16.31 -6.82 -12.88
CA ASP B 287 16.72 -5.49 -13.28
C ASP B 287 15.72 -4.74 -14.18
N TRP B 288 14.87 -3.95 -13.54
CA TRP B 288 13.82 -3.21 -14.27
C TRP B 288 14.33 -1.98 -14.99
N SER B 289 15.58 -1.59 -14.73
CA SER B 289 16.15 -0.41 -15.39
C SER B 289 16.38 -0.63 -16.88
N LEU B 290 16.23 -1.86 -17.36
CA LEU B 290 16.60 -2.18 -18.77
C LEU B 290 15.57 -1.79 -19.82
N SER B 291 14.36 -1.42 -19.40
CA SER B 291 13.32 -0.99 -20.35
C SER B 291 12.48 0.04 -19.63
N TYR B 292 11.59 0.69 -20.36
CA TYR B 292 10.69 1.68 -19.76
C TYR B 292 9.71 0.99 -18.79
N VAL B 293 9.60 1.56 -17.59
CA VAL B 293 8.66 1.13 -16.55
C VAL B 293 7.46 2.11 -16.46
N LYS B 294 6.23 1.62 -16.65
CA LYS B 294 5.05 2.50 -16.68
C LYS B 294 4.75 3.07 -15.32
N THR B 295 4.27 4.30 -15.28
CA THR B 295 3.82 4.94 -14.00
C THR B 295 2.37 4.57 -13.75
N PRO B 296 1.89 4.86 -12.55
CA PRO B 296 0.54 4.43 -12.22
C PRO B 296 -0.54 5.08 -13.12
N ILE B 297 -0.37 6.35 -13.44
CA ILE B 297 -1.34 7.00 -14.34
C ILE B 297 -1.34 6.38 -15.70
N GLU B 298 -0.17 5.94 -16.18
CA GLU B 298 -0.11 5.28 -17.49
C GLU B 298 -0.82 3.95 -17.47
N VAL B 299 -0.80 3.28 -16.32
CA VAL B 299 -1.53 2.02 -16.15
C VAL B 299 -3.06 2.26 -16.05
N ILE B 300 -3.43 3.23 -15.23
CA ILE B 300 -4.83 3.62 -15.07
C ILE B 300 -5.47 4.05 -16.41
N ASP B 301 -4.71 4.77 -17.22
CA ASP B 301 -5.14 5.13 -18.55
C ASP B 301 -5.54 3.95 -19.39
N ARG B 302 -4.73 2.90 -19.29
CA ARG B 302 -4.95 1.73 -20.11
C ARG B 302 -6.14 0.93 -19.59
N ILE B 303 -6.28 0.90 -18.29
CA ILE B 303 -7.46 0.22 -17.69
C ILE B 303 -8.76 0.86 -18.20
N VAL B 304 -8.82 2.18 -18.05
CA VAL B 304 -10.02 2.91 -18.47
C VAL B 304 -10.26 2.81 -20.01
N HIS B 305 -9.17 2.91 -20.77
CA HIS B 305 -9.22 2.70 -22.21
C HIS B 305 -9.92 1.38 -22.47
N ALA B 306 -9.50 0.31 -21.82
CA ALA B 306 -10.14 -0.99 -22.07
C ALA B 306 -11.65 -0.98 -21.76
N VAL B 307 -12.02 -0.49 -20.59
CA VAL B 307 -13.40 -0.52 -20.20
C VAL B 307 -14.21 0.33 -21.17
N SER B 308 -13.64 1.47 -21.59
CA SER B 308 -14.32 2.41 -22.46
C SER B 308 -14.60 1.76 -23.76
N MET B 309 -13.92 0.68 -24.07
CA MET B 309 -14.25 -0.06 -25.28
C MET B 309 -14.88 -1.42 -25.05
N GLY B 310 -15.47 -1.60 -23.88
CA GLY B 310 -16.13 -2.85 -23.56
C GLY B 310 -15.26 -4.02 -23.25
N GLY B 311 -14.09 -3.80 -22.67
CA GLY B 311 -13.16 -4.90 -22.40
C GLY B 311 -12.65 -4.86 -20.97
N ASN B 312 -12.14 -6.00 -20.51
CA ASN B 312 -11.48 -6.07 -19.20
C ASN B 312 -9.98 -5.75 -19.37
N MET B 313 -9.32 -5.35 -18.28
CA MET B 313 -7.86 -5.22 -18.25
C MET B 313 -7.29 -5.95 -17.08
N VAL B 314 -6.21 -6.66 -17.34
CA VAL B 314 -5.52 -7.42 -16.34
C VAL B 314 -4.08 -6.91 -16.27
N VAL B 315 -3.71 -6.42 -15.09
CA VAL B 315 -2.37 -5.92 -14.84
C VAL B 315 -1.48 -6.99 -14.21
N ASN B 316 -0.30 -7.20 -14.80
CA ASN B 316 0.59 -8.29 -14.36
C ASN B 316 1.54 -7.96 -13.23
N PHE B 317 1.76 -8.97 -12.37
CA PHE B 317 2.75 -8.97 -11.29
C PHE B 317 3.60 -10.22 -11.37
N GLY B 318 4.89 -10.07 -11.10
CA GLY B 318 5.83 -11.19 -11.14
C GLY B 318 6.49 -11.30 -9.80
N PRO B 319 5.88 -12.07 -8.88
CA PRO B 319 6.40 -12.19 -7.54
C PRO B 319 7.84 -12.65 -7.48
N GLN B 320 8.53 -12.24 -6.42
CA GLN B 320 9.90 -12.71 -6.18
C GLN B 320 9.94 -14.20 -5.84
N ALA B 321 11.14 -14.75 -5.92
CA ALA B 321 11.40 -16.14 -5.58
C ALA B 321 11.03 -16.40 -4.15
N ASP B 322 11.25 -15.40 -3.31
CA ASP B 322 11.02 -15.62 -1.87
C ASP B 322 9.53 -15.59 -1.48
N GLY B 323 8.67 -15.25 -2.44
CA GLY B 323 7.24 -15.24 -2.17
C GLY B 323 6.66 -13.87 -1.81
N ASP B 324 7.50 -12.84 -1.82
CA ASP B 324 7.07 -11.47 -1.64
C ASP B 324 7.05 -10.69 -3.00
N PHE B 325 6.44 -9.53 -2.99
CA PHE B 325 6.43 -8.64 -4.16
C PHE B 325 7.42 -7.53 -3.98
N ARG B 326 8.07 -7.18 -5.08
CA ARG B 326 9.05 -6.12 -5.13
C ARG B 326 8.38 -4.77 -4.86
N PRO B 327 9.17 -3.76 -4.49
CA PRO B 327 8.60 -2.50 -4.01
C PRO B 327 7.82 -1.75 -5.08
N GLU B 328 8.34 -1.80 -6.31
CA GLU B 328 7.71 -1.12 -7.43
C GLU B 328 6.30 -1.64 -7.59
N GLU B 329 6.10 -2.94 -7.42
CA GLU B 329 4.78 -3.54 -7.61
C GLU B 329 3.86 -3.21 -6.46
N LYS B 330 4.39 -3.21 -5.25
CA LYS B 330 3.62 -2.79 -4.09
C LYS B 330 3.13 -1.34 -4.24
N ALA B 331 4.01 -0.46 -4.69
CA ALA B 331 3.62 0.94 -4.90
C ALA B 331 2.54 1.08 -5.96
N MET B 332 2.70 0.32 -7.04
CA MET B 332 1.77 0.31 -8.14
C MET B 332 0.39 -0.14 -7.66
N ALA B 333 0.34 -1.21 -6.89
CA ALA B 333 -0.93 -1.75 -6.45
C ALA B 333 -1.65 -0.73 -5.57
N THR B 334 -0.92 -0.17 -4.63
CA THR B 334 -1.46 0.86 -3.76
C THR B 334 -1.95 2.08 -4.55
N ALA B 335 -1.16 2.55 -5.50
CA ALA B 335 -1.58 3.71 -6.29
C ALA B 335 -2.87 3.43 -7.06
N ILE B 336 -2.93 2.31 -7.72
CA ILE B 336 -4.14 1.95 -8.48
C ILE B 336 -5.32 1.83 -7.52
N GLY B 337 -5.11 1.18 -6.40
CA GLY B 337 -6.14 1.03 -5.36
C GLY B 337 -6.73 2.37 -4.89
N LYS B 338 -5.90 3.34 -4.58
CA LYS B 338 -6.36 4.65 -4.11
C LYS B 338 -7.20 5.34 -5.20
N TRP B 339 -6.81 5.22 -6.46
CA TRP B 339 -7.56 5.81 -7.53
C TRP B 339 -8.88 5.08 -7.76
N MET B 340 -8.84 3.76 -7.78
CA MET B 340 -10.07 2.97 -7.95
C MET B 340 -11.05 3.17 -6.82
N ASN B 341 -10.54 3.39 -5.64
CA ASN B 341 -11.41 3.56 -4.51
C ASN B 341 -12.16 4.87 -4.69
N ARG B 342 -11.49 5.86 -5.26
CA ARG B 342 -12.08 7.13 -5.50
C ARG B 342 -12.95 7.15 -6.77
N TYR B 343 -12.53 6.49 -7.83
CA TYR B 343 -13.18 6.67 -9.16
C TYR B 343 -13.73 5.40 -9.79
N GLY B 344 -13.65 4.31 -9.05
CA GLY B 344 -14.15 3.03 -9.52
C GLY B 344 -15.59 2.86 -9.96
N LYS B 345 -16.47 3.78 -9.57
CA LYS B 345 -17.86 3.72 -10.09
C LYS B 345 -17.84 3.84 -11.63
N ALA B 346 -16.79 4.46 -12.18
CA ALA B 346 -16.64 4.58 -13.65
C ALA B 346 -15.97 3.41 -14.34
N VAL B 347 -15.57 2.42 -13.55
CA VAL B 347 -14.87 1.27 -14.10
C VAL B 347 -15.66 0.00 -13.90
N TYR B 348 -15.91 -0.36 -12.65
CA TYR B 348 -16.62 -1.61 -12.35
C TYR B 348 -18.00 -1.64 -12.97
N ALA B 349 -18.33 -2.72 -13.63
CA ALA B 349 -19.63 -2.91 -14.26
C ALA B 349 -19.91 -1.90 -15.36
N CYS B 350 -18.88 -1.22 -15.88
CA CYS B 350 -19.10 -0.23 -16.91
C CYS B 350 -18.80 -0.81 -18.29
N ASP B 351 -19.19 -0.06 -19.34
CA ASP B 351 -19.10 -0.57 -20.72
C ASP B 351 -18.96 0.60 -21.69
N TYR B 352 -18.83 0.26 -22.96
CA TYR B 352 -18.77 1.20 -24.07
C TYR B 352 -19.98 2.12 -24.09
N ALA B 353 -19.75 3.42 -24.17
CA ALA B 353 -20.85 4.39 -24.07
C ALA B 353 -21.49 4.80 -25.40
N GLY B 354 -20.97 4.39 -26.53
CA GLY B 354 -21.50 4.86 -27.82
C GLY B 354 -21.28 6.34 -28.20
N PHE B 355 -20.44 7.09 -27.50
CA PHE B 355 -20.16 8.48 -27.86
C PHE B 355 -18.88 8.57 -28.68
N GLU B 356 -18.73 9.62 -29.46
CA GLU B 356 -17.49 9.82 -30.19
C GLU B 356 -16.36 10.20 -29.24
N LYS B 357 -15.20 9.58 -29.42
CA LYS B 357 -14.00 9.81 -28.61
C LYS B 357 -13.56 11.27 -28.66
N GLN B 358 -13.26 11.85 -27.51
CA GLN B 358 -12.73 13.18 -27.43
C GLN B 358 -11.34 13.14 -26.78
N ASP B 359 -10.59 14.23 -26.91
CA ASP B 359 -9.17 14.25 -26.57
C ASP B 359 -8.89 14.30 -25.08
N TRP B 360 -9.87 14.69 -24.29
CA TRP B 360 -9.69 14.82 -22.84
C TRP B 360 -9.59 13.46 -22.12
N GLY B 361 -10.07 12.39 -22.73
CA GLY B 361 -10.08 11.10 -22.08
C GLY B 361 -11.11 10.15 -22.64
N TYR B 362 -11.78 9.41 -21.77
CA TYR B 362 -12.69 8.35 -22.17
C TYR B 362 -14.04 8.47 -21.55
N TYR B 363 -15.04 7.98 -22.25
CA TYR B 363 -16.34 7.80 -21.69
C TYR B 363 -16.51 6.36 -21.25
N THR B 364 -17.23 6.15 -20.14
CA THR B 364 -17.77 4.80 -19.85
C THR B 364 -19.26 4.88 -19.50
N ARG B 365 -20.01 3.80 -19.77
CA ARG B 365 -21.46 3.74 -19.53
C ARG B 365 -21.74 2.79 -18.36
N GLY B 366 -22.41 3.31 -17.34
CA GLY B 366 -22.87 2.53 -16.18
C GLY B 366 -24.02 1.57 -16.51
N LYS B 367 -24.33 0.65 -15.59
CA LYS B 367 -25.40 -0.32 -15.82
C LYS B 367 -26.78 0.38 -15.91
N ASN B 368 -26.93 1.59 -15.37
CA ASN B 368 -28.19 2.39 -15.49
C ASN B 368 -28.08 3.64 -16.35
N ASP B 369 -27.38 3.52 -17.46
CA ASP B 369 -27.16 4.64 -18.38
C ASP B 369 -26.49 5.89 -17.81
N GLU B 370 -25.78 5.77 -16.69
CA GLU B 370 -24.90 6.83 -16.30
C GLU B 370 -23.82 6.90 -17.38
N VAL B 371 -23.39 8.11 -17.72
CA VAL B 371 -22.28 8.27 -18.63
C VAL B 371 -21.19 8.99 -17.88
N TYR B 372 -20.03 8.33 -17.73
CA TYR B 372 -18.91 8.94 -17.03
C TYR B 372 -17.87 9.49 -18.01
N MET B 373 -17.37 10.66 -17.70
CA MET B 373 -16.28 11.28 -18.44
C MET B 373 -15.05 11.10 -17.59
N VAL B 374 -14.07 10.32 -18.07
CA VAL B 374 -12.85 10.13 -17.33
C VAL B 374 -11.75 10.97 -18.02
N VAL B 375 -11.33 12.01 -17.32
CA VAL B 375 -10.48 13.05 -17.85
C VAL B 375 -9.00 12.86 -17.50
N PHE B 376 -8.20 12.60 -18.53
CA PHE B 376 -6.74 12.37 -18.40
C PHE B 376 -5.94 13.55 -18.94
N ASN B 377 -6.52 14.32 -19.87
CA ASN B 377 -5.85 15.48 -20.47
C ASN B 377 -6.67 16.75 -20.31
N GLN B 378 -6.20 17.65 -19.47
CA GLN B 378 -6.94 18.81 -19.05
C GLN B 378 -6.80 19.92 -20.06
N PRO B 379 -7.91 20.34 -20.64
CA PRO B 379 -7.82 21.38 -21.67
C PRO B 379 -7.57 22.76 -21.11
N TYR B 380 -6.66 23.51 -21.71
CA TYR B 380 -6.47 24.90 -21.31
C TYR B 380 -7.71 25.75 -21.57
N SER B 381 -8.52 25.36 -22.54
CA SER B 381 -9.78 26.03 -22.79
C SER B 381 -10.75 25.95 -21.63
N GLU B 382 -10.52 25.03 -20.70
CA GLU B 382 -11.37 24.82 -19.53
C GLU B 382 -12.69 24.29 -19.91
N ARG B 383 -12.78 23.76 -21.11
CA ARG B 383 -14.00 23.23 -21.63
C ARG B 383 -13.75 21.85 -22.20
N LEU B 384 -14.58 20.90 -21.79
CA LEU B 384 -14.45 19.54 -22.21
C LEU B 384 -15.54 19.29 -23.21
N ILE B 385 -15.18 18.93 -24.44
CA ILE B 385 -16.15 18.85 -25.51
C ILE B 385 -16.92 17.56 -25.39
N VAL B 386 -18.24 17.66 -25.47
CA VAL B 386 -19.07 16.50 -25.52
C VAL B 386 -20.01 16.55 -26.69
N LYS B 387 -19.84 15.58 -27.58
CA LYS B 387 -20.67 15.43 -28.72
C LYS B 387 -21.54 14.17 -28.56
N THR B 388 -22.86 14.34 -28.62
CA THR B 388 -23.81 13.30 -28.28
C THR B 388 -24.31 12.59 -29.52
N PRO B 389 -24.70 11.33 -29.39
CA PRO B 389 -25.35 10.65 -30.52
C PRO B 389 -26.72 11.25 -30.80
N LYS B 390 -27.27 10.98 -31.98
CA LYS B 390 -28.63 11.39 -32.38
C LYS B 390 -29.61 11.16 -31.26
N GLY B 391 -30.39 12.16 -30.91
CA GLY B 391 -31.42 12.01 -29.92
C GLY B 391 -31.04 12.10 -28.44
N ILE B 392 -29.76 12.28 -28.15
CA ILE B 392 -29.31 12.28 -26.77
C ILE B 392 -29.01 13.68 -26.32
N THR B 393 -29.46 14.04 -25.12
CA THR B 393 -29.11 15.29 -24.53
C THR B 393 -28.48 15.07 -23.17
N VAL B 394 -27.93 16.13 -22.64
CA VAL B 394 -27.21 16.08 -21.41
C VAL B 394 -27.97 16.98 -20.50
N GLU B 395 -28.57 16.41 -19.47
CA GLU B 395 -29.43 17.16 -18.55
C GLU B 395 -28.57 17.71 -17.43
N LYS B 396 -27.50 17.00 -17.06
CA LYS B 396 -26.72 17.41 -15.88
C LYS B 396 -25.31 16.81 -15.90
N ALA B 397 -24.39 17.51 -15.25
CA ALA B 397 -23.06 17.05 -15.01
C ALA B 397 -22.71 17.27 -13.57
N THR B 398 -22.01 16.28 -13.00
CA THR B 398 -21.64 16.30 -11.58
C THR B 398 -20.22 15.72 -11.37
N LEU B 399 -19.41 16.40 -10.59
CA LEU B 399 -18.13 15.88 -10.19
C LEU B 399 -18.32 14.67 -9.22
N LEU B 400 -17.89 13.50 -9.66
CA LEU B 400 -18.12 12.26 -8.96
C LEU B 400 -17.68 12.25 -7.53
N THR B 401 -16.54 12.86 -7.23
CA THR B 401 -16.05 12.82 -5.87
C THR B 401 -16.82 13.73 -4.90
N THR B 402 -17.18 14.93 -5.33
CA THR B 402 -17.81 15.91 -4.44
C THR B 402 -19.33 16.06 -4.63
N GLY B 403 -19.87 15.56 -5.70
CA GLY B 403 -21.26 15.89 -6.05
C GLY B 403 -21.49 17.34 -6.53
N GLU B 404 -20.46 18.17 -6.58
CA GLU B 404 -20.66 19.55 -7.06
C GLU B 404 -21.18 19.57 -8.49
N ASP B 405 -22.09 20.47 -8.74
CA ASP B 405 -22.70 20.60 -10.04
C ASP B 405 -21.70 21.24 -10.97
N ILE B 406 -21.75 20.84 -12.23
CA ILE B 406 -20.80 21.31 -13.24
C ILE B 406 -21.57 21.90 -14.39
N THR B 407 -21.18 23.09 -14.80
CA THR B 407 -21.86 23.78 -15.85
C THR B 407 -21.75 23.04 -17.17
N VAL B 408 -22.89 22.91 -17.84
CA VAL B 408 -22.98 22.37 -19.18
C VAL B 408 -23.58 23.43 -20.13
N VAL B 409 -22.85 23.81 -21.17
CA VAL B 409 -23.29 24.80 -22.11
C VAL B 409 -23.51 24.15 -23.45
N GLU B 410 -24.68 24.29 -24.04
CA GLU B 410 -24.87 23.82 -25.39
C GLU B 410 -24.11 24.72 -26.34
N THR B 411 -23.44 24.15 -27.34
CA THR B 411 -22.70 24.99 -28.30
C THR B 411 -23.34 24.85 -29.66
N THR B 412 -23.83 23.67 -29.96
CA THR B 412 -24.49 23.48 -31.22
C THR B 412 -25.46 22.32 -31.03
N ARG B 413 -26.23 21.99 -32.06
CA ARG B 413 -27.07 20.80 -32.01
C ARG B 413 -26.13 19.61 -31.76
N ASN B 414 -26.39 18.86 -30.72
CA ASN B 414 -25.62 17.66 -30.39
C ASN B 414 -24.22 17.88 -29.82
N GLU B 415 -23.94 19.05 -29.27
CA GLU B 415 -22.64 19.29 -28.75
C GLU B 415 -22.64 20.26 -27.59
N TYR B 416 -21.83 19.97 -26.59
CA TYR B 416 -21.74 20.80 -25.40
C TYR B 416 -20.29 21.01 -24.97
N ASN B 417 -20.10 22.09 -24.23
CA ASN B 417 -18.96 22.35 -23.44
C ASN B 417 -19.30 22.09 -21.97
N VAL B 418 -18.65 21.09 -21.40
CA VAL B 418 -18.77 20.79 -20.00
C VAL B 418 -17.58 21.45 -19.36
N SER B 419 -17.81 22.30 -18.38
CA SER B 419 -16.73 23.00 -17.74
C SER B 419 -15.89 22.05 -16.90
N VAL B 420 -14.60 22.36 -16.80
CA VAL B 420 -13.74 21.71 -15.84
C VAL B 420 -14.15 22.17 -14.44
N PRO B 421 -13.77 21.42 -13.40
CA PRO B 421 -14.13 21.77 -12.05
C PRO B 421 -13.49 23.07 -11.72
N LYS B 422 -14.09 23.81 -10.79
CA LYS B 422 -13.54 25.10 -10.42
C LYS B 422 -12.15 24.90 -9.82
N LYS B 423 -11.95 23.88 -8.97
CA LYS B 423 -10.61 23.55 -8.48
C LYS B 423 -10.08 22.39 -9.29
N ASN B 424 -8.91 22.55 -9.89
CA ASN B 424 -8.31 21.43 -10.64
C ASN B 424 -8.07 20.21 -9.75
N PRO B 425 -8.66 19.04 -10.06
CA PRO B 425 -8.46 17.91 -9.17
C PRO B 425 -7.03 17.40 -9.08
N GLY B 426 -6.17 17.76 -10.03
CA GLY B 426 -4.72 17.42 -9.95
C GLY B 426 -4.40 15.95 -10.24
N GLU B 427 -5.36 15.22 -10.79
CA GLU B 427 -5.19 13.82 -11.12
C GLU B 427 -6.31 13.49 -12.09
N PRO B 428 -6.19 12.38 -12.82
CA PRO B 428 -7.32 12.03 -13.66
C PRO B 428 -8.59 11.88 -12.84
N TYR B 429 -9.69 12.42 -13.35
CA TYR B 429 -10.91 12.57 -12.56
C TYR B 429 -12.11 12.26 -13.34
N VAL B 430 -13.25 12.20 -12.67
CA VAL B 430 -14.46 11.74 -13.33
C VAL B 430 -15.60 12.75 -13.17
N ILE B 431 -16.29 12.99 -14.28
CA ILE B 431 -17.50 13.80 -14.27
C ILE B 431 -18.61 12.88 -14.71
N GLN B 432 -19.68 12.85 -13.93
CA GLN B 432 -20.78 11.96 -14.26
C GLN B 432 -21.87 12.82 -14.91
N LEU B 433 -22.39 12.31 -16.01
CA LEU B 433 -23.42 12.95 -16.77
C LEU B 433 -24.73 12.22 -16.60
N LYS B 434 -25.80 12.99 -16.42
CA LYS B 434 -27.15 12.48 -16.58
C LYS B 434 -27.55 12.85 -17.99
N VAL B 435 -27.87 11.85 -18.79
CA VAL B 435 -28.30 12.05 -20.15
C VAL B 435 -29.75 11.60 -20.31
N ARG B 436 -30.45 12.11 -21.32
CA ARG B 436 -31.85 11.73 -21.60
C ARG B 436 -31.90 11.43 -23.10
N ALA B 437 -32.54 10.32 -23.48
CA ALA B 437 -32.83 10.03 -24.91
C ALA B 437 -34.20 10.63 -25.32
N ALA B 438 -34.50 10.66 -26.62
CA ALA B 438 -35.77 11.22 -27.11
C ALA B 438 -36.82 10.12 -27.42
N LYS B 439 -38.09 10.39 -27.11
CA LYS B 439 -39.17 9.39 -27.13
C LYS B 439 -39.55 8.89 -28.53
N GLU C 1 35.99 64.88 8.10
CA GLU C 1 36.21 63.40 8.04
C GLU C 1 36.11 62.71 9.42
N ILE C 2 35.12 61.84 9.62
CA ILE C 2 34.76 61.25 10.94
C ILE C 2 34.81 59.69 10.96
N PRO C 3 34.98 59.07 12.14
CA PRO C 3 34.91 57.60 12.25
C PRO C 3 33.58 57.13 12.83
N LEU C 4 33.08 56.00 12.33
CA LEU C 4 31.75 55.51 12.73
C LEU C 4 31.68 53.98 12.77
N LYS C 5 31.03 53.46 13.81
CA LYS C 5 30.72 52.01 13.88
C LYS C 5 29.48 51.66 13.03
N TYR C 6 28.52 52.58 12.94
CA TYR C 6 27.21 52.29 12.32
C TYR C 6 26.89 53.20 11.13
N GLY C 7 27.90 53.50 10.33
CA GLY C 7 27.74 54.32 9.14
C GLY C 7 27.53 53.45 7.93
N ALA C 8 27.87 53.98 6.76
CA ALA C 8 27.61 53.30 5.50
C ALA C 8 28.48 52.08 5.31
N THR C 9 28.00 51.15 4.50
CA THR C 9 28.73 49.92 4.24
C THR C 9 29.16 49.88 2.78
N ASN C 10 28.22 50.00 1.84
CA ASN C 10 28.51 50.00 0.37
C ASN C 10 29.45 51.12 -0.09
N GLU C 11 30.25 50.85 -1.13
CA GLU C 11 31.16 51.87 -1.68
C GLU C 11 30.34 52.70 -2.61
N GLY C 12 30.08 52.19 -3.81
CA GLY C 12 29.16 52.90 -4.72
C GLY C 12 27.83 52.16 -4.79
N LYS C 13 27.33 51.98 -6.00
CA LYS C 13 26.19 51.17 -6.27
C LYS C 13 26.57 49.72 -6.25
N ARG C 14 25.78 48.90 -5.58
CA ARG C 14 25.94 47.47 -5.69
C ARG C 14 25.76 47.05 -7.14
N GLN C 15 26.57 46.10 -7.59
CA GLN C 15 26.40 45.57 -8.94
C GLN C 15 26.22 44.07 -8.99
N ASP C 16 25.98 43.44 -7.83
CA ASP C 16 25.57 42.03 -7.83
C ASP C 16 24.32 41.90 -8.68
N PRO C 17 24.03 40.68 -9.15
CA PRO C 17 22.86 40.53 -10.04
C PRO C 17 21.52 40.79 -9.39
N ALA C 18 21.45 40.70 -8.06
CA ALA C 18 20.19 40.90 -7.38
C ALA C 18 19.87 42.39 -7.38
N MET C 19 20.89 43.23 -7.17
CA MET C 19 20.70 44.67 -7.29
C MET C 19 20.41 45.12 -8.71
N GLN C 20 20.91 44.42 -9.70
CA GLN C 20 20.66 44.81 -11.07
C GLN C 20 19.27 44.51 -11.47
N LYS C 21 18.70 43.48 -10.87
CA LYS C 21 17.34 43.11 -11.13
C LYS C 21 16.40 44.15 -10.46
N PHE C 22 16.76 44.54 -9.25
CA PHE C 22 16.02 45.53 -8.48
C PHE C 22 15.92 46.80 -9.35
N ARG C 23 17.05 47.19 -9.91
CA ARG C 23 17.20 48.40 -10.73
C ARG C 23 16.46 48.30 -12.04
N ASP C 24 16.72 47.23 -12.78
CA ASP C 24 16.14 47.05 -14.09
C ASP C 24 14.64 46.91 -14.08
N ASN C 25 14.12 46.35 -13.02
CA ASN C 25 12.65 46.30 -12.88
C ASN C 25 12.00 47.66 -13.16
N ARG C 26 12.59 48.69 -12.54
CA ARG C 26 12.21 50.09 -12.63
C ARG C 26 10.83 50.48 -12.09
N LEU C 27 9.79 49.82 -12.59
CA LEU C 27 8.46 50.14 -12.25
C LEU C 27 7.86 49.11 -11.25
N GLY C 28 7.38 49.63 -10.13
CA GLY C 28 6.79 48.80 -9.11
C GLY C 28 5.43 49.33 -8.68
N ALA C 29 4.66 48.48 -7.97
CA ALA C 29 3.40 48.89 -7.33
C ALA C 29 3.55 48.76 -5.81
N PHE C 30 2.87 49.66 -5.10
CA PHE C 30 2.86 49.68 -3.67
C PHE C 30 1.48 49.19 -3.32
N ILE C 31 1.36 48.35 -2.32
CA ILE C 31 0.04 47.99 -1.82
C ILE C 31 0.00 48.40 -0.35
N HIS C 32 -0.96 49.23 -0.01
CA HIS C 32 -1.24 49.57 1.40
C HIS C 32 -2.60 48.94 1.75
N TRP C 33 -2.54 47.89 2.55
CA TRP C 33 -3.74 47.20 3.02
C TRP C 33 -3.57 46.84 4.48
N GLY C 34 -4.59 47.18 5.25
CA GLY C 34 -4.58 47.00 6.69
C GLY C 34 -5.96 47.35 7.19
N LEU C 35 -6.08 47.45 8.49
CA LEU C 35 -7.42 47.66 9.11
C LEU C 35 -8.01 49.00 8.72
N TYR C 36 -7.14 49.98 8.49
CA TYR C 36 -7.60 51.32 8.01
C TYR C 36 -8.53 51.21 6.79
N ALA C 37 -8.42 50.14 6.05
CA ALA C 37 -9.28 50.00 4.87
C ALA C 37 -10.78 49.87 5.23
N ILE C 38 -11.06 49.42 6.47
CA ILE C 38 -12.46 49.21 6.87
C ILE C 38 -13.21 50.50 7.07
N PRO C 39 -12.72 51.37 7.95
CA PRO C 39 -13.38 52.68 8.05
C PRO C 39 -13.24 53.58 6.79
N GLY C 40 -12.15 53.41 6.03
CA GLY C 40 -11.92 54.18 4.82
C GLY C 40 -11.88 55.69 5.01
N GLY C 41 -11.22 56.15 6.07
CA GLY C 41 -11.12 57.58 6.34
C GLY C 41 -12.26 58.20 7.16
N GLU C 42 -13.27 57.40 7.49
CA GLU C 42 -14.40 57.88 8.28
C GLU C 42 -14.47 57.22 9.65
N TRP C 43 -14.64 58.04 10.68
CA TRP C 43 -14.78 57.54 12.04
C TRP C 43 -15.85 58.29 12.81
N ASN C 44 -16.77 57.54 13.41
CA ASN C 44 -17.85 58.13 14.18
C ASN C 44 -18.61 59.13 13.34
N GLY C 45 -18.86 58.78 12.08
CA GLY C 45 -19.55 59.70 11.20
C GLY C 45 -18.77 60.90 10.65
N LYS C 46 -17.60 61.28 11.20
CA LYS C 46 -16.76 62.33 10.56
C LYS C 46 -15.81 61.69 9.53
N VAL C 47 -15.84 62.22 8.30
CA VAL C 47 -14.91 61.84 7.24
C VAL C 47 -13.71 62.74 7.33
N TYR C 48 -12.54 62.18 7.65
CA TYR C 48 -11.33 62.99 7.78
C TYR C 48 -10.53 63.02 6.45
N GLY C 49 -9.93 64.18 6.16
CA GLY C 49 -9.28 64.46 4.86
C GLY C 49 -7.85 63.99 4.80
N GLY C 50 -7.21 63.85 5.96
CA GLY C 50 -5.86 63.28 6.02
C GLY C 50 -5.78 61.84 5.47
N ALA C 51 -4.55 61.35 5.36
CA ALA C 51 -4.29 60.00 4.85
C ALA C 51 -5.08 58.94 5.63
N ALA C 52 -5.92 58.19 4.95
CA ALA C 52 -6.76 57.18 5.59
C ALA C 52 -5.97 56.19 6.47
N GLU C 53 -4.74 55.86 6.10
CA GLU C 53 -4.01 54.90 6.90
C GLU C 53 -3.56 55.47 8.24
N TRP C 54 -3.80 56.76 8.42
CA TRP C 54 -3.45 57.48 9.63
C TRP C 54 -4.73 57.89 10.38
N LEU C 55 -5.89 57.39 9.96
CA LEU C 55 -7.15 57.69 10.64
C LEU C 55 -7.11 57.47 12.15
N LYS C 56 -6.42 56.43 12.60
CA LYS C 56 -6.28 56.19 14.04
C LYS C 56 -5.80 57.44 14.74
N SER C 57 -4.89 58.13 14.09
CA SER C 57 -4.33 59.33 14.64
C SER C 57 -5.30 60.51 14.50
N TRP C 58 -5.86 60.71 13.32
CA TRP C 58 -6.71 61.88 13.11
C TRP C 58 -7.92 61.87 14.02
N ALA C 59 -8.47 60.69 14.26
CA ALA C 59 -9.68 60.56 15.07
C ALA C 59 -9.33 60.19 16.51
N LYS C 60 -8.05 60.32 16.89
CA LYS C 60 -7.60 60.06 18.25
C LYS C 60 -8.24 58.76 18.80
N VAL C 61 -8.09 57.65 18.07
CA VAL C 61 -8.72 56.37 18.43
C VAL C 61 -7.72 55.55 19.23
N PRO C 62 -8.12 55.09 20.42
CA PRO C 62 -7.16 54.32 21.23
C PRO C 62 -6.94 52.92 20.66
N ALA C 63 -5.77 52.35 20.96
CA ALA C 63 -5.39 51.05 20.39
C ALA C 63 -6.47 49.97 20.54
N ASP C 64 -6.87 49.69 21.79
CA ASP C 64 -7.90 48.70 22.09
C ASP C 64 -9.03 48.82 21.09
N GLU C 65 -9.54 50.03 20.91
CA GLU C 65 -10.73 50.22 20.06
C GLU C 65 -10.44 50.13 18.56
N TRP C 66 -9.26 50.60 18.14
CA TRP C 66 -8.86 50.51 16.71
C TRP C 66 -8.68 49.06 16.28
N LEU C 67 -7.94 48.32 17.08
CA LEU C 67 -7.67 46.91 16.78
C LEU C 67 -8.90 45.99 16.80
N LYS C 68 -9.98 46.39 17.49
CA LYS C 68 -11.30 45.68 17.38
C LYS C 68 -11.80 45.61 15.93
N LEU C 69 -11.26 46.44 15.04
CA LEU C 69 -11.57 46.30 13.59
C LEU C 69 -11.25 44.92 13.02
N MET C 70 -10.25 44.25 13.63
CA MET C 70 -9.95 42.84 13.34
C MET C 70 -11.18 41.98 13.26
N ASP C 71 -12.17 42.24 14.13
CA ASP C 71 -13.41 41.44 14.10
C ASP C 71 -14.15 41.58 12.78
N GLN C 72 -13.90 42.65 12.03
CA GLN C 72 -14.58 42.85 10.74
C GLN C 72 -13.70 42.54 9.56
N TRP C 73 -12.49 42.05 9.82
CA TRP C 73 -11.58 41.79 8.72
C TRP C 73 -11.97 40.47 8.08
N ASN C 74 -12.64 40.57 6.94
CA ASN C 74 -13.07 39.40 6.21
C ASN C 74 -13.19 39.72 4.72
N PRO C 75 -12.05 39.91 4.06
CA PRO C 75 -12.04 40.33 2.67
C PRO C 75 -12.45 39.20 1.74
N THR C 76 -13.73 39.05 1.53
CA THR C 76 -14.24 37.88 0.82
C THR C 76 -13.93 37.92 -0.65
N LYS C 77 -13.82 39.12 -1.23
CA LYS C 77 -13.46 39.25 -2.67
C LYS C 77 -11.95 39.15 -2.92
N PHE C 78 -11.16 39.01 -1.87
CA PHE C 78 -9.71 38.84 -2.04
C PHE C 78 -9.35 37.62 -2.85
N ASP C 79 -8.50 37.81 -3.84
CA ASP C 79 -8.06 36.72 -4.71
C ASP C 79 -6.67 37.08 -5.15
N ALA C 80 -5.69 36.45 -4.53
CA ALA C 80 -4.30 36.80 -4.75
C ALA C 80 -3.91 36.71 -6.22
N LYS C 81 -4.49 35.74 -6.93
CA LYS C 81 -4.18 35.53 -8.35
C LYS C 81 -4.75 36.67 -9.22
N LYS C 82 -5.92 37.21 -8.87
CA LYS C 82 -6.47 38.39 -9.57
C LYS C 82 -5.53 39.62 -9.34
N TRP C 83 -5.05 39.77 -8.11
CA TRP C 83 -4.14 40.87 -7.79
C TRP C 83 -2.90 40.79 -8.64
N ALA C 84 -2.33 39.60 -8.73
CA ALA C 84 -1.10 39.36 -9.48
C ALA C 84 -1.32 39.60 -10.99
N LYS C 85 -2.48 39.21 -11.50
CA LYS C 85 -2.82 39.44 -12.91
C LYS C 85 -2.92 40.95 -13.15
N MET C 86 -3.51 41.67 -12.21
CA MET C 86 -3.66 43.13 -12.35
C MET C 86 -2.27 43.84 -12.40
N ALA C 87 -1.36 43.45 -11.53
CA ALA C 87 0.00 43.94 -11.56
C ALA C 87 0.73 43.63 -12.85
N LYS C 88 0.51 42.43 -13.37
CA LYS C 88 1.11 42.00 -14.62
C LYS C 88 0.59 42.86 -15.77
N GLU C 89 -0.73 43.05 -15.88
CA GLU C 89 -1.36 43.90 -16.94
C GLU C 89 -0.92 45.36 -16.84
N MET C 90 -0.54 45.81 -15.64
CA MET C 90 -0.04 47.17 -15.45
C MET C 90 1.41 47.34 -15.94
N GLY C 91 2.18 46.26 -15.95
CA GLY C 91 3.56 46.32 -16.38
C GLY C 91 4.51 46.45 -15.22
N THR C 92 4.01 46.27 -14.01
CA THR C 92 4.92 46.34 -12.84
C THR C 92 5.76 45.07 -12.75
N LYS C 93 7.02 45.21 -12.39
CA LYS C 93 7.93 44.09 -12.25
C LYS C 93 8.11 43.72 -10.79
N TYR C 94 7.59 44.56 -9.90
CA TYR C 94 7.64 44.26 -8.48
C TYR C 94 6.54 44.96 -7.72
N VAL C 95 6.29 44.44 -6.51
CA VAL C 95 5.25 44.94 -5.66
C VAL C 95 5.82 44.99 -4.21
N LYS C 96 5.60 46.13 -3.56
CA LYS C 96 6.00 46.34 -2.19
C LYS C 96 4.71 46.29 -1.38
N ILE C 97 4.70 45.43 -0.36
CA ILE C 97 3.48 45.14 0.36
C ILE C 97 3.66 45.55 1.78
N THR C 98 2.62 46.18 2.34
CA THR C 98 2.61 46.49 3.78
C THR C 98 2.41 45.23 4.60
N THR C 99 3.51 44.69 5.12
CA THR C 99 3.43 43.56 6.02
C THR C 99 2.76 43.96 7.31
N LYS C 100 3.08 45.17 7.77
CA LYS C 100 2.57 45.74 9.02
C LYS C 100 2.72 47.28 8.93
N HIS C 101 1.61 48.03 9.06
CA HIS C 101 1.70 49.50 9.02
C HIS C 101 1.80 49.97 10.46
N HIS C 102 1.68 51.26 10.70
CA HIS C 102 1.88 51.82 12.06
C HIS C 102 0.90 51.24 13.07
N GLU C 103 -0.31 50.93 12.60
CA GLU C 103 -1.35 50.32 13.41
C GLU C 103 -0.90 49.01 14.04
N GLY C 104 0.04 48.33 13.41
CA GLY C 104 0.63 47.13 14.00
C GLY C 104 -0.07 45.83 13.66
N PHE C 105 -1.17 45.91 12.90
CA PHE C 105 -1.84 44.73 12.39
C PHE C 105 -0.99 44.05 11.31
N CYS C 106 -0.65 42.78 11.54
CA CYS C 106 0.24 42.02 10.63
C CYS C 106 -0.52 41.19 9.60
N LEU C 107 -0.09 41.24 8.34
CA LEU C 107 -0.78 40.52 7.26
C LEU C 107 -0.33 39.05 7.14
N TRP C 108 0.60 38.65 7.98
CA TRP C 108 1.04 37.30 8.12
C TRP C 108 0.79 36.88 9.55
N PRO C 109 0.75 35.56 9.79
CA PRO C 109 0.42 35.12 11.15
C PRO C 109 1.61 35.14 12.13
N SER C 110 2.02 36.32 12.55
CA SER C 110 3.15 36.39 13.49
C SER C 110 2.86 35.66 14.81
N LYS C 111 3.91 35.07 15.38
CA LYS C 111 3.84 34.43 16.68
C LYS C 111 4.09 35.41 17.77
N TYR C 112 4.46 36.63 17.39
CA TYR C 112 4.88 37.57 18.40
C TYR C 112 3.90 38.64 18.78
N THR C 113 2.69 38.54 18.24
CA THR C 113 1.59 39.42 18.68
C THR C 113 0.32 38.73 18.31
N LYS C 114 -0.75 39.08 19.02
CA LYS C 114 -2.07 38.57 18.65
C LYS C 114 -2.69 39.39 17.51
N TYR C 115 -2.09 40.52 17.12
CA TYR C 115 -2.73 41.43 16.20
C TYR C 115 -2.34 41.11 14.78
N THR C 116 -2.95 40.04 14.28
CA THR C 116 -2.53 39.37 13.10
C THR C 116 -3.73 38.88 12.34
N VAL C 117 -3.54 38.63 11.06
CA VAL C 117 -4.59 38.07 10.22
C VAL C 117 -5.19 36.75 10.74
N ALA C 118 -4.40 35.98 11.50
CA ALA C 118 -4.82 34.71 12.04
C ALA C 118 -6.00 34.86 13.02
N ASN C 119 -6.03 35.93 13.77
CA ASN C 119 -7.11 36.14 14.71
C ASN C 119 -8.25 36.97 14.14
N THR C 120 -8.51 36.80 12.85
CA THR C 120 -9.59 37.50 12.21
C THR C 120 -10.46 36.44 11.65
N PRO C 121 -11.71 36.79 11.37
CA PRO C 121 -12.58 35.81 10.73
C PRO C 121 -11.94 35.18 9.51
N TYR C 122 -11.18 35.95 8.74
CA TYR C 122 -10.62 35.46 7.46
C TYR C 122 -9.54 34.43 7.70
N LYS C 123 -8.76 34.62 8.75
CA LYS C 123 -7.80 33.64 9.29
C LYS C 123 -6.55 33.44 8.42
N ARG C 124 -6.69 33.57 7.12
CA ARG C 124 -5.67 33.09 6.18
C ARG C 124 -4.46 34.01 6.08
N ASP C 125 -3.34 33.42 5.71
CA ASP C 125 -2.07 34.13 5.58
C ASP C 125 -2.03 34.93 4.28
N ILE C 126 -2.62 36.13 4.30
CA ILE C 126 -2.72 37.03 3.13
C ILE C 126 -1.35 37.21 2.51
N LEU C 127 -0.36 37.51 3.34
CA LEU C 127 0.94 37.87 2.83
C LEU C 127 1.57 36.69 2.09
N GLY C 128 1.48 35.49 2.67
CA GLY C 128 1.95 34.29 2.02
C GLY C 128 1.27 34.03 0.73
N GLU C 129 -0.05 34.19 0.69
CA GLU C 129 -0.78 34.01 -0.56
C GLU C 129 -0.28 34.99 -1.63
N LEU C 130 -0.04 36.25 -1.25
CA LEU C 130 0.40 37.28 -2.21
C LEU C 130 1.75 36.95 -2.75
N VAL C 131 2.66 36.58 -1.86
CA VAL C 131 4.01 36.22 -2.23
C VAL C 131 4.02 35.14 -3.32
N LYS C 132 3.24 34.08 -3.09
CA LYS C 132 3.13 32.95 -4.06
C LYS C 132 2.58 33.45 -5.39
N ALA C 133 1.47 34.17 -5.35
CA ALA C 133 0.77 34.55 -6.56
C ALA C 133 1.57 35.56 -7.40
N TYR C 134 2.28 36.47 -6.72
CA TYR C 134 3.10 37.41 -7.45
C TYR C 134 4.30 36.70 -8.04
N ASN C 135 4.97 35.90 -7.21
CA ASN C 135 6.15 35.16 -7.69
C ASN C 135 5.77 34.27 -8.89
N ASP C 136 4.58 33.68 -8.83
CA ASP C 136 4.07 32.89 -9.96
C ASP C 136 3.93 33.67 -11.25
N GLU C 137 3.71 34.98 -11.18
CA GLU C 137 3.63 35.77 -12.39
C GLU C 137 4.99 36.32 -12.80
N GLY C 138 6.06 35.93 -12.09
CA GLY C 138 7.40 36.48 -12.34
C GLY C 138 7.64 37.86 -11.74
N ILE C 139 6.89 38.23 -10.70
CA ILE C 139 6.93 39.57 -10.11
C ILE C 139 7.65 39.47 -8.77
N ASP C 140 8.72 40.22 -8.59
CA ASP C 140 9.40 40.23 -7.30
C ASP C 140 8.56 40.85 -6.18
N VAL C 141 8.88 40.49 -4.93
CA VAL C 141 8.14 40.97 -3.83
C VAL C 141 9.04 41.57 -2.83
N HIS C 142 8.64 42.78 -2.39
CA HIS C 142 9.36 43.55 -1.39
C HIS C 142 8.43 43.77 -0.24
N PHE C 143 9.01 43.90 0.94
CA PHE C 143 8.23 44.02 2.17
C PHE C 143 8.37 45.37 2.75
N TYR C 144 7.24 46.07 2.85
CA TYR C 144 7.14 47.26 3.67
C TYR C 144 6.98 46.85 5.13
N PHE C 145 7.65 47.53 6.04
CA PHE C 145 7.59 47.25 7.47
C PHE C 145 7.69 48.53 8.28
N SER C 146 6.68 48.82 9.09
CA SER C 146 6.74 49.99 9.94
C SER C 146 7.33 49.65 11.29
N VAL C 147 8.44 50.28 11.61
CA VAL C 147 9.05 50.05 12.88
C VAL C 147 8.12 50.58 13.94
N MET C 148 7.78 51.85 13.85
CA MET C 148 6.78 52.41 14.73
C MET C 148 5.54 51.52 14.74
N ASP C 149 5.08 51.19 15.96
CA ASP C 149 3.96 50.23 16.13
C ASP C 149 3.04 50.71 17.24
N TRP C 150 1.88 51.20 16.84
CA TRP C 150 0.92 51.78 17.76
C TRP C 150 0.16 50.72 18.57
N SER C 151 0.40 49.45 18.29
CA SER C 151 -0.31 48.39 18.95
C SER C 151 0.48 47.82 20.10
N ASN C 152 1.79 48.09 20.14
CA ASN C 152 2.64 47.54 21.18
C ASN C 152 3.05 48.67 22.13
N PRO C 153 2.63 48.60 23.42
CA PRO C 153 2.87 49.74 24.31
C PRO C 153 4.29 49.78 24.87
N ASP C 154 5.16 48.84 24.49
CA ASP C 154 6.62 49.02 24.71
C ASP C 154 7.21 50.05 23.73
N TYR C 155 6.41 50.51 22.76
CA TYR C 155 6.93 51.49 21.82
C TYR C 155 7.14 52.82 22.55
N ARG C 156 8.28 53.45 22.26
CA ARG C 156 8.60 54.79 22.76
C ARG C 156 9.01 55.77 21.62
N TYR C 157 8.42 56.95 21.65
CA TYR C 157 8.79 58.06 20.76
C TYR C 157 10.15 58.62 21.09
N ASP C 158 10.46 58.66 22.39
CA ASP C 158 11.78 59.07 22.84
C ASP C 158 12.18 58.35 24.12
N ILE C 159 13.48 58.31 24.38
CA ILE C 159 14.04 57.71 25.59
C ILE C 159 14.31 58.82 26.60
N LYS C 160 13.31 59.12 27.42
CA LYS C 160 13.42 60.16 28.44
C LYS C 160 13.66 59.57 29.87
N SER C 161 13.93 58.26 30.00
CA SER C 161 14.13 57.61 31.32
C SER C 161 14.78 56.23 31.20
N LYS C 162 14.98 55.55 32.33
CA LYS C 162 15.46 54.16 32.32
C LYS C 162 14.29 53.20 32.13
N GLU C 163 13.09 53.58 32.57
CA GLU C 163 11.86 52.82 32.31
C GLU C 163 11.62 52.76 30.79
N ASP C 164 11.54 53.94 30.19
CA ASP C 164 11.51 54.09 28.72
C ASP C 164 12.55 53.21 28.02
N SER C 165 13.78 53.27 28.48
CA SER C 165 14.86 52.53 27.83
C SER C 165 14.74 51.00 27.96
N ILE C 166 14.19 50.57 29.09
CA ILE C 166 13.98 49.15 29.37
C ILE C 166 12.92 48.64 28.40
N ALA C 167 11.78 49.34 28.38
CA ALA C 167 10.66 49.04 27.50
C ALA C 167 11.07 48.99 26.03
N PHE C 168 11.82 50.00 25.62
CA PHE C 168 12.21 50.08 24.22
C PHE C 168 13.15 48.96 23.84
N SER C 169 14.01 48.54 24.76
CA SER C 169 14.93 47.44 24.43
C SER C 169 14.11 46.20 24.13
N ARG C 170 13.02 46.02 24.86
CA ARG C 170 12.06 44.93 24.60
C ARG C 170 11.40 45.03 23.23
N PHE C 171 10.86 46.21 22.96
CA PHE C 171 10.34 46.56 21.64
C PHE C 171 11.29 46.24 20.46
N LEU C 172 12.58 46.56 20.58
CA LEU C 172 13.56 46.21 19.53
C LEU C 172 13.77 44.71 19.37
N GLU C 173 13.62 43.94 20.47
CA GLU C 173 13.76 42.47 20.42
C GLU C 173 12.57 41.90 19.66
N PHE C 174 11.39 42.36 20.05
CA PHE C 174 10.11 42.05 19.37
C PHE C 174 10.15 42.35 17.88
N THR C 175 10.63 43.53 17.56
CA THR C 175 10.76 43.94 16.17
C THR C 175 11.70 42.98 15.47
N ASP C 176 12.86 42.74 16.07
CA ASP C 176 13.82 41.76 15.50
C ASP C 176 13.17 40.44 15.24
N ASN C 177 12.37 39.97 16.20
CA ASN C 177 11.71 38.66 16.05
C ASN C 177 10.78 38.64 14.86
N GLN C 178 9.97 39.70 14.71
CA GLN C 178 9.08 39.79 13.54
C GLN C 178 9.85 39.80 12.23
N LEU C 179 10.93 40.55 12.17
CA LEU C 179 11.74 40.57 10.94
C LEU C 179 12.36 39.21 10.58
N LYS C 180 12.90 38.54 11.59
CA LYS C 180 13.47 37.18 11.39
C LYS C 180 12.38 36.26 10.88
N GLU C 181 11.23 36.31 11.52
CA GLU C 181 10.05 35.58 11.08
C GLU C 181 9.75 35.81 9.60
N LEU C 182 9.67 37.09 9.20
CA LEU C 182 9.37 37.42 7.77
C LEU C 182 10.46 36.94 6.79
N ALA C 183 11.71 37.16 7.17
CA ALA C 183 12.81 36.68 6.30
C ALA C 183 12.80 35.17 6.10
N THR C 184 12.38 34.40 7.11
CA THR C 184 12.49 32.92 7.06
C THR C 184 11.20 32.27 6.61
N ARG C 185 10.05 32.85 6.94
CA ARG C 185 8.80 32.36 6.35
C ARG C 185 8.66 32.60 4.89
N TYR C 186 9.25 33.69 4.39
CA TYR C 186 9.04 34.06 2.98
C TYR C 186 10.37 34.37 2.35
N PRO C 187 11.21 33.34 2.15
CA PRO C 187 12.59 33.56 1.70
C PRO C 187 12.73 34.07 0.25
N THR C 188 11.69 34.11 -0.56
CA THR C 188 11.81 34.79 -1.86
C THR C 188 11.82 36.38 -1.82
N VAL C 189 11.75 36.97 -0.62
CA VAL C 189 11.62 38.40 -0.47
C VAL C 189 12.88 39.02 -1.02
N LYS C 190 12.74 40.08 -1.81
CA LYS C 190 13.90 40.76 -2.40
C LYS C 190 14.30 42.04 -1.74
N ASP C 191 13.44 42.59 -0.88
CA ASP C 191 13.72 43.91 -0.28
C ASP C 191 12.89 44.12 0.96
N PHE C 192 13.47 44.82 1.92
CA PHE C 192 12.73 45.33 3.05
C PHE C 192 12.76 46.86 3.01
N TRP C 193 11.60 47.47 3.07
CA TRP C 193 11.46 48.92 2.98
C TRP C 193 10.88 49.39 4.27
N PHE C 194 11.75 49.96 5.08
CA PHE C 194 11.38 50.40 6.41
C PHE C 194 10.78 51.79 6.43
N ASP C 195 9.78 51.98 7.29
CA ASP C 195 9.08 53.24 7.49
C ASP C 195 8.88 53.38 9.00
N GLY C 196 8.42 54.56 9.42
CA GLY C 196 8.17 54.80 10.83
C GLY C 196 9.45 54.74 11.65
N THR C 197 10.53 55.23 11.09
CA THR C 197 11.84 55.19 11.74
C THR C 197 12.34 56.57 12.09
N TRP C 198 11.41 57.54 12.14
CA TRP C 198 11.83 58.94 12.25
C TRP C 198 11.96 59.38 13.70
N ASP C 199 11.32 58.67 14.63
CA ASP C 199 11.35 59.08 16.06
C ASP C 199 12.76 59.07 16.71
N ALA C 200 12.90 59.93 17.70
CA ALA C 200 14.17 60.09 18.42
C ALA C 200 14.62 58.77 19.00
N SER C 201 13.65 57.98 19.47
CA SER C 201 13.91 56.64 19.98
C SER C 201 14.77 55.85 19.03
N VAL C 202 14.48 55.94 17.75
CA VAL C 202 15.27 55.24 16.75
C VAL C 202 16.57 55.99 16.37
N LYS C 203 16.49 57.31 16.17
CA LYS C 203 17.71 58.12 15.92
C LYS C 203 18.78 57.77 16.97
N LYS C 204 18.35 57.67 18.23
CA LYS C 204 19.26 57.37 19.33
C LYS C 204 19.85 55.97 19.26
N ASN C 205 19.28 55.09 18.45
CA ASN C 205 19.71 53.72 18.43
C ASN C 205 20.23 53.25 17.08
N GLY C 206 21.10 54.07 16.50
CA GLY C 206 21.69 53.77 15.22
C GLY C 206 22.16 52.34 15.11
N TRP C 207 22.85 51.88 16.15
CA TRP C 207 23.44 50.52 16.19
C TRP C 207 22.39 49.48 15.79
N TRP C 208 21.16 49.66 16.27
CA TRP C 208 20.10 48.71 15.96
C TRP C 208 19.76 48.68 14.48
N THR C 209 19.79 49.85 13.84
CA THR C 209 19.43 49.95 12.43
C THR C 209 20.46 49.21 11.61
N ALA C 210 21.72 49.37 11.98
CA ALA C 210 22.81 48.66 11.27
C ALA C 210 22.76 47.16 11.54
N HIS C 211 22.40 46.81 12.79
CA HIS C 211 22.26 45.40 13.16
C HIS C 211 21.14 44.73 12.33
N ALA C 212 19.98 45.39 12.29
CA ALA C 212 18.83 44.92 11.51
C ALA C 212 19.17 44.72 10.08
N GLU C 213 19.96 45.61 9.53
CA GLU C 213 20.40 45.46 8.16
C GLU C 213 21.25 44.23 7.97
N GLN C 214 22.34 44.12 8.75
CA GLN C 214 23.30 42.96 8.64
C GLN C 214 22.50 41.69 8.90
N MET C 215 21.69 41.69 9.95
CA MET C 215 20.82 40.55 10.30
C MET C 215 19.99 40.07 9.12
N LEU C 216 19.39 41.00 8.38
CA LEU C 216 18.54 40.59 7.28
C LEU C 216 19.35 40.09 6.10
N LYS C 217 20.48 40.75 5.85
CA LYS C 217 21.34 40.39 4.72
C LYS C 217 21.97 39.01 4.99
N GLU C 218 22.19 38.67 6.27
CA GLU C 218 22.61 37.29 6.61
C GLU C 218 21.52 36.27 6.27
N LEU C 219 20.27 36.59 6.62
CA LEU C 219 19.18 35.64 6.36
C LEU C 219 18.76 35.56 4.94
N VAL C 220 18.88 36.64 4.18
CA VAL C 220 18.32 36.62 2.81
C VAL C 220 19.38 37.08 1.84
N PRO C 221 20.04 36.13 1.18
CA PRO C 221 21.16 36.55 0.35
C PRO C 221 20.71 37.52 -0.72
N GLY C 222 21.39 38.66 -0.79
CA GLY C 222 21.17 39.60 -1.89
C GLY C 222 20.04 40.59 -1.67
N VAL C 223 19.41 40.53 -0.50
CA VAL C 223 18.23 41.33 -0.17
C VAL C 223 18.63 42.80 -0.19
N ALA C 224 17.71 43.66 -0.60
CA ALA C 224 17.96 45.10 -0.56
C ALA C 224 17.28 45.72 0.65
N ILE C 225 17.90 46.76 1.16
CA ILE C 225 17.44 47.46 2.36
C ILE C 225 17.45 48.95 2.08
N ASN C 226 16.34 49.64 2.39
CA ASN C 226 16.21 51.05 2.07
C ASN C 226 16.95 51.93 3.02
N SER C 227 17.31 53.13 2.54
CA SER C 227 18.04 54.10 3.34
C SER C 227 17.25 54.56 4.57
N ARG C 228 15.93 54.52 4.47
CA ARG C 228 15.08 55.06 5.55
C ARG C 228 15.18 54.31 6.92
N LEU C 229 15.65 53.08 6.86
CA LEU C 229 15.91 52.32 8.08
C LEU C 229 16.97 53.01 8.92
N ARG C 230 17.97 53.56 8.24
CA ARG C 230 19.27 53.69 8.82
C ARG C 230 19.53 55.02 9.47
N ALA C 231 20.16 54.93 10.64
CA ALA C 231 20.70 56.07 11.36
C ALA C 231 22.11 55.68 11.77
N ASP C 232 23.01 56.65 11.83
CA ASP C 232 24.38 56.35 12.23
C ASP C 232 24.62 56.59 13.73
N ASP C 233 25.88 56.45 14.13
CA ASP C 233 26.33 56.64 15.50
C ASP C 233 25.85 57.98 16.04
N LYS C 234 25.95 59.04 15.22
CA LYS C 234 25.55 60.38 15.67
C LYS C 234 24.04 60.62 15.57
N GLY C 235 23.27 59.70 14.94
CA GLY C 235 21.81 59.90 14.77
C GLY C 235 21.39 60.53 13.44
N LYS C 236 22.33 60.64 12.49
CA LYS C 236 22.05 61.12 11.12
C LYS C 236 21.40 60.03 10.28
N ARG C 237 20.25 60.36 9.69
CA ARG C 237 19.41 59.40 8.95
C ARG C 237 19.66 59.42 7.43
N HIS C 238 19.47 58.28 6.76
CA HIS C 238 19.72 58.09 5.31
C HIS C 238 21.18 58.16 4.85
N PHE C 239 21.79 59.31 5.05
CA PHE C 239 23.21 59.50 4.72
C PHE C 239 23.92 59.69 6.05
N ASP C 240 25.05 59.03 6.22
CA ASP C 240 25.77 59.11 7.51
C ASP C 240 26.50 60.44 7.62
N SER C 241 27.18 60.63 8.74
CA SER C 241 27.83 61.90 9.06
C SER C 241 29.01 62.25 8.12
N ASN C 242 29.50 61.28 7.36
CA ASN C 242 30.43 61.54 6.25
C ASN C 242 29.71 61.74 4.94
N GLY C 243 28.39 61.93 5.00
CA GLY C 243 27.56 62.06 3.81
C GLY C 243 27.64 60.86 2.89
N ARG C 244 27.92 59.67 3.42
CA ARG C 244 27.88 58.47 2.61
C ARG C 244 26.47 57.81 2.80
N LEU C 245 25.89 57.32 1.70
CA LEU C 245 24.55 56.72 1.72
C LEU C 245 24.50 55.41 2.53
N MET C 246 23.59 55.32 3.50
CA MET C 246 23.36 54.03 4.21
C MET C 246 22.27 53.19 3.53
N GLY C 247 22.33 51.89 3.72
CA GLY C 247 21.43 50.98 3.06
C GLY C 247 21.80 50.85 1.59
N ASP C 248 20.98 50.18 0.81
CA ASP C 248 21.34 49.89 -0.56
C ASP C 248 20.84 50.90 -1.61
N TYR C 249 19.90 51.76 -1.21
CA TYR C 249 19.27 52.70 -2.11
C TYR C 249 18.58 53.79 -1.30
N GLU C 250 18.56 54.97 -1.89
CA GLU C 250 17.94 56.16 -1.26
C GLU C 250 16.42 56.07 -1.43
N SER C 251 15.68 56.39 -0.37
CA SER C 251 14.22 56.21 -0.36
C SER C 251 13.45 57.41 0.13
N GLY C 252 13.96 58.61 -0.08
CA GLY C 252 13.29 59.82 0.44
C GLY C 252 12.27 60.47 -0.47
N TYR C 253 12.23 60.09 -1.73
CA TYR C 253 11.42 60.81 -2.69
C TYR C 253 10.02 60.23 -2.69
N GLU C 254 9.27 60.68 -1.69
CA GLU C 254 7.93 60.21 -1.39
C GLU C 254 6.97 61.35 -1.79
N ARG C 255 6.18 61.12 -2.83
CA ARG C 255 5.28 62.09 -3.43
C ARG C 255 6.01 63.34 -3.97
N ARG C 256 7.28 63.20 -4.30
CA ARG C 256 8.03 64.26 -4.95
C ARG C 256 9.23 63.62 -5.61
N LEU C 257 9.84 64.39 -6.52
CA LEU C 257 10.91 63.93 -7.36
C LEU C 257 12.05 64.92 -7.45
N PRO C 258 13.27 64.43 -7.70
CA PRO C 258 14.36 65.37 -7.82
C PRO C 258 14.27 66.19 -9.09
N ASP C 259 14.80 67.39 -9.03
CA ASP C 259 14.70 68.32 -10.11
C ASP C 259 15.65 67.87 -11.18
N PRO C 260 15.17 67.79 -12.43
CA PRO C 260 15.98 67.25 -13.53
C PRO C 260 17.22 68.08 -13.94
N VAL C 261 17.32 69.31 -13.45
CA VAL C 261 18.45 70.21 -13.78
C VAL C 261 19.33 70.36 -12.58
N LYS C 262 18.73 70.47 -11.39
CA LYS C 262 19.50 70.78 -10.18
C LYS C 262 19.87 69.65 -9.23
N ASP C 263 19.30 68.46 -9.41
CA ASP C 263 19.51 67.37 -8.48
C ASP C 263 20.11 66.19 -9.19
N LEU C 264 21.04 66.45 -10.10
CA LEU C 264 21.69 65.36 -10.81
C LEU C 264 22.55 64.45 -9.90
N LYS C 265 22.84 64.91 -8.70
CA LYS C 265 23.58 64.13 -7.75
C LYS C 265 22.94 62.74 -7.49
N VAL C 266 21.64 62.61 -7.68
CA VAL C 266 21.00 61.33 -7.39
C VAL C 266 21.40 60.24 -8.38
N THR C 267 22.00 60.62 -9.51
CA THR C 267 22.34 59.61 -10.51
C THR C 267 23.54 58.80 -10.02
N GLN C 268 24.17 59.23 -8.94
CA GLN C 268 25.33 58.54 -8.40
C GLN C 268 24.99 57.35 -7.53
N TRP C 269 23.73 57.20 -7.15
CA TRP C 269 23.35 56.08 -6.31
C TRP C 269 22.04 55.53 -6.81
N ASP C 270 21.74 54.32 -6.40
CA ASP C 270 20.44 53.75 -6.66
C ASP C 270 19.43 54.44 -5.73
N TRP C 271 18.22 54.60 -6.27
CA TRP C 271 17.15 55.23 -5.51
C TRP C 271 15.80 54.83 -6.04
N GLU C 272 14.82 54.95 -5.17
CA GLU C 272 13.45 54.62 -5.55
C GLU C 272 12.50 55.66 -4.98
N ALA C 273 11.60 56.09 -5.84
CA ALA C 273 10.58 57.03 -5.46
C ALA C 273 9.32 56.26 -5.32
N CYS C 274 8.42 56.78 -4.49
CA CYS C 274 7.06 56.26 -4.48
C CYS C 274 6.04 57.40 -4.56
N MET C 275 4.83 57.09 -4.94
CA MET C 275 3.84 58.11 -5.15
C MET C 275 2.44 57.58 -4.94
N THR C 276 1.51 58.50 -4.70
CA THR C 276 0.09 58.19 -4.59
C THR C 276 -0.66 58.79 -5.76
N ILE C 277 -1.84 58.26 -6.04
CA ILE C 277 -2.67 58.77 -7.11
C ILE C 277 -3.41 60.04 -6.68
N PRO C 278 -4.08 60.01 -5.54
CA PRO C 278 -4.54 61.30 -4.99
C PRO C 278 -3.37 62.02 -4.36
N GLU C 279 -3.64 63.15 -3.72
CA GLU C 279 -2.57 63.93 -3.22
C GLU C 279 -1.78 63.25 -2.11
N ASN C 280 -2.50 62.67 -1.16
CA ASN C 280 -1.89 61.98 -0.04
C ASN C 280 -2.83 60.98 0.61
N GLN C 281 -3.04 59.86 -0.06
CA GLN C 281 -3.83 58.74 0.44
C GLN C 281 -3.10 57.45 0.04
N TRP C 282 -2.65 56.68 1.00
CA TRP C 282 -1.98 55.41 0.67
C TRP C 282 -2.92 54.23 0.90
N GLY C 283 -3.46 54.16 2.11
CA GLY C 283 -4.56 53.25 2.40
C GLY C 283 -5.84 53.70 1.73
N TYR C 284 -6.81 52.79 1.64
CA TYR C 284 -8.10 53.08 1.03
C TYR C 284 -8.88 54.19 1.76
N HIS C 285 -9.24 55.23 1.01
CA HIS C 285 -10.10 56.32 1.47
C HIS C 285 -11.33 56.36 0.62
N LYS C 286 -12.49 56.45 1.25
CA LYS C 286 -13.75 56.25 0.54
C LYS C 286 -14.16 57.43 -0.35
N ASP C 287 -13.61 58.59 -0.07
CA ASP C 287 -13.91 59.79 -0.85
C ASP C 287 -12.68 60.44 -1.49
N TRP C 288 -12.47 60.12 -2.77
CA TRP C 288 -11.34 60.71 -3.51
C TRP C 288 -11.59 62.12 -4.04
N SER C 289 -12.81 62.62 -3.91
CA SER C 289 -13.14 63.98 -4.35
C SER C 289 -12.51 65.04 -3.46
N LEU C 290 -11.92 64.65 -2.34
CA LEU C 290 -11.40 65.67 -1.39
C LEU C 290 -10.03 66.29 -1.72
N SER C 291 -9.31 65.73 -2.69
CA SER C 291 -8.01 66.28 -3.10
C SER C 291 -7.85 66.01 -4.60
N TYR C 292 -6.81 66.58 -5.20
CA TYR C 292 -6.55 66.35 -6.63
C TYR C 292 -6.13 64.89 -6.89
N VAL C 293 -6.74 64.26 -7.88
CA VAL C 293 -6.48 62.89 -8.32
C VAL C 293 -5.72 62.89 -9.65
N LYS C 294 -4.52 62.30 -9.68
CA LYS C 294 -3.68 62.41 -10.88
C LYS C 294 -4.27 61.58 -12.02
N THR C 295 -4.12 62.07 -13.25
CA THR C 295 -4.51 61.31 -14.43
C THR C 295 -3.39 60.36 -14.81
N PRO C 296 -3.68 59.44 -15.73
CA PRO C 296 -2.67 58.49 -16.08
C PRO C 296 -1.42 59.11 -16.67
N ILE C 297 -1.60 60.10 -17.53
CA ILE C 297 -0.43 60.77 -18.13
C ILE C 297 0.43 61.43 -17.08
N GLU C 298 -0.21 61.98 -16.04
CA GLU C 298 0.54 62.62 -14.98
C GLU C 298 1.36 61.59 -14.20
N VAL C 299 0.84 60.37 -14.08
CA VAL C 299 1.53 59.31 -13.42
C VAL C 299 2.68 58.82 -14.30
N ILE C 300 2.40 58.64 -15.58
CA ILE C 300 3.43 58.19 -16.55
C ILE C 300 4.62 59.19 -16.62
N ASP C 301 4.30 60.46 -16.61
CA ASP C 301 5.33 61.51 -16.54
C ASP C 301 6.29 61.30 -15.38
N ARG C 302 5.74 60.93 -14.23
CA ARG C 302 6.55 60.81 -13.06
C ARG C 302 7.38 59.54 -13.11
N ILE C 303 6.81 58.49 -13.66
CA ILE C 303 7.56 57.25 -13.82
C ILE C 303 8.78 57.49 -14.71
N VAL C 304 8.56 58.10 -15.85
CA VAL C 304 9.67 58.39 -16.79
C VAL C 304 10.69 59.37 -16.21
N HIS C 305 10.18 60.35 -15.48
CA HIS C 305 11.02 61.30 -14.78
C HIS C 305 11.96 60.53 -13.89
N ALA C 306 11.43 59.61 -13.08
CA ALA C 306 12.31 58.84 -12.23
C ALA C 306 13.35 58.03 -12.98
N VAL C 307 12.93 57.29 -14.00
CA VAL C 307 13.91 56.49 -14.74
C VAL C 307 14.96 57.36 -15.43
N SER C 308 14.51 58.50 -15.96
CA SER C 308 15.41 59.44 -16.64
C SER C 308 16.44 59.94 -15.72
N MET C 309 16.22 59.81 -14.42
CA MET C 309 17.26 60.19 -13.45
C MET C 309 17.81 59.03 -12.67
N GLY C 310 17.70 57.84 -13.23
CA GLY C 310 18.34 56.65 -12.66
C GLY C 310 17.65 56.10 -11.44
N GLY C 311 16.33 56.24 -11.37
CA GLY C 311 15.61 55.80 -10.18
C GLY C 311 14.43 54.96 -10.54
N ASN C 312 13.95 54.17 -9.57
CA ASN C 312 12.72 53.43 -9.77
C ASN C 312 11.56 54.29 -9.36
N MET C 313 10.38 53.95 -9.84
CA MET C 313 9.15 54.52 -9.34
C MET C 313 8.16 53.41 -8.93
N VAL C 314 7.52 53.61 -7.77
CA VAL C 314 6.51 52.71 -7.25
C VAL C 314 5.21 53.49 -7.11
N VAL C 315 4.19 53.03 -7.81
CA VAL C 315 2.88 53.62 -7.77
C VAL C 315 1.97 52.88 -6.76
N ASN C 316 1.35 53.63 -5.86
CA ASN C 316 0.59 53.04 -4.80
C ASN C 316 -0.87 52.72 -5.12
N PHE C 317 -1.34 51.64 -4.50
CA PHE C 317 -2.75 51.21 -4.51
C PHE C 317 -3.19 50.91 -3.08
N GLY C 318 -4.43 51.27 -2.77
CA GLY C 318 -5.00 51.01 -1.46
C GLY C 318 -6.27 50.19 -1.66
N PRO C 319 -6.12 48.88 -1.64
CA PRO C 319 -7.28 47.98 -1.85
C PRO C 319 -8.45 48.21 -0.88
N GLN C 320 -9.65 47.92 -1.35
CA GLN C 320 -10.84 47.98 -0.48
C GLN C 320 -10.81 46.90 0.62
N ALA C 321 -11.64 47.12 1.62
CA ALA C 321 -11.80 46.19 2.75
C ALA C 321 -12.23 44.83 2.26
N ASP C 322 -13.03 44.80 1.21
CA ASP C 322 -13.56 43.54 0.74
C ASP C 322 -12.52 42.75 -0.08
N GLY C 323 -11.37 43.35 -0.36
CA GLY C 323 -10.29 42.60 -1.06
C GLY C 323 -10.22 42.88 -2.55
N ASP C 324 -11.07 43.79 -3.03
CA ASP C 324 -11.03 44.24 -4.41
C ASP C 324 -10.40 45.66 -4.54
N PHE C 325 -10.08 46.05 -5.77
CA PHE C 325 -9.64 47.42 -6.06
C PHE C 325 -10.76 48.26 -6.63
N ARG C 326 -10.78 49.51 -6.21
CA ARG C 326 -11.75 50.48 -6.65
C ARG C 326 -11.59 50.78 -8.17
N PRO C 327 -12.63 51.32 -8.81
CA PRO C 327 -12.61 51.52 -10.27
C PRO C 327 -11.53 52.46 -10.79
N GLU C 328 -11.31 53.55 -10.06
CA GLU C 328 -10.26 54.50 -10.44
C GLU C 328 -8.90 53.78 -10.52
N GLU C 329 -8.64 52.88 -9.59
CA GLU C 329 -7.33 52.20 -9.56
C GLU C 329 -7.21 51.16 -10.66
N LYS C 330 -8.30 50.48 -10.94
CA LYS C 330 -8.32 49.57 -12.07
C LYS C 330 -8.07 50.30 -13.39
N ALA C 331 -8.74 51.43 -13.58
CA ALA C 331 -8.58 52.22 -14.82
C ALA C 331 -7.12 52.71 -14.96
N MET C 332 -6.57 53.18 -13.85
CA MET C 332 -5.19 53.61 -13.80
C MET C 332 -4.24 52.49 -14.20
N ALA C 333 -4.43 51.31 -13.63
CA ALA C 333 -3.52 50.21 -13.89
C ALA C 333 -3.56 49.84 -15.36
N THR C 334 -4.76 49.76 -15.89
CA THR C 334 -4.96 49.47 -17.31
C THR C 334 -4.30 50.53 -18.18
N ALA C 335 -4.54 51.80 -17.87
CA ALA C 335 -3.97 52.88 -18.71
C ALA C 335 -2.46 52.85 -18.71
N ILE C 336 -1.87 52.68 -17.55
CA ILE C 336 -0.43 52.58 -17.48
C ILE C 336 0.04 51.36 -18.29
N GLY C 337 -0.65 50.24 -18.11
CA GLY C 337 -0.31 48.99 -18.82
C GLY C 337 -0.29 49.13 -20.35
N LYS C 338 -1.32 49.75 -20.92
CA LYS C 338 -1.37 50.01 -22.36
C LYS C 338 -0.15 50.83 -22.80
N TRP C 339 0.23 51.84 -22.02
CA TRP C 339 1.29 52.73 -22.43
C TRP C 339 2.62 52.00 -22.29
N MET C 340 2.79 51.28 -21.20
CA MET C 340 4.05 50.53 -21.01
C MET C 340 4.22 49.43 -22.03
N ASN C 341 3.11 48.86 -22.46
CA ASN C 341 3.19 47.79 -23.41
C ASN C 341 3.69 48.34 -24.73
N ARG C 342 3.30 49.56 -25.03
CA ARG C 342 3.73 50.22 -26.24
C ARG C 342 5.13 50.84 -26.13
N TYR C 343 5.45 51.45 -24.98
CA TYR C 343 6.66 52.30 -24.91
C TYR C 343 7.68 51.87 -23.88
N GLY C 344 7.40 50.75 -23.22
CA GLY C 344 8.24 50.26 -22.17
C GLY C 344 9.68 49.95 -22.48
N LYS C 345 10.03 49.82 -23.76
CA LYS C 345 11.46 49.63 -24.09
C LYS C 345 12.26 50.86 -23.60
N ALA C 346 11.58 52.00 -23.44
CA ALA C 346 12.25 53.22 -22.90
C ALA C 346 12.29 53.32 -21.36
N VAL C 347 11.69 52.36 -20.66
CA VAL C 347 11.60 52.39 -19.21
C VAL C 347 12.36 51.26 -18.60
N TYR C 348 11.95 50.01 -18.90
CA TYR C 348 12.56 48.83 -18.26
C TYR C 348 14.02 48.77 -18.58
N ALA C 349 14.82 48.54 -17.56
CA ALA C 349 16.26 48.41 -17.74
C ALA C 349 16.91 49.65 -18.31
N CYS C 350 16.22 50.79 -18.26
CA CYS C 350 16.82 52.02 -18.71
C CYS C 350 17.43 52.82 -17.53
N ASP C 351 18.18 53.87 -17.85
CA ASP C 351 18.90 54.65 -16.86
C ASP C 351 19.11 56.09 -17.40
N TYR C 352 19.74 56.90 -16.56
CA TYR C 352 20.14 58.24 -16.87
C TYR C 352 21.00 58.31 -18.14
N ALA C 353 20.63 59.17 -19.09
CA ALA C 353 21.32 59.24 -20.36
C ALA C 353 22.45 60.26 -20.42
N GLY C 354 22.70 61.05 -19.39
CA GLY C 354 23.76 62.06 -19.46
C GLY C 354 23.56 63.26 -20.41
N PHE C 355 22.36 63.48 -20.94
CA PHE C 355 22.07 64.64 -21.81
C PHE C 355 21.45 65.78 -21.00
N GLU C 356 21.60 67.01 -21.46
CA GLU C 356 20.95 68.13 -20.81
C GLU C 356 19.44 68.09 -21.04
N LYS C 357 18.67 68.32 -19.98
CA LYS C 357 17.21 68.27 -20.01
C LYS C 357 16.62 69.30 -20.98
N GLN C 358 15.67 68.90 -21.80
CA GLN C 358 14.98 69.74 -22.71
C GLN C 358 13.50 69.77 -22.33
N ASP C 359 12.80 70.77 -22.83
CA ASP C 359 11.42 71.04 -22.46
C ASP C 359 10.40 70.07 -22.99
N TRP C 360 10.73 69.33 -24.03
CA TRP C 360 9.75 68.40 -24.63
C TRP C 360 9.51 67.13 -23.77
N GLY C 361 10.42 66.79 -22.88
CA GLY C 361 10.28 65.58 -22.09
C GLY C 361 11.59 65.09 -21.51
N TYR C 362 11.79 63.79 -21.56
CA TYR C 362 12.94 63.16 -20.88
C TYR C 362 13.70 62.25 -21.82
N TYR C 363 14.98 62.11 -21.58
CA TYR C 363 15.77 61.09 -22.19
C TYR C 363 15.92 59.89 -21.23
N THR C 364 15.94 58.68 -21.77
CA THR C 364 16.45 57.53 -21.05
C THR C 364 17.49 56.75 -21.89
N ARG C 365 18.46 56.11 -21.22
CA ARG C 365 19.52 55.30 -21.88
C ARG C 365 19.23 53.80 -21.71
N GLY C 366 19.13 53.09 -22.85
CA GLY C 366 18.97 51.64 -22.91
C GLY C 366 20.24 50.87 -22.55
N LYS C 367 20.07 49.56 -22.38
CA LYS C 367 21.19 48.68 -22.01
C LYS C 367 22.30 48.65 -23.08
N ASN C 368 21.93 48.87 -24.33
CA ASN C 368 22.88 48.97 -25.43
C ASN C 368 23.05 50.38 -26.02
N ASP C 369 23.13 51.39 -25.15
CA ASP C 369 23.35 52.79 -25.59
C ASP C 369 22.33 53.34 -26.55
N GLU C 370 21.14 52.73 -26.59
CA GLU C 370 20.03 53.38 -27.22
C GLU C 370 19.74 54.62 -26.36
N VAL C 371 19.39 55.72 -27.01
CA VAL C 371 18.95 56.91 -26.29
C VAL C 371 17.53 57.17 -26.72
N TYR C 372 16.60 57.11 -25.76
CA TYR C 372 15.21 57.34 -26.06
C TYR C 372 14.80 58.75 -25.68
N MET C 373 13.99 59.36 -26.53
CA MET C 373 13.42 60.65 -26.26
C MET C 373 11.98 60.39 -25.95
N VAL C 374 11.55 60.69 -24.71
CA VAL C 374 10.15 60.48 -24.34
C VAL C 374 9.50 61.84 -24.28
N VAL C 375 8.61 62.06 -25.22
CA VAL C 375 8.03 63.33 -25.47
C VAL C 375 6.67 63.50 -24.82
N PHE C 376 6.59 64.47 -23.92
CA PHE C 376 5.35 64.83 -23.20
C PHE C 376 4.74 66.16 -23.61
N ASN C 377 5.59 67.05 -24.14
CA ASN C 377 5.18 68.40 -24.51
C ASN C 377 5.55 68.68 -25.94
N GLN C 378 4.56 68.70 -26.80
CA GLN C 378 4.79 68.77 -28.23
C GLN C 378 5.04 70.22 -28.67
N PRO C 379 6.21 70.49 -29.27
CA PRO C 379 6.51 71.89 -29.67
C PRO C 379 5.76 72.32 -30.92
N TYR C 380 5.18 73.50 -30.90
CA TYR C 380 4.58 74.03 -32.13
C TYR C 380 5.59 74.28 -33.25
N SER C 381 6.84 74.47 -32.91
CA SER C 381 7.90 74.53 -33.85
C SER C 381 8.08 73.27 -34.67
N GLU C 382 7.54 72.17 -34.20
CA GLU C 382 7.68 70.88 -34.84
C GLU C 382 9.10 70.36 -34.80
N ARG C 383 9.90 70.94 -33.93
CA ARG C 383 11.29 70.55 -33.80
C ARG C 383 11.61 70.30 -32.35
N LEU C 384 12.28 69.18 -32.09
CA LEU C 384 12.62 68.76 -30.76
C LEU C 384 14.07 68.95 -30.59
N ILE C 385 14.47 69.83 -29.67
CA ILE C 385 15.86 70.21 -29.57
C ILE C 385 16.63 69.14 -28.85
N VAL C 386 17.77 68.79 -29.39
CA VAL C 386 18.64 67.85 -28.77
C VAL C 386 20.01 68.38 -28.75
N LYS C 387 20.50 68.56 -27.54
CA LYS C 387 21.84 68.99 -27.30
C LYS C 387 22.68 67.85 -26.71
N THR C 388 23.77 67.51 -27.40
CA THR C 388 24.57 66.35 -27.08
C THR C 388 25.72 66.71 -26.18
N PRO C 389 26.08 65.82 -25.29
CA PRO C 389 27.40 65.99 -24.61
C PRO C 389 28.59 66.04 -25.60
N LYS C 390 29.71 66.57 -25.12
CA LYS C 390 31.00 66.57 -25.82
C LYS C 390 31.27 65.21 -26.49
N GLY C 391 31.57 65.18 -27.77
CA GLY C 391 31.95 63.94 -28.44
C GLY C 391 30.83 63.06 -28.96
N ILE C 392 29.58 63.44 -28.74
CA ILE C 392 28.48 62.60 -29.13
C ILE C 392 27.76 63.16 -30.32
N THR C 393 27.42 62.30 -31.26
CA THR C 393 26.63 62.71 -32.39
C THR C 393 25.41 61.84 -32.48
N VAL C 394 24.49 62.27 -33.32
CA VAL C 394 23.26 61.57 -33.53
C VAL C 394 23.22 61.12 -34.98
N GLU C 395 23.29 59.80 -35.19
CA GLU C 395 23.39 59.23 -36.54
C GLU C 395 21.98 59.01 -37.07
N LYS C 396 21.02 58.73 -36.21
CA LYS C 396 19.67 58.40 -36.70
C LYS C 396 18.63 58.60 -35.63
N ALA C 397 17.41 58.82 -36.09
CA ALA C 397 16.26 58.86 -35.27
C ALA C 397 15.14 58.06 -35.88
N THR C 398 14.39 57.38 -35.00
CA THR C 398 13.33 56.49 -35.43
C THR C 398 12.15 56.52 -34.45
N LEU C 399 10.95 56.57 -34.97
CA LEU C 399 9.76 56.45 -34.15
C LEU C 399 9.60 55.00 -33.66
N LEU C 400 9.68 54.84 -32.34
CA LEU C 400 9.72 53.52 -31.71
C LEU C 400 8.58 52.60 -32.15
N THR C 401 7.37 53.12 -32.25
CA THR C 401 6.24 52.27 -32.54
C THR C 401 6.20 51.82 -34.00
N THR C 402 6.52 52.69 -34.95
CA THR C 402 6.40 52.35 -36.38
C THR C 402 7.71 52.04 -37.09
N GLY C 403 8.84 52.33 -36.47
CA GLY C 403 10.12 52.24 -37.20
C GLY C 403 10.30 53.32 -38.27
N GLU C 404 9.35 54.23 -38.48
CA GLU C 404 9.55 55.27 -39.49
C GLU C 404 10.75 56.15 -39.15
N ASP C 405 11.50 56.51 -40.17
CA ASP C 405 12.70 57.33 -40.01
C ASP C 405 12.26 58.76 -39.71
N ILE C 406 13.07 59.45 -38.89
CA ILE C 406 12.73 60.79 -38.44
C ILE C 406 13.89 61.68 -38.78
N THR C 407 13.60 62.80 -39.42
CA THR C 407 14.63 63.71 -39.83
C THR C 407 15.36 64.31 -38.65
N VAL C 408 16.69 64.34 -38.75
CA VAL C 408 17.55 65.00 -37.83
C VAL C 408 18.38 66.07 -38.55
N VAL C 409 18.28 67.33 -38.12
CA VAL C 409 19.03 68.42 -38.70
C VAL C 409 20.03 68.99 -37.70
N GLU C 410 21.30 69.09 -38.05
CA GLU C 410 22.24 69.75 -37.19
C GLU C 410 21.94 71.25 -37.22
N THR C 411 22.00 71.93 -36.09
CA THR C 411 21.75 73.37 -36.04
C THR C 411 23.00 74.10 -35.61
N THR C 412 23.77 73.50 -34.74
CA THR C 412 25.01 74.11 -34.32
C THR C 412 25.91 72.98 -33.83
N ARG C 413 27.14 73.29 -33.44
CA ARG C 413 28.02 72.29 -32.85
C ARG C 413 27.25 71.73 -31.65
N ASN C 414 27.05 70.43 -31.64
CA ASN C 414 26.44 69.75 -30.49
C ASN C 414 24.97 69.99 -30.30
N GLU C 415 24.27 70.36 -31.35
CA GLU C 415 22.86 70.49 -31.22
C GLU C 415 22.12 70.18 -32.51
N TYR C 416 20.95 69.57 -32.38
CA TYR C 416 20.12 69.17 -33.46
C TYR C 416 18.69 69.51 -33.24
N ASN C 417 17.96 69.61 -34.35
CA ASN C 417 16.52 69.58 -34.39
C ASN C 417 16.07 68.22 -34.91
N VAL C 418 15.39 67.47 -34.05
CA VAL C 418 14.77 66.23 -34.43
C VAL C 418 13.33 66.54 -34.72
N SER C 419 12.84 66.19 -35.90
CA SER C 419 11.48 66.53 -36.28
C SER C 419 10.49 65.69 -35.53
N VAL C 420 9.32 66.26 -35.30
CA VAL C 420 8.22 65.50 -34.77
C VAL C 420 7.74 64.56 -35.89
N PRO C 421 7.01 63.49 -35.52
CA PRO C 421 6.47 62.58 -36.52
C PRO C 421 5.53 63.30 -37.45
N LYS C 422 5.40 62.79 -38.69
CA LYS C 422 4.52 63.43 -39.68
C LYS C 422 3.08 63.41 -39.16
N LYS C 423 2.62 62.31 -38.55
CA LYS C 423 1.30 62.29 -37.85
C LYS C 423 1.55 62.44 -36.35
N ASN C 424 0.88 63.39 -35.72
CA ASN C 424 0.99 63.53 -34.27
C ASN C 424 0.50 62.26 -33.56
N PRO C 425 1.37 61.60 -32.78
CA PRO C 425 0.90 60.42 -32.09
C PRO C 425 -0.27 60.61 -31.11
N GLY C 426 -0.54 61.83 -30.66
CA GLY C 426 -1.69 62.09 -29.78
C GLY C 426 -1.54 61.56 -28.35
N GLU C 427 -0.33 61.19 -27.95
CA GLU C 427 -0.04 60.73 -26.60
C GLU C 427 1.46 60.86 -26.41
N PRO C 428 1.92 60.86 -25.15
CA PRO C 428 3.36 60.84 -25.01
C PRO C 428 3.97 59.68 -25.77
N TYR C 429 5.05 59.96 -26.48
CA TYR C 429 5.61 59.00 -27.44
C TYR C 429 7.10 58.98 -27.39
N VAL C 430 7.68 57.99 -28.07
CA VAL C 430 9.11 57.76 -27.95
C VAL C 430 9.77 57.82 -29.31
N ILE C 431 10.87 58.56 -29.37
CA ILE C 431 11.75 58.54 -30.54
C ILE C 431 13.04 57.92 -30.07
N GLN C 432 13.54 56.97 -30.84
CA GLN C 432 14.77 56.31 -30.48
C GLN C 432 15.86 56.85 -31.35
N LEU C 433 16.98 57.16 -30.70
CA LEU C 433 18.13 57.71 -31.34
C LEU C 433 19.26 56.68 -31.37
N LYS C 434 19.95 56.63 -32.51
CA LYS C 434 21.21 55.97 -32.61
C LYS C 434 22.24 57.04 -32.49
N VAL C 435 23.10 56.93 -31.49
CA VAL C 435 24.12 57.91 -31.27
C VAL C 435 25.47 57.26 -31.38
N ARG C 436 26.51 58.06 -31.61
CA ARG C 436 27.86 57.57 -31.76
C ARG C 436 28.76 58.46 -30.94
N ALA C 437 29.69 57.87 -30.20
CA ALA C 437 30.71 58.62 -29.45
C ALA C 437 32.00 58.72 -30.25
N ALA C 438 32.96 59.53 -29.77
CA ALA C 438 34.28 59.66 -30.40
C ALA C 438 35.37 58.89 -29.62
N LYS C 439 36.24 58.18 -30.35
CA LYS C 439 37.09 57.14 -29.78
C LYS C 439 38.23 57.69 -28.90
N ILE D 2 -18.62 -74.67 -18.62
CA ILE D 2 -19.64 -73.79 -19.28
C ILE D 2 -18.93 -72.57 -19.89
N PRO D 3 -19.47 -72.00 -21.00
CA PRO D 3 -18.96 -70.74 -21.58
C PRO D 3 -19.87 -69.53 -21.31
N LEU D 4 -19.26 -68.37 -21.06
CA LEU D 4 -20.02 -67.16 -20.68
C LEU D 4 -19.41 -65.89 -21.28
N LYS D 5 -20.28 -65.01 -21.74
CA LYS D 5 -19.87 -63.68 -22.21
C LYS D 5 -19.61 -62.73 -21.03
N TYR D 6 -20.38 -62.87 -19.95
CA TYR D 6 -20.37 -61.89 -18.84
C TYR D 6 -20.01 -62.51 -17.49
N GLY D 7 -19.09 -63.44 -17.50
CA GLY D 7 -18.68 -64.13 -16.29
C GLY D 7 -17.48 -63.45 -15.72
N ALA D 8 -16.66 -64.21 -14.99
CA ALA D 8 -15.51 -63.65 -14.29
C ALA D 8 -14.41 -63.25 -15.24
N THR D 9 -13.57 -62.30 -14.81
CA THR D 9 -12.48 -61.79 -15.64
C THR D 9 -11.11 -62.17 -15.05
N ASN D 10 -10.89 -61.81 -13.77
CA ASN D 10 -9.66 -62.20 -13.02
C ASN D 10 -9.43 -63.73 -12.91
N GLU D 11 -8.17 -64.15 -12.84
CA GLU D 11 -7.86 -65.58 -12.62
C GLU D 11 -7.95 -65.85 -11.12
N GLY D 12 -6.89 -65.53 -10.38
CA GLY D 12 -6.95 -65.57 -8.92
C GLY D 12 -7.08 -64.17 -8.34
N LYS D 13 -6.30 -63.86 -7.30
CA LYS D 13 -6.30 -62.52 -6.71
C LYS D 13 -5.48 -61.58 -7.56
N ARG D 14 -6.00 -60.38 -7.83
CA ARG D 14 -5.17 -59.34 -8.45
C ARG D 14 -3.97 -59.08 -7.58
N GLN D 15 -2.81 -58.91 -8.20
CA GLN D 15 -1.62 -58.54 -7.44
C GLN D 15 -0.98 -57.23 -7.91
N ASP D 16 -1.66 -56.47 -8.74
CA ASP D 16 -1.20 -55.13 -9.06
C ASP D 16 -1.09 -54.34 -7.77
N PRO D 17 -0.30 -53.26 -7.76
CA PRO D 17 -0.08 -52.54 -6.52
C PRO D 17 -1.31 -51.83 -5.99
N ALA D 18 -2.28 -51.54 -6.85
CA ALA D 18 -3.46 -50.86 -6.39
C ALA D 18 -4.30 -51.84 -5.55
N MET D 19 -4.36 -53.10 -5.96
CA MET D 19 -5.05 -54.13 -5.18
C MET D 19 -4.31 -54.49 -3.92
N GLN D 20 -3.00 -54.39 -3.91
CA GLN D 20 -2.26 -54.64 -2.69
C GLN D 20 -2.47 -53.55 -1.66
N LYS D 21 -2.72 -52.35 -2.12
CA LYS D 21 -2.98 -51.24 -1.25
C LYS D 21 -4.40 -51.38 -0.66
N PHE D 22 -5.34 -51.76 -1.51
CA PHE D 22 -6.70 -52.03 -1.09
C PHE D 22 -6.70 -53.07 0.05
N ARG D 23 -5.93 -54.11 -0.14
CA ARG D 23 -5.80 -55.22 0.79
C ARG D 23 -5.09 -54.83 2.07
N ASP D 24 -3.92 -54.24 1.94
CA ASP D 24 -3.06 -53.88 3.08
C ASP D 24 -3.69 -52.84 3.97
N ASN D 25 -4.49 -51.96 3.40
CA ASN D 25 -5.24 -51.04 4.19
C ASN D 25 -5.98 -51.74 5.36
N ARG D 26 -6.68 -52.85 5.03
CA ARG D 26 -7.44 -53.75 5.93
C ARG D 26 -8.62 -53.14 6.65
N LEU D 27 -8.41 -52.01 7.31
CA LEU D 27 -9.46 -51.37 8.05
C LEU D 27 -10.01 -50.10 7.39
N GLY D 28 -11.33 -50.06 7.22
CA GLY D 28 -12.00 -48.94 6.61
C GLY D 28 -13.16 -48.45 7.41
N ALA D 29 -13.66 -47.26 7.09
CA ALA D 29 -14.90 -46.76 7.62
C ALA D 29 -15.93 -46.61 6.50
N PHE D 30 -17.20 -46.74 6.87
CA PHE D 30 -18.30 -46.58 5.99
C PHE D 30 -19.02 -45.33 6.44
N ILE D 31 -19.46 -44.50 5.51
CA ILE D 31 -20.27 -43.35 5.85
C ILE D 31 -21.59 -43.45 5.11
N HIS D 32 -22.68 -43.45 5.84
CA HIS D 32 -24.02 -43.39 5.27
C HIS D 32 -24.62 -42.05 5.65
N TRP D 33 -24.74 -41.19 4.64
CA TRP D 33 -25.32 -39.85 4.82
C TRP D 33 -26.20 -39.50 3.64
N GLY D 34 -27.40 -39.07 3.96
CA GLY D 34 -28.40 -38.80 2.96
C GLY D 34 -29.57 -38.18 3.66
N LEU D 35 -30.67 -38.03 2.94
CA LEU D 35 -31.82 -37.30 3.49
C LEU D 35 -32.42 -38.04 4.66
N TYR D 36 -32.29 -39.38 4.67
CA TYR D 36 -32.74 -40.22 5.82
C TYR D 36 -32.18 -39.74 7.18
N ALA D 37 -31.06 -39.04 7.16
CA ALA D 37 -30.56 -38.44 8.41
C ALA D 37 -31.45 -37.38 9.05
N ILE D 38 -32.31 -36.74 8.26
CA ILE D 38 -33.16 -35.67 8.81
C ILE D 38 -34.29 -36.20 9.68
N PRO D 39 -35.18 -37.04 9.12
CA PRO D 39 -36.15 -37.67 10.02
C PRO D 39 -35.55 -38.62 11.11
N GLY D 40 -34.37 -39.21 10.86
CA GLY D 40 -33.68 -40.09 11.82
C GLY D 40 -34.51 -41.28 12.31
N GLY D 41 -35.21 -41.93 11.39
CA GLY D 41 -36.05 -43.07 11.73
C GLY D 41 -37.47 -42.75 12.14
N GLU D 42 -37.82 -41.48 12.23
CA GLU D 42 -39.16 -41.07 12.67
C GLU D 42 -39.92 -40.36 11.58
N TRP D 43 -41.16 -40.78 11.37
CA TRP D 43 -42.02 -40.16 10.39
C TRP D 43 -43.45 -40.00 10.90
N ASN D 44 -43.93 -38.76 10.85
CA ASN D 44 -45.28 -38.43 11.30
C ASN D 44 -45.46 -38.86 12.74
N GLY D 45 -44.45 -38.63 13.56
CA GLY D 45 -44.54 -39.03 14.95
C GLY D 45 -44.35 -40.52 15.29
N LYS D 46 -44.41 -41.45 14.33
CA LYS D 46 -44.03 -42.85 14.59
C LYS D 46 -42.52 -43.04 14.39
N VAL D 47 -41.85 -43.57 15.42
CA VAL D 47 -40.43 -43.95 15.36
C VAL D 47 -40.37 -45.37 14.89
N TYR D 48 -39.82 -45.63 13.71
CA TYR D 48 -39.71 -46.96 13.18
C TYR D 48 -38.35 -47.64 13.55
N GLY D 49 -38.41 -48.95 13.82
CA GLY D 49 -37.28 -49.69 14.38
C GLY D 49 -36.38 -50.25 13.31
N GLY D 50 -36.89 -50.39 12.09
CA GLY D 50 -36.06 -50.76 10.95
C GLY D 50 -34.94 -49.76 10.64
N ALA D 51 -34.06 -50.15 9.72
CA ALA D 51 -32.92 -49.33 9.34
C ALA D 51 -33.37 -47.93 8.90
N ALA D 52 -32.86 -46.90 9.57
CA ALA D 52 -33.26 -45.51 9.27
C ALA D 52 -33.11 -45.14 7.81
N GLU D 53 -32.12 -45.68 7.12
CA GLU D 53 -31.94 -45.32 5.72
C GLU D 53 -33.03 -45.89 4.79
N TRP D 54 -33.89 -46.72 5.37
CA TRP D 54 -34.99 -47.34 4.64
C TRP D 54 -36.32 -46.79 5.12
N LEU D 55 -36.31 -45.74 5.94
CA LEU D 55 -37.53 -45.14 6.44
C LEU D 55 -38.55 -44.84 5.35
N LYS D 56 -38.10 -44.41 4.18
CA LYS D 56 -39.01 -44.14 3.08
C LYS D 56 -39.90 -45.35 2.84
N SER D 57 -39.31 -46.53 2.98
CA SER D 57 -40.04 -47.77 2.78
C SER D 57 -40.92 -48.10 3.97
N TRP D 58 -40.38 -48.04 5.18
CA TRP D 58 -41.16 -48.41 6.35
C TRP D 58 -42.40 -47.54 6.54
N ALA D 59 -42.27 -46.25 6.24
CA ALA D 59 -43.38 -45.32 6.44
C ALA D 59 -44.12 -45.08 5.13
N LYS D 60 -43.86 -45.92 4.10
CA LYS D 60 -44.58 -45.89 2.84
C LYS D 60 -44.71 -44.44 2.32
N VAL D 61 -43.59 -43.73 2.25
CA VAL D 61 -43.56 -42.32 1.88
C VAL D 61 -43.31 -42.21 0.38
N PRO D 62 -44.17 -41.48 -0.36
CA PRO D 62 -43.99 -41.38 -1.81
C PRO D 62 -42.79 -40.48 -2.17
N ALA D 63 -42.20 -40.72 -3.34
CA ALA D 63 -40.98 -40.02 -3.75
C ALA D 63 -41.09 -38.47 -3.61
N ASP D 64 -42.07 -37.87 -4.29
CA ASP D 64 -42.32 -36.43 -4.24
C ASP D 64 -42.18 -35.93 -2.81
N GLU D 65 -42.85 -36.58 -1.87
CA GLU D 65 -42.88 -36.11 -0.47
C GLU D 65 -41.57 -36.38 0.32
N TRP D 66 -40.91 -37.51 0.03
CA TRP D 66 -39.61 -37.84 0.66
C TRP D 66 -38.53 -36.86 0.24
N LEU D 67 -38.43 -36.64 -1.06
CA LEU D 67 -37.41 -35.75 -1.60
C LEU D 67 -37.58 -34.25 -1.20
N LYS D 68 -38.78 -33.84 -0.80
CA LYS D 68 -38.99 -32.54 -0.15
C LYS D 68 -38.09 -32.31 1.07
N LEU D 69 -37.53 -33.37 1.63
CA LEU D 69 -36.52 -33.25 2.71
C LEU D 69 -35.30 -32.42 2.31
N MET D 70 -34.96 -32.45 1.02
CA MET D 70 -33.99 -31.53 0.43
C MET D 70 -34.10 -30.08 0.90
N ASP D 71 -35.32 -29.58 1.10
CA ASP D 71 -35.52 -28.22 1.61
C ASP D 71 -34.92 -28.02 2.99
N GLN D 72 -34.74 -29.11 3.74
CA GLN D 72 -34.17 -29.01 5.09
C GLN D 72 -32.73 -29.46 5.15
N TRP D 73 -32.14 -29.78 4.01
CA TRP D 73 -30.77 -30.23 4.01
C TRP D 73 -29.86 -29.03 4.15
N ASN D 74 -29.37 -28.82 5.36
CA ASN D 74 -28.47 -27.73 5.65
C ASN D 74 -27.52 -28.08 6.81
N PRO D 75 -26.54 -28.95 6.55
CA PRO D 75 -25.65 -29.43 7.62
C PRO D 75 -24.63 -28.37 7.98
N THR D 76 -25.00 -27.48 8.90
CA THR D 76 -24.18 -26.33 9.22
C THR D 76 -22.91 -26.70 9.96
N LYS D 77 -22.94 -27.79 10.74
CA LYS D 77 -21.73 -28.25 11.46
C LYS D 77 -20.80 -29.08 10.60
N PHE D 78 -21.17 -29.34 9.35
CA PHE D 78 -20.30 -30.14 8.51
C PHE D 78 -18.95 -29.51 8.31
N ASP D 79 -17.89 -30.30 8.45
CA ASP D 79 -16.52 -29.85 8.20
C ASP D 79 -15.67 -31.04 7.74
N ALA D 80 -15.40 -31.08 6.46
CA ALA D 80 -14.76 -32.23 5.88
C ALA D 80 -13.43 -32.55 6.52
N LYS D 81 -12.68 -31.53 6.91
CA LYS D 81 -11.37 -31.70 7.53
C LYS D 81 -11.51 -32.35 8.90
N LYS D 82 -12.55 -32.01 9.65
CA LYS D 82 -12.78 -32.64 10.95
C LYS D 82 -13.10 -34.14 10.76
N TRP D 83 -13.90 -34.45 9.74
CA TRP D 83 -14.24 -35.84 9.42
C TRP D 83 -12.98 -36.63 9.15
N ALA D 84 -12.10 -36.06 8.35
CA ALA D 84 -10.88 -36.76 7.94
C ALA D 84 -9.95 -36.98 9.11
N LYS D 85 -9.92 -36.02 10.03
CA LYS D 85 -9.10 -36.14 11.22
C LYS D 85 -9.67 -37.30 12.06
N MET D 86 -11.00 -37.37 12.14
CA MET D 86 -11.63 -38.40 12.94
C MET D 86 -11.28 -39.81 12.39
N ALA D 87 -11.35 -39.96 11.07
CA ALA D 87 -10.94 -41.22 10.42
C ALA D 87 -9.48 -41.56 10.61
N LYS D 88 -8.63 -40.55 10.59
CA LYS D 88 -7.20 -40.73 10.87
C LYS D 88 -6.94 -41.22 12.29
N GLU D 89 -7.56 -40.58 13.28
CA GLU D 89 -7.43 -40.97 14.71
C GLU D 89 -8.00 -42.36 15.00
N MET D 90 -8.98 -42.79 14.21
CA MET D 90 -9.52 -44.15 14.32
C MET D 90 -8.58 -45.24 13.79
N GLY D 91 -7.71 -44.86 12.84
CA GLY D 91 -6.77 -45.81 12.25
C GLY D 91 -7.28 -46.41 10.95
N THR D 92 -8.35 -45.84 10.40
CA THR D 92 -8.86 -46.29 9.13
C THR D 92 -7.96 -45.78 8.02
N LYS D 93 -7.70 -46.64 7.05
CA LYS D 93 -6.89 -46.32 5.90
C LYS D 93 -7.74 -45.96 4.70
N TYR D 94 -9.04 -46.20 4.78
CA TYR D 94 -9.95 -45.82 3.73
C TYR D 94 -11.30 -45.58 4.24
N VAL D 95 -12.09 -44.91 3.43
CA VAL D 95 -13.47 -44.58 3.75
C VAL D 95 -14.32 -44.85 2.51
N LYS D 96 -15.47 -45.50 2.71
CA LYS D 96 -16.42 -45.76 1.66
C LYS D 96 -17.58 -44.87 1.94
N ILE D 97 -17.99 -44.09 0.95
CA ILE D 97 -19.00 -43.06 1.15
C ILE D 97 -20.19 -43.34 0.29
N THR D 98 -21.39 -43.14 0.83
CA THR D 98 -22.60 -43.19 0.04
C THR D 98 -22.70 -41.99 -0.91
N THR D 99 -22.30 -42.19 -2.15
CA THR D 99 -22.56 -41.15 -3.18
C THR D 99 -24.04 -40.92 -3.41
N LYS D 100 -24.80 -42.01 -3.41
CA LYS D 100 -26.25 -42.01 -3.63
C LYS D 100 -26.82 -43.31 -3.03
N HIS D 101 -27.76 -43.21 -2.09
CA HIS D 101 -28.40 -44.40 -1.55
C HIS D 101 -29.70 -44.69 -2.38
N HIS D 102 -30.57 -45.57 -1.89
CA HIS D 102 -31.72 -46.01 -2.65
C HIS D 102 -32.67 -44.84 -2.91
N GLU D 103 -32.75 -43.93 -1.95
CA GLU D 103 -33.56 -42.72 -2.08
C GLU D 103 -33.22 -41.94 -3.35
N GLY D 104 -31.98 -42.06 -3.83
CA GLY D 104 -31.58 -41.39 -5.07
C GLY D 104 -31.01 -39.96 -4.91
N PHE D 105 -31.01 -39.41 -3.69
CA PHE D 105 -30.38 -38.12 -3.40
C PHE D 105 -28.87 -38.21 -3.50
N CYS D 106 -28.30 -37.39 -4.38
CA CYS D 106 -26.87 -37.46 -4.69
C CYS D 106 -26.05 -36.45 -3.87
N LEU D 107 -24.94 -36.92 -3.31
CA LEU D 107 -24.09 -36.04 -2.48
C LEU D 107 -23.13 -35.19 -3.28
N TRP D 108 -23.15 -35.38 -4.59
CA TRP D 108 -22.40 -34.54 -5.52
C TRP D 108 -23.42 -33.88 -6.47
N PRO D 109 -23.03 -32.77 -7.13
CA PRO D 109 -24.01 -32.06 -7.94
C PRO D 109 -24.24 -32.71 -9.32
N SER D 110 -24.92 -33.85 -9.38
CA SER D 110 -25.09 -34.52 -10.66
C SER D 110 -25.83 -33.61 -11.60
N LYS D 111 -25.46 -33.67 -12.87
CA LYS D 111 -26.19 -32.94 -13.91
C LYS D 111 -27.41 -33.79 -14.38
N TYR D 112 -27.53 -35.04 -13.91
CA TYR D 112 -28.52 -35.97 -14.48
C TYR D 112 -29.77 -36.16 -13.69
N THR D 113 -29.92 -35.36 -12.64
CA THR D 113 -31.13 -35.34 -11.87
C THR D 113 -31.11 -34.05 -11.12
N LYS D 114 -32.30 -33.58 -10.75
CA LYS D 114 -32.42 -32.44 -9.85
C LYS D 114 -32.27 -32.82 -8.35
N TYR D 115 -32.19 -34.11 -8.04
CA TYR D 115 -32.19 -34.55 -6.64
C TYR D 115 -30.74 -34.67 -6.15
N THR D 116 -30.12 -33.51 -5.94
CA THR D 116 -28.68 -33.43 -5.61
C THR D 116 -28.47 -32.32 -4.59
N VAL D 117 -27.32 -32.39 -3.95
CA VAL D 117 -26.93 -31.43 -2.91
C VAL D 117 -26.94 -29.94 -3.40
N ALA D 118 -26.77 -29.75 -4.70
CA ALA D 118 -26.84 -28.42 -5.33
C ALA D 118 -28.21 -27.74 -5.11
N ASN D 119 -29.30 -28.49 -5.10
CA ASN D 119 -30.61 -27.88 -4.97
C ASN D 119 -31.09 -27.90 -3.57
N THR D 120 -30.17 -27.74 -2.63
CA THR D 120 -30.52 -27.67 -1.21
C THR D 120 -30.02 -26.35 -0.72
N PRO D 121 -30.56 -25.88 0.40
CA PRO D 121 -30.01 -24.68 1.00
C PRO D 121 -28.49 -24.71 1.13
N TYR D 122 -27.91 -25.87 1.42
CA TYR D 122 -26.46 -25.96 1.66
C TYR D 122 -25.66 -25.79 0.37
N LYS D 123 -26.17 -26.34 -0.72
CA LYS D 123 -25.69 -26.07 -2.09
C LYS D 123 -24.38 -26.76 -2.40
N ARG D 124 -23.53 -26.92 -1.40
CA ARG D 124 -22.14 -27.29 -1.70
C ARG D 124 -21.94 -28.76 -2.05
N ASP D 125 -20.87 -29.04 -2.77
CA ASP D 125 -20.50 -30.38 -3.17
C ASP D 125 -19.85 -31.16 -2.00
N ILE D 126 -20.69 -31.76 -1.17
CA ILE D 126 -20.24 -32.54 0.00
C ILE D 126 -19.22 -33.60 -0.40
N LEU D 127 -19.53 -34.34 -1.44
CA LEU D 127 -18.70 -35.44 -1.82
C LEU D 127 -17.31 -34.97 -2.19
N GLY D 128 -17.24 -33.92 -3.02
CA GLY D 128 -15.95 -33.37 -3.46
C GLY D 128 -15.14 -32.85 -2.27
N GLU D 129 -15.79 -32.17 -1.34
CA GLU D 129 -15.09 -31.73 -0.13
C GLU D 129 -14.50 -32.93 0.63
N LEU D 130 -15.29 -34.01 0.79
CA LEU D 130 -14.80 -35.20 1.49
C LEU D 130 -13.62 -35.81 0.80
N VAL D 131 -13.72 -35.96 -0.51
CA VAL D 131 -12.64 -36.62 -1.27
C VAL D 131 -11.32 -35.90 -1.05
N LYS D 132 -11.37 -34.57 -1.14
CA LYS D 132 -10.16 -33.75 -0.96
C LYS D 132 -9.60 -33.92 0.46
N ALA D 133 -10.47 -33.82 1.46
CA ALA D 133 -10.02 -33.83 2.84
C ALA D 133 -9.48 -35.18 3.26
N TYR D 134 -10.11 -36.25 2.78
CA TYR D 134 -9.61 -37.58 3.11
C TYR D 134 -8.30 -37.80 2.43
N ASN D 135 -8.25 -37.50 1.15
CA ASN D 135 -7.02 -37.69 0.38
C ASN D 135 -5.87 -36.90 1.01
N ASP D 136 -6.17 -35.70 1.49
CA ASP D 136 -5.17 -34.89 2.20
C ASP D 136 -4.61 -35.57 3.43
N GLU D 137 -5.38 -36.45 4.08
CA GLU D 137 -4.86 -37.19 5.23
C GLU D 137 -4.18 -38.47 4.84
N GLY D 138 -4.05 -38.73 3.55
CA GLY D 138 -3.49 -40.04 3.08
C GLY D 138 -4.49 -41.21 3.16
N ILE D 139 -5.79 -40.92 3.13
CA ILE D 139 -6.83 -41.91 3.26
C ILE D 139 -7.46 -42.10 1.89
N ASP D 140 -7.49 -43.34 1.42
CA ASP D 140 -8.15 -43.66 0.15
C ASP D 140 -9.64 -43.52 0.23
N VAL D 141 -10.26 -43.23 -0.92
CA VAL D 141 -11.71 -43.02 -0.95
C VAL D 141 -12.36 -43.96 -1.91
N HIS D 142 -13.44 -44.61 -1.43
CA HIS D 142 -14.21 -45.60 -2.21
C HIS D 142 -15.61 -45.08 -2.26
N PHE D 143 -16.31 -45.38 -3.34
CA PHE D 143 -17.66 -44.85 -3.57
C PHE D 143 -18.71 -45.95 -3.49
N TYR D 144 -19.65 -45.78 -2.58
CA TYR D 144 -20.83 -46.59 -2.51
C TYR D 144 -21.82 -46.00 -3.49
N PHE D 145 -22.48 -46.87 -4.27
CA PHE D 145 -23.47 -46.47 -5.27
C PHE D 145 -24.65 -47.44 -5.34
N SER D 146 -25.85 -46.98 -5.01
CA SER D 146 -27.01 -47.82 -5.11
C SER D 146 -27.59 -47.76 -6.52
N VAL D 147 -27.59 -48.91 -7.20
CA VAL D 147 -28.20 -48.98 -8.52
C VAL D 147 -29.68 -48.72 -8.41
N MET D 148 -30.35 -49.48 -7.59
CA MET D 148 -31.73 -49.21 -7.31
C MET D 148 -31.91 -47.75 -6.89
N ASP D 149 -32.88 -47.08 -7.49
CA ASP D 149 -33.10 -45.66 -7.29
C ASP D 149 -34.58 -45.40 -7.21
N TRP D 150 -35.06 -45.14 -6.00
CA TRP D 150 -36.46 -44.84 -5.77
C TRP D 150 -36.92 -43.45 -6.27
N SER D 151 -35.99 -42.63 -6.76
CA SER D 151 -36.31 -41.26 -7.17
C SER D 151 -36.54 -41.16 -8.67
N ASN D 152 -36.10 -42.19 -9.39
CA ASN D 152 -36.28 -42.23 -10.82
C ASN D 152 -37.34 -43.29 -11.20
N PRO D 153 -38.49 -42.87 -11.77
CA PRO D 153 -39.56 -43.84 -12.06
C PRO D 153 -39.33 -44.70 -13.33
N ASP D 154 -38.20 -44.52 -14.03
CA ASP D 154 -37.76 -45.51 -15.01
C ASP D 154 -37.21 -46.77 -14.33
N TYR D 155 -37.05 -46.75 -13.01
CA TYR D 155 -36.55 -47.92 -12.33
C TYR D 155 -37.61 -49.03 -12.39
N ARG D 156 -37.14 -50.25 -12.69
CA ARG D 156 -37.99 -51.45 -12.66
C ARG D 156 -37.41 -52.58 -11.77
N TYR D 157 -38.26 -53.13 -10.91
CA TYR D 157 -37.93 -54.31 -10.10
C TYR D 157 -37.80 -55.56 -10.95
N ASP D 158 -38.68 -55.69 -11.95
CA ASP D 158 -38.58 -56.78 -12.91
C ASP D 158 -39.02 -56.33 -14.29
N ILE D 159 -38.57 -57.07 -15.29
CA ILE D 159 -38.92 -56.85 -16.69
C ILE D 159 -40.11 -57.78 -17.04
N LYS D 160 -41.34 -57.31 -16.78
CA LYS D 160 -42.55 -58.10 -17.10
C LYS D 160 -43.24 -57.61 -18.41
N SER D 161 -42.60 -56.75 -19.21
CA SER D 161 -43.16 -56.25 -20.50
C SER D 161 -42.08 -55.62 -21.41
N LYS D 162 -42.47 -55.13 -22.58
CA LYS D 162 -41.57 -54.37 -23.44
C LYS D 162 -41.52 -52.89 -22.98
N GLU D 163 -42.62 -52.37 -22.40
CA GLU D 163 -42.64 -51.02 -21.81
C GLU D 163 -41.62 -50.97 -20.65
N ASP D 164 -41.78 -51.89 -19.70
CA ASP D 164 -40.79 -52.15 -18.66
C ASP D 164 -39.35 -52.19 -19.20
N SER D 165 -39.12 -52.98 -20.24
CA SER D 165 -37.76 -53.12 -20.77
C SER D 165 -37.22 -51.83 -21.44
N ILE D 166 -38.13 -51.05 -22.02
CA ILE D 166 -37.79 -49.78 -22.66
C ILE D 166 -37.34 -48.80 -21.57
N ALA D 167 -38.20 -48.62 -20.57
CA ALA D 167 -37.94 -47.75 -19.40
C ALA D 167 -36.62 -48.10 -18.69
N PHE D 168 -36.40 -49.39 -18.49
CA PHE D 168 -35.23 -49.83 -17.79
C PHE D 168 -33.99 -49.57 -18.60
N SER D 169 -34.04 -49.71 -19.92
CA SER D 169 -32.80 -49.44 -20.68
C SER D 169 -32.44 -47.94 -20.56
N ARG D 170 -33.45 -47.07 -20.45
CA ARG D 170 -33.25 -45.63 -20.15
C ARG D 170 -32.54 -45.46 -18.77
N PHE D 171 -33.14 -46.08 -17.75
CA PHE D 171 -32.56 -46.15 -16.42
C PHE D 171 -31.08 -46.58 -16.39
N LEU D 172 -30.70 -47.62 -17.14
CA LEU D 172 -29.30 -48.03 -17.21
C LEU D 172 -28.40 -47.01 -17.89
N GLU D 173 -28.94 -46.21 -18.81
CA GLU D 173 -28.15 -45.15 -19.47
C GLU D 173 -27.88 -44.04 -18.47
N PHE D 174 -28.94 -43.62 -17.78
CA PHE D 174 -28.89 -42.66 -16.67
C PHE D 174 -27.89 -43.08 -15.61
N THR D 175 -27.96 -44.34 -15.21
CA THR D 175 -27.03 -44.86 -14.24
C THR D 175 -25.61 -44.75 -14.78
N ASP D 176 -25.40 -45.23 -15.99
CA ASP D 176 -24.11 -45.11 -16.64
C ASP D 176 -23.60 -43.66 -16.60
N ASN D 177 -24.49 -42.72 -16.87
CA ASN D 177 -24.10 -41.31 -16.89
C ASN D 177 -23.61 -40.84 -15.52
N GLN D 178 -24.34 -41.19 -14.48
CA GLN D 178 -23.93 -40.87 -13.13
C GLN D 178 -22.60 -41.47 -12.77
N LEU D 179 -22.38 -42.72 -13.14
CA LEU D 179 -21.09 -43.35 -12.85
C LEU D 179 -19.92 -42.67 -13.55
N LYS D 180 -20.11 -42.37 -14.84
CA LYS D 180 -19.11 -41.67 -15.64
C LYS D 180 -18.76 -40.33 -14.96
N GLU D 181 -19.80 -39.59 -14.61
CA GLU D 181 -19.69 -38.34 -13.88
C GLU D 181 -18.80 -38.50 -12.61
N LEU D 182 -19.10 -39.51 -11.78
CA LEU D 182 -18.33 -39.76 -10.57
C LEU D 182 -16.90 -40.14 -10.86
N ALA D 183 -16.69 -41.01 -11.83
CA ALA D 183 -15.33 -41.41 -12.14
C ALA D 183 -14.47 -40.24 -12.62
N THR D 184 -15.08 -39.25 -13.27
CA THR D 184 -14.30 -38.19 -13.91
C THR D 184 -14.24 -36.95 -13.05
N ARG D 185 -15.30 -36.66 -12.32
CA ARG D 185 -15.24 -35.57 -11.37
C ARG D 185 -14.31 -35.85 -10.21
N TYR D 186 -14.13 -37.11 -9.84
CA TYR D 186 -13.33 -37.46 -8.66
C TYR D 186 -12.40 -38.59 -9.01
N PRO D 187 -11.45 -38.32 -9.91
CA PRO D 187 -10.53 -39.36 -10.38
C PRO D 187 -9.62 -40.05 -9.35
N THR D 188 -9.55 -39.56 -8.12
CA THR D 188 -8.74 -40.29 -7.11
C THR D 188 -9.45 -41.52 -6.48
N VAL D 189 -10.68 -41.75 -6.90
CA VAL D 189 -11.49 -42.83 -6.33
C VAL D 189 -10.77 -44.13 -6.56
N LYS D 190 -10.71 -44.98 -5.53
CA LYS D 190 -10.06 -46.30 -5.65
C LYS D 190 -11.00 -47.51 -5.81
N ASP D 191 -12.30 -47.31 -5.60
CA ASP D 191 -13.20 -48.42 -5.59
C ASP D 191 -14.60 -47.95 -5.74
N PHE D 192 -15.39 -48.78 -6.40
CA PHE D 192 -16.83 -48.58 -6.44
C PHE D 192 -17.48 -49.79 -5.80
N TRP D 193 -18.36 -49.53 -4.86
CA TRP D 193 -19.03 -50.58 -4.13
C TRP D 193 -20.50 -50.46 -4.42
N PHE D 194 -20.99 -51.37 -5.29
CA PHE D 194 -22.39 -51.36 -5.70
C PHE D 194 -23.33 -52.10 -4.74
N ASP D 195 -24.51 -51.52 -4.56
CA ASP D 195 -25.56 -52.04 -3.73
C ASP D 195 -26.88 -51.87 -4.52
N GLY D 196 -27.97 -52.46 -4.03
CA GLY D 196 -29.27 -52.35 -4.68
C GLY D 196 -29.26 -53.01 -6.05
N THR D 197 -28.51 -54.12 -6.17
CA THR D 197 -28.38 -54.85 -7.41
C THR D 197 -29.06 -56.23 -7.34
N TRP D 198 -29.98 -56.41 -6.41
CA TRP D 198 -30.55 -57.73 -6.15
C TRP D 198 -31.80 -58.02 -6.98
N ASP D 199 -32.46 -56.98 -7.46
CA ASP D 199 -33.68 -57.17 -8.22
C ASP D 199 -33.49 -57.99 -9.51
N ALA D 200 -34.57 -58.66 -9.90
CA ALA D 200 -34.59 -59.49 -11.12
C ALA D 200 -34.22 -58.67 -12.36
N SER D 201 -34.69 -57.42 -12.39
CA SER D 201 -34.33 -56.45 -13.45
C SER D 201 -32.85 -56.44 -13.70
N VAL D 202 -32.06 -56.48 -12.64
CA VAL D 202 -30.62 -56.53 -12.80
C VAL D 202 -30.09 -57.93 -13.08
N LYS D 203 -30.58 -58.94 -12.34
CA LYS D 203 -30.19 -60.34 -12.63
C LYS D 203 -30.35 -60.65 -14.13
N LYS D 204 -31.45 -60.17 -14.70
CA LYS D 204 -31.74 -60.35 -16.13
C LYS D 204 -30.79 -59.56 -17.05
N ASN D 205 -30.02 -58.61 -16.53
CA ASN D 205 -29.13 -57.83 -17.38
C ASN D 205 -27.65 -57.94 -17.05
N GLY D 206 -27.19 -59.16 -16.88
CA GLY D 206 -25.80 -59.41 -16.56
C GLY D 206 -24.84 -58.58 -17.37
N TRP D 207 -25.11 -58.51 -18.67
CA TRP D 207 -24.24 -57.82 -19.62
C TRP D 207 -23.91 -56.38 -19.12
N TRP D 208 -24.92 -55.70 -18.60
CA TRP D 208 -24.76 -54.35 -18.13
C TRP D 208 -23.79 -54.28 -16.96
N THR D 209 -23.84 -55.29 -16.09
CA THR D 209 -22.99 -55.30 -14.92
C THR D 209 -21.56 -55.42 -15.37
N ALA D 210 -21.32 -56.27 -16.34
CA ALA D 210 -19.96 -56.46 -16.83
C ALA D 210 -19.49 -55.22 -17.59
N HIS D 211 -20.43 -54.58 -18.27
CA HIS D 211 -20.11 -53.37 -19.03
C HIS D 211 -19.66 -52.28 -18.06
N ALA D 212 -20.51 -52.04 -17.05
CA ALA D 212 -20.25 -51.07 -15.99
C ALA D 212 -18.87 -51.28 -15.36
N GLU D 213 -18.49 -52.53 -15.18
CA GLU D 213 -17.19 -52.83 -14.62
C GLU D 213 -16.07 -52.41 -15.54
N GLN D 214 -16.12 -52.90 -16.80
CA GLN D 214 -15.09 -52.59 -17.81
C GLN D 214 -15.06 -51.06 -18.04
N MET D 215 -16.24 -50.44 -18.17
CA MET D 215 -16.36 -48.99 -18.30
C MET D 215 -15.62 -48.21 -17.20
N LEU D 216 -15.76 -48.65 -15.94
CA LEU D 216 -15.16 -47.91 -14.83
C LEU D 216 -13.71 -48.17 -14.73
N LYS D 217 -13.31 -49.39 -15.07
CA LYS D 217 -11.87 -49.67 -15.12
C LYS D 217 -11.14 -48.93 -16.24
N GLU D 218 -11.85 -48.65 -17.37
CA GLU D 218 -11.28 -47.81 -18.45
C GLU D 218 -11.05 -46.40 -17.93
N LEU D 219 -12.06 -45.84 -17.26
CA LEU D 219 -11.96 -44.51 -16.75
C LEU D 219 -11.03 -44.32 -15.56
N VAL D 220 -10.87 -45.33 -14.71
CA VAL D 220 -10.08 -45.15 -13.49
C VAL D 220 -9.07 -46.26 -13.38
N PRO D 221 -7.85 -45.98 -13.81
CA PRO D 221 -6.87 -47.07 -13.77
C PRO D 221 -6.73 -47.68 -12.38
N GLY D 222 -6.86 -48.99 -12.28
CA GLY D 222 -6.54 -49.74 -11.06
C GLY D 222 -7.70 -49.83 -10.09
N VAL D 223 -8.85 -49.25 -10.46
CA VAL D 223 -10.01 -49.16 -9.59
C VAL D 223 -10.49 -50.56 -9.23
N ALA D 224 -11.01 -50.74 -8.01
CA ALA D 224 -11.60 -52.02 -7.57
C ALA D 224 -13.11 -51.96 -7.63
N ILE D 225 -13.68 -53.11 -7.95
CA ILE D 225 -15.13 -53.23 -8.14
C ILE D 225 -15.62 -54.45 -7.34
N ASN D 226 -16.70 -54.26 -6.56
CA ASN D 226 -17.16 -55.33 -5.69
C ASN D 226 -17.96 -56.37 -6.44
N SER D 227 -17.98 -57.57 -5.89
CA SER D 227 -18.71 -58.69 -6.45
C SER D 227 -20.20 -58.43 -6.54
N ARG D 228 -20.73 -57.61 -5.64
CA ARG D 228 -22.18 -57.41 -5.57
C ARG D 228 -22.81 -56.76 -6.82
N LEU D 229 -21.97 -56.09 -7.60
CA LEU D 229 -22.44 -55.48 -8.84
C LEU D 229 -22.92 -56.56 -9.79
N ARG D 230 -22.19 -57.66 -9.78
CA ARG D 230 -22.08 -58.51 -10.91
C ARG D 230 -23.11 -59.66 -10.93
N ALA D 231 -23.64 -59.86 -12.13
CA ALA D 231 -24.44 -61.03 -12.47
C ALA D 231 -23.90 -61.53 -13.80
N ASP D 232 -23.97 -62.84 -14.02
CA ASP D 232 -23.50 -63.40 -15.29
C ASP D 232 -24.65 -63.58 -16.33
N ASP D 233 -24.29 -64.23 -17.45
CA ASP D 233 -25.21 -64.50 -18.56
C ASP D 233 -26.45 -65.20 -18.03
N LYS D 234 -26.26 -66.18 -17.14
CA LYS D 234 -27.37 -66.96 -16.58
C LYS D 234 -28.10 -66.26 -15.41
N GLY D 235 -27.57 -65.14 -14.91
CA GLY D 235 -28.23 -64.40 -13.80
C GLY D 235 -27.74 -64.79 -12.41
N LYS D 236 -26.63 -65.55 -12.36
CA LYS D 236 -25.95 -65.90 -11.12
C LYS D 236 -25.12 -64.68 -10.60
N ARG D 237 -25.39 -64.26 -9.36
CA ARG D 237 -24.77 -63.10 -8.74
C ARG D 237 -23.50 -63.44 -7.94
N HIS D 238 -22.54 -62.52 -7.89
CA HIS D 238 -21.25 -62.66 -7.16
C HIS D 238 -20.26 -63.65 -7.76
N PHE D 239 -20.68 -64.90 -7.81
CA PHE D 239 -19.85 -65.95 -8.42
C PHE D 239 -20.61 -66.39 -9.66
N ASP D 240 -19.90 -66.58 -10.76
CA ASP D 240 -20.57 -66.93 -12.02
C ASP D 240 -20.93 -68.41 -12.02
N SER D 241 -21.51 -68.86 -13.12
CA SER D 241 -21.99 -70.24 -13.27
C SER D 241 -20.87 -71.30 -13.27
N ASN D 242 -19.62 -70.90 -13.47
CA ASN D 242 -18.46 -71.78 -13.21
C ASN D 242 -17.92 -71.60 -11.80
N GLY D 243 -18.71 -70.96 -10.94
CA GLY D 243 -18.29 -70.67 -9.57
C GLY D 243 -17.03 -69.85 -9.47
N ARG D 244 -16.78 -69.01 -10.47
CA ARG D 244 -15.61 -68.18 -10.45
C ARG D 244 -16.11 -66.81 -9.95
N LEU D 245 -15.31 -66.19 -9.06
CA LEU D 245 -15.67 -64.88 -8.47
C LEU D 245 -15.67 -63.75 -9.49
N MET D 246 -16.78 -63.02 -9.59
CA MET D 246 -16.82 -61.81 -10.43
C MET D 246 -16.47 -60.56 -9.64
N GLY D 247 -15.99 -59.54 -10.33
CA GLY D 247 -15.48 -58.33 -9.69
C GLY D 247 -14.17 -58.64 -9.00
N ASP D 248 -13.65 -57.68 -8.24
CA ASP D 248 -12.30 -57.83 -7.73
C ASP D 248 -12.23 -58.43 -6.34
N TYR D 249 -13.35 -58.46 -5.63
CA TYR D 249 -13.37 -58.94 -4.27
C TYR D 249 -14.79 -59.28 -3.88
N GLU D 250 -14.90 -60.28 -3.00
CA GLU D 250 -16.21 -60.73 -2.50
C GLU D 250 -16.74 -59.75 -1.47
N SER D 251 -18.03 -59.45 -1.52
CA SER D 251 -18.64 -58.41 -0.70
C SER D 251 -19.94 -58.83 -0.05
N GLY D 252 -20.10 -60.10 0.26
CA GLY D 252 -21.35 -60.56 0.86
C GLY D 252 -21.45 -60.56 2.37
N TYR D 253 -20.32 -60.39 3.06
CA TYR D 253 -20.32 -60.51 4.50
C TYR D 253 -20.70 -59.18 5.12
N GLU D 254 -22.01 -58.95 5.16
CA GLU D 254 -22.61 -57.73 5.65
C GLU D 254 -23.30 -58.05 6.99
N ARG D 255 -22.79 -57.47 8.05
CA ARG D 255 -23.19 -57.74 9.43
C ARG D 255 -23.02 -59.20 9.84
N ARG D 256 -22.13 -59.93 9.16
CA ARG D 256 -21.77 -61.28 9.56
C ARG D 256 -20.42 -61.61 8.95
N LEU D 257 -19.81 -62.68 9.45
CA LEU D 257 -18.46 -63.09 9.09
C LEU D 257 -18.37 -64.55 8.84
N PRO D 258 -17.38 -64.98 8.05
CA PRO D 258 -17.24 -66.41 7.84
C PRO D 258 -16.72 -67.13 9.07
N ASP D 259 -17.06 -68.40 9.17
CA ASP D 259 -16.72 -69.18 10.33
C ASP D 259 -15.25 -69.54 10.24
N PRO D 260 -14.50 -69.33 11.32
CA PRO D 260 -13.03 -69.53 11.28
C PRO D 260 -12.54 -70.96 11.13
N VAL D 261 -13.44 -71.93 11.32
CA VAL D 261 -13.11 -73.34 11.15
C VAL D 261 -13.68 -73.89 9.85
N LYS D 262 -14.88 -73.47 9.46
CA LYS D 262 -15.55 -74.08 8.33
C LYS D 262 -15.53 -73.34 7.00
N ASP D 263 -15.14 -72.07 6.99
CA ASP D 263 -15.27 -71.24 5.79
C ASP D 263 -13.92 -70.78 5.35
N LEU D 264 -12.92 -71.65 5.47
CA LEU D 264 -11.58 -71.31 5.08
C LEU D 264 -11.44 -71.04 3.59
N LYS D 265 -12.45 -71.42 2.84
CA LYS D 265 -12.45 -71.16 1.41
C LYS D 265 -12.24 -69.69 1.08
N VAL D 266 -12.66 -68.79 1.96
CA VAL D 266 -12.62 -67.35 1.65
C VAL D 266 -11.17 -66.85 1.58
N THR D 267 -10.21 -67.63 2.09
CA THR D 267 -8.84 -67.19 2.04
C THR D 267 -8.29 -67.25 0.63
N GLN D 268 -9.03 -67.85 -0.28
CA GLN D 268 -8.57 -67.98 -1.67
C GLN D 268 -8.84 -66.77 -2.52
N TRP D 269 -9.65 -65.84 -2.02
CA TRP D 269 -9.91 -64.64 -2.76
C TRP D 269 -9.91 -63.44 -1.85
N ASP D 270 -9.82 -62.25 -2.43
CA ASP D 270 -9.92 -61.02 -1.66
C ASP D 270 -11.37 -60.82 -1.32
N TRP D 271 -11.61 -60.29 -0.11
CA TRP D 271 -12.95 -59.99 0.31
C TRP D 271 -12.95 -58.91 1.36
N GLU D 272 -14.12 -58.30 1.50
CA GLU D 272 -14.30 -57.24 2.44
C GLU D 272 -15.64 -57.42 3.13
N ALA D 273 -15.61 -57.32 4.44
CA ALA D 273 -16.84 -57.33 5.22
C ALA D 273 -17.19 -55.93 5.63
N CYS D 274 -18.45 -55.68 5.93
CA CYS D 274 -18.84 -54.44 6.55
C CYS D 274 -19.76 -54.70 7.73
N MET D 275 -19.91 -53.72 8.61
CA MET D 275 -20.68 -53.94 9.80
C MET D 275 -21.20 -52.63 10.36
N THR D 276 -22.24 -52.74 11.17
CA THR D 276 -22.86 -51.64 11.87
C THR D 276 -22.61 -51.75 13.35
N ILE D 277 -22.71 -50.64 14.06
CA ILE D 277 -22.50 -50.61 15.49
C ILE D 277 -23.76 -51.10 16.24
N PRO D 278 -24.94 -50.53 15.94
CA PRO D 278 -26.13 -51.19 16.37
C PRO D 278 -26.41 -52.40 15.52
N GLU D 279 -27.54 -53.05 15.76
CA GLU D 279 -27.80 -54.32 15.09
C GLU D 279 -28.00 -54.15 13.60
N ASN D 280 -28.77 -53.14 13.20
CA ASN D 280 -28.99 -52.83 11.77
C ASN D 280 -29.45 -51.42 11.55
N GLN D 281 -28.51 -50.49 11.62
CA GLN D 281 -28.74 -49.09 11.35
C GLN D 281 -27.53 -48.55 10.63
N TRP D 282 -27.68 -48.14 9.39
CA TRP D 282 -26.53 -47.63 8.65
C TRP D 282 -26.62 -46.10 8.66
N GLY D 283 -27.77 -45.58 8.22
CA GLY D 283 -28.04 -44.17 8.31
C GLY D 283 -28.35 -43.79 9.74
N TYR D 284 -28.30 -42.49 10.02
CA TYR D 284 -28.55 -42.01 11.36
C TYR D 284 -29.97 -42.32 11.84
N HIS D 285 -30.05 -42.94 13.00
CA HIS D 285 -31.27 -43.18 13.68
C HIS D 285 -31.20 -42.50 15.03
N LYS D 286 -32.26 -41.81 15.40
CA LYS D 286 -32.24 -40.97 16.58
C LYS D 286 -32.30 -41.74 17.91
N ASP D 287 -32.80 -42.97 17.88
CA ASP D 287 -32.91 -43.77 19.09
C ASP D 287 -32.18 -45.13 19.03
N TRP D 288 -30.95 -45.14 19.54
CA TRP D 288 -30.14 -46.35 19.53
C TRP D 288 -30.51 -47.34 20.63
N SER D 289 -31.37 -46.93 21.55
CA SER D 289 -31.83 -47.81 22.62
C SER D 289 -32.73 -48.93 22.10
N LEU D 290 -33.09 -48.92 20.82
CA LEU D 290 -34.05 -49.92 20.30
C LEU D 290 -33.47 -51.28 19.89
N SER D 291 -32.15 -51.39 19.82
CA SER D 291 -31.49 -52.68 19.49
C SER D 291 -30.17 -52.73 20.23
N TYR D 292 -29.50 -53.86 20.20
CA TYR D 292 -28.20 -53.97 20.84
C TYR D 292 -27.15 -53.10 20.12
N VAL D 293 -26.39 -52.34 20.88
CA VAL D 293 -25.27 -51.53 20.40
C VAL D 293 -23.92 -52.17 20.78
N LYS D 294 -23.07 -52.49 19.80
CA LYS D 294 -21.79 -53.18 20.07
C LYS D 294 -20.78 -52.33 20.81
N THR D 295 -20.03 -52.92 21.72
CA THR D 295 -18.96 -52.21 22.42
C THR D 295 -17.71 -52.19 21.55
N PRO D 296 -16.74 -51.39 21.93
CA PRO D 296 -15.53 -51.34 21.13
C PRO D 296 -14.76 -52.69 20.96
N ILE D 297 -14.65 -53.45 22.03
CA ILE D 297 -14.01 -54.74 21.96
C ILE D 297 -14.74 -55.69 21.03
N GLU D 298 -16.06 -55.59 21.00
CA GLU D 298 -16.83 -56.43 20.10
C GLU D 298 -16.53 -56.07 18.65
N VAL D 299 -16.26 -54.80 18.41
CA VAL D 299 -15.98 -54.33 17.06
C VAL D 299 -14.55 -54.76 16.68
N ILE D 300 -13.63 -54.58 17.60
CA ILE D 300 -12.22 -54.96 17.37
C ILE D 300 -12.10 -56.46 17.10
N ASP D 301 -12.87 -57.23 17.84
CA ASP D 301 -12.97 -58.66 17.59
C ASP D 301 -13.30 -59.00 16.14
N ARG D 302 -14.25 -58.28 15.59
CA ARG D 302 -14.72 -58.56 14.24
C ARG D 302 -13.72 -58.07 13.21
N ILE D 303 -13.07 -56.96 13.48
CA ILE D 303 -11.98 -56.51 12.62
C ILE D 303 -10.89 -57.59 12.50
N VAL D 304 -10.39 -58.05 13.64
CA VAL D 304 -9.31 -59.01 13.67
C VAL D 304 -9.72 -60.37 13.07
N HIS D 305 -10.96 -60.76 13.37
CA HIS D 305 -11.58 -61.95 12.76
C HIS D 305 -11.43 -61.84 11.26
N ALA D 306 -11.85 -60.72 10.70
CA ALA D 306 -11.75 -60.57 9.25
C ALA D 306 -10.35 -60.69 8.72
N VAL D 307 -9.42 -59.96 9.31
CA VAL D 307 -8.03 -60.01 8.83
C VAL D 307 -7.46 -61.40 8.97
N SER D 308 -7.80 -62.07 10.07
CA SER D 308 -7.29 -63.42 10.35
C SER D 308 -7.71 -64.35 9.28
N MET D 309 -8.74 -64.00 8.53
CA MET D 309 -9.17 -64.87 7.42
C MET D 309 -8.94 -64.23 6.05
N GLY D 310 -8.03 -63.25 5.99
CA GLY D 310 -7.67 -62.63 4.74
C GLY D 310 -8.65 -61.66 4.18
N GLY D 311 -9.39 -60.97 5.02
CA GLY D 311 -10.38 -60.02 4.54
C GLY D 311 -10.26 -58.64 5.19
N ASN D 312 -10.85 -57.63 4.57
CA ASN D 312 -10.92 -56.31 5.14
C ASN D 312 -12.19 -56.19 5.93
N MET D 313 -12.22 -55.19 6.82
CA MET D 313 -13.44 -54.84 7.54
C MET D 313 -13.67 -53.35 7.48
N VAL D 314 -14.92 -52.98 7.28
CA VAL D 314 -15.33 -51.65 7.21
C VAL D 314 -16.40 -51.41 8.26
N VAL D 315 -16.15 -50.44 9.12
CA VAL D 315 -17.07 -50.10 10.18
C VAL D 315 -17.91 -48.89 9.78
N ASN D 316 -19.22 -48.99 9.95
CA ASN D 316 -20.11 -47.95 9.52
C ASN D 316 -20.38 -46.83 10.53
N PHE D 317 -20.54 -45.62 9.98
CA PHE D 317 -20.98 -44.43 10.73
C PHE D 317 -22.13 -43.77 9.98
N GLY D 318 -23.09 -43.26 10.72
CA GLY D 318 -24.24 -42.56 10.15
C GLY D 318 -24.32 -41.16 10.70
N PRO D 319 -23.67 -40.20 10.02
CA PRO D 319 -23.62 -38.79 10.52
C PRO D 319 -24.97 -38.16 10.78
N GLN D 320 -25.04 -37.27 11.76
CA GLN D 320 -26.25 -36.49 12.00
C GLN D 320 -26.59 -35.57 10.83
N ALA D 321 -27.83 -35.13 10.81
CA ALA D 321 -28.32 -34.18 9.81
C ALA D 321 -27.48 -32.91 9.84
N ASP D 322 -27.06 -32.50 11.03
CA ASP D 322 -26.34 -31.25 11.15
C ASP D 322 -24.88 -31.32 10.62
N GLY D 323 -24.40 -32.51 10.28
CA GLY D 323 -23.03 -32.67 9.76
C GLY D 323 -21.98 -33.06 10.79
N ASP D 324 -22.43 -33.25 12.03
CA ASP D 324 -21.58 -33.81 13.09
C ASP D 324 -21.88 -35.35 13.35
N PHE D 325 -20.98 -36.00 14.09
CA PHE D 325 -21.19 -37.37 14.54
C PHE D 325 -21.65 -37.41 15.97
N ARG D 326 -22.54 -38.34 16.25
CA ARG D 326 -23.11 -38.53 17.57
C ARG D 326 -22.04 -39.04 18.54
N PRO D 327 -22.27 -38.90 19.85
CA PRO D 327 -21.22 -39.19 20.84
C PRO D 327 -20.78 -40.64 20.83
N GLU D 328 -21.74 -41.55 20.67
CA GLU D 328 -21.45 -42.98 20.66
C GLU D 328 -20.46 -43.31 19.57
N GLU D 329 -20.62 -42.67 18.41
CA GLU D 329 -19.70 -42.92 17.29
C GLU D 329 -18.33 -42.29 17.51
N LYS D 330 -18.29 -41.10 18.10
CA LYS D 330 -17.01 -40.48 18.47
C LYS D 330 -16.23 -41.31 19.49
N ALA D 331 -16.92 -41.83 20.49
CA ALA D 331 -16.30 -42.71 21.48
C ALA D 331 -15.74 -43.99 20.83
N MET D 332 -16.54 -44.56 19.94
CA MET D 332 -16.13 -45.76 19.22
C MET D 332 -14.87 -45.54 18.41
N ALA D 333 -14.84 -44.46 17.65
CA ALA D 333 -13.70 -44.17 16.80
C ALA D 333 -12.44 -43.99 17.60
N THR D 334 -12.54 -43.23 18.67
CA THR D 334 -11.41 -43.04 19.58
C THR D 334 -10.94 -44.35 20.20
N ALA D 335 -11.88 -45.17 20.67
CA ALA D 335 -11.49 -46.47 21.28
C ALA D 335 -10.79 -47.38 20.31
N ILE D 336 -11.33 -47.49 19.10
CA ILE D 336 -10.69 -48.32 18.09
C ILE D 336 -9.32 -47.79 17.75
N GLY D 337 -9.23 -46.47 17.60
CA GLY D 337 -7.93 -45.80 17.37
C GLY D 337 -6.85 -46.10 18.41
N LYS D 338 -7.19 -46.02 19.69
CA LYS D 338 -6.20 -46.35 20.74
C LYS D 338 -5.67 -47.76 20.62
N TRP D 339 -6.58 -48.71 20.39
CA TRP D 339 -6.18 -50.09 20.29
C TRP D 339 -5.36 -50.35 19.03
N MET D 340 -5.79 -49.79 17.90
CA MET D 340 -5.00 -49.94 16.66
C MET D 340 -3.61 -49.31 16.78
N ASN D 341 -3.52 -48.22 17.52
CA ASN D 341 -2.26 -47.51 17.62
C ASN D 341 -1.28 -48.37 18.39
N ARG D 342 -1.79 -49.12 19.35
CA ARG D 342 -0.98 -50.04 20.12
C ARG D 342 -0.73 -51.39 19.40
N TYR D 343 -1.75 -51.94 18.73
CA TYR D 343 -1.65 -53.33 18.28
C TYR D 343 -1.76 -53.51 16.78
N GLY D 344 -1.86 -52.40 16.05
CA GLY D 344 -2.04 -52.41 14.63
C GLY D 344 -1.03 -53.16 13.79
N LYS D 345 0.15 -53.43 14.33
CA LYS D 345 1.14 -54.17 13.51
C LYS D 345 0.57 -55.58 13.22
N ALA D 346 -0.41 -56.03 14.02
CA ALA D 346 -1.11 -57.31 13.77
C ALA D 346 -2.30 -57.26 12.84
N VAL D 347 -2.62 -56.07 12.37
CA VAL D 347 -3.79 -55.85 11.51
C VAL D 347 -3.39 -55.33 10.15
N TYR D 348 -2.75 -54.17 10.09
CA TYR D 348 -2.40 -53.56 8.81
C TYR D 348 -1.46 -54.45 8.05
N ALA D 349 -1.74 -54.63 6.77
CA ALA D 349 -0.89 -55.45 5.93
C ALA D 349 -0.75 -56.91 6.40
N CYS D 350 -1.67 -57.38 7.22
CA CYS D 350 -1.60 -58.77 7.67
C CYS D 350 -2.60 -59.63 6.91
N ASP D 351 -2.49 -60.94 7.07
CA ASP D 351 -3.27 -61.91 6.32
C ASP D 351 -3.46 -63.21 7.11
N TYR D 352 -4.19 -64.13 6.48
CA TYR D 352 -4.39 -65.50 7.00
C TYR D 352 -3.09 -66.20 7.26
N ALA D 353 -2.94 -66.76 8.46
CA ALA D 353 -1.71 -67.39 8.86
C ALA D 353 -1.59 -68.90 8.58
N GLY D 354 -2.64 -69.57 8.13
CA GLY D 354 -2.58 -71.03 7.96
C GLY D 354 -2.52 -71.91 9.22
N PHE D 355 -2.79 -71.39 10.41
CA PHE D 355 -2.76 -72.20 11.63
C PHE D 355 -4.19 -72.61 12.01
N GLU D 356 -4.33 -73.68 12.77
CA GLU D 356 -5.67 -74.10 13.21
C GLU D 356 -6.15 -73.14 14.29
N LYS D 357 -7.39 -72.68 14.13
CA LYS D 357 -8.03 -71.76 15.05
C LYS D 357 -8.06 -72.30 16.47
N GLN D 358 -7.72 -71.47 17.44
CA GLN D 358 -7.77 -71.81 18.85
C GLN D 358 -8.73 -70.88 19.55
N ASP D 359 -9.13 -71.23 20.77
CA ASP D 359 -10.19 -70.52 21.49
C ASP D 359 -9.79 -69.18 22.06
N TRP D 360 -8.51 -68.93 22.23
CA TRP D 360 -8.06 -67.69 22.86
C TRP D 360 -8.20 -66.46 21.95
N GLY D 361 -8.33 -66.68 20.64
CA GLY D 361 -8.44 -65.56 19.71
C GLY D 361 -8.02 -65.95 18.31
N TYR D 362 -7.27 -65.07 17.66
CA TYR D 362 -6.96 -65.22 16.24
C TYR D 362 -5.51 -65.11 15.97
N TYR D 363 -5.05 -65.81 14.94
CA TYR D 363 -3.71 -65.60 14.41
C TYR D 363 -3.80 -64.65 13.20
N THR D 364 -2.80 -63.79 13.03
CA THR D 364 -2.60 -63.10 11.76
C THR D 364 -1.12 -63.24 11.32
N ARG D 365 -0.86 -63.24 10.01
CA ARG D 365 0.50 -63.39 9.45
C ARG D 365 0.94 -62.04 8.89
N GLY D 366 2.09 -61.56 9.37
CA GLY D 366 2.71 -60.35 8.84
C GLY D 366 3.33 -60.51 7.46
N LYS D 367 3.74 -59.40 6.87
CA LYS D 367 4.45 -59.42 5.57
C LYS D 367 5.76 -60.21 5.57
N ASN D 368 6.42 -60.24 6.72
CA ASN D 368 7.67 -61.00 6.88
C ASN D 368 7.56 -62.26 7.76
N ASP D 369 6.47 -63.00 7.59
CA ASP D 369 6.24 -64.25 8.32
C ASP D 369 6.24 -64.13 9.83
N GLU D 370 6.00 -62.93 10.35
CA GLU D 370 5.65 -62.81 11.72
C GLU D 370 4.28 -63.49 11.87
N VAL D 371 4.11 -64.19 12.96
CA VAL D 371 2.79 -64.75 13.28
C VAL D 371 2.35 -64.12 14.57
N TYR D 372 1.24 -63.40 14.51
CA TYR D 372 0.72 -62.71 15.70
C TYR D 372 -0.43 -63.50 16.30
N MET D 373 -0.42 -63.61 17.61
CA MET D 373 -1.50 -64.21 18.37
C MET D 373 -2.27 -63.06 18.98
N VAL D 374 -3.52 -62.87 18.55
CA VAL D 374 -4.31 -61.81 19.12
C VAL D 374 -5.29 -62.47 20.08
N VAL D 375 -5.10 -62.16 21.36
CA VAL D 375 -5.80 -62.80 22.45
C VAL D 375 -6.98 -62.01 22.94
N PHE D 376 -8.18 -62.58 22.75
CA PHE D 376 -9.44 -62.00 23.21
C PHE D 376 -10.02 -62.70 24.43
N ASN D 377 -9.65 -63.98 24.62
CA ASN D 377 -10.18 -64.81 25.68
C ASN D 377 -9.04 -65.41 26.47
N GLN D 378 -8.86 -64.91 27.67
CA GLN D 378 -7.79 -65.28 28.52
C GLN D 378 -8.06 -66.61 29.23
N PRO D 379 -7.22 -67.64 28.96
CA PRO D 379 -7.47 -68.93 29.57
C PRO D 379 -7.09 -68.94 31.03
N TYR D 380 -7.92 -69.54 31.87
CA TYR D 380 -7.54 -69.68 33.28
C TYR D 380 -6.32 -70.61 33.47
N SER D 381 -6.11 -71.52 32.55
CA SER D 381 -4.93 -72.35 32.53
C SER D 381 -3.65 -71.58 32.40
N GLU D 382 -3.74 -70.31 32.00
CA GLU D 382 -2.56 -69.46 31.79
C GLU D 382 -1.67 -69.93 30.66
N ARG D 383 -2.23 -70.77 29.80
CA ARG D 383 -1.48 -71.35 28.70
C ARG D 383 -2.30 -71.19 27.46
N LEU D 384 -1.68 -70.69 26.41
CA LEU D 384 -2.34 -70.43 25.17
C LEU D 384 -1.89 -71.50 24.23
N ILE D 385 -2.82 -72.34 23.76
CA ILE D 385 -2.44 -73.48 22.94
C ILE D 385 -2.07 -73.06 21.54
N VAL D 386 -0.94 -73.54 21.05
CA VAL D 386 -0.56 -73.27 19.69
C VAL D 386 -0.21 -74.55 18.99
N LYS D 387 -0.99 -74.86 17.96
CA LYS D 387 -0.78 -76.06 17.18
C LYS D 387 -0.31 -75.63 15.78
N THR D 388 0.87 -76.11 15.40
CA THR D 388 1.53 -75.66 14.17
C THR D 388 1.20 -76.56 12.99
N PRO D 389 1.18 -76.00 11.80
CA PRO D 389 1.19 -76.86 10.61
C PRO D 389 2.43 -77.76 10.49
N LYS D 390 2.33 -78.82 9.67
CA LYS D 390 3.47 -79.75 9.37
C LYS D 390 4.72 -78.95 9.04
N GLY D 391 5.83 -79.28 9.70
CA GLY D 391 7.09 -78.61 9.39
C GLY D 391 7.37 -77.27 10.04
N ILE D 392 6.43 -76.73 10.83
CA ILE D 392 6.63 -75.40 11.42
C ILE D 392 6.97 -75.57 12.89
N THR D 393 7.96 -74.83 13.36
CA THR D 393 8.24 -74.76 14.77
C THR D 393 8.16 -73.31 15.26
N VAL D 394 8.15 -73.16 16.57
CA VAL D 394 8.04 -71.86 17.19
C VAL D 394 9.31 -71.66 17.95
N GLU D 395 10.10 -70.69 17.51
CA GLU D 395 11.41 -70.44 18.08
C GLU D 395 11.34 -69.45 19.20
N LYS D 396 10.40 -68.51 19.12
CA LYS D 396 10.31 -67.48 20.13
C LYS D 396 8.90 -66.89 20.20
N ALA D 397 8.58 -66.36 21.38
CA ALA D 397 7.41 -65.57 21.59
C ALA D 397 7.77 -64.30 22.35
N THR D 398 7.12 -63.20 21.96
CA THR D 398 7.37 -61.90 22.55
C THR D 398 6.07 -61.11 22.71
N LEU D 399 5.88 -60.48 23.86
CA LEU D 399 4.78 -59.51 24.02
C LEU D 399 5.00 -58.22 23.18
N LEU D 400 4.13 -58.00 22.20
CA LEU D 400 4.32 -56.94 21.22
C LEU D 400 4.57 -55.60 21.85
N THR D 401 3.86 -55.26 22.90
CA THR D 401 3.95 -53.92 23.42
C THR D 401 5.24 -53.71 24.17
N THR D 402 5.69 -54.70 24.95
CA THR D 402 6.86 -54.48 25.80
C THR D 402 8.13 -55.13 25.29
N GLY D 403 8.04 -56.01 24.31
CA GLY D 403 9.20 -56.82 23.94
C GLY D 403 9.59 -57.89 24.96
N GLU D 404 8.86 -58.03 26.07
CA GLU D 404 9.24 -59.07 27.03
C GLU D 404 9.13 -60.46 26.43
N ASP D 405 10.11 -61.31 26.75
CA ASP D 405 10.14 -62.67 26.26
C ASP D 405 9.05 -63.49 26.97
N ILE D 406 8.48 -64.44 26.25
CA ILE D 406 7.31 -65.21 26.76
C ILE D 406 7.68 -66.65 26.60
N THR D 407 7.50 -67.42 27.65
CA THR D 407 7.83 -68.83 27.65
C THR D 407 6.97 -69.64 26.71
N VAL D 408 7.63 -70.51 25.96
CA VAL D 408 7.03 -71.42 25.04
C VAL D 408 7.43 -72.82 25.38
N VAL D 409 6.46 -73.68 25.69
CA VAL D 409 6.76 -75.04 26.09
C VAL D 409 6.20 -75.99 25.06
N GLU D 410 6.99 -76.93 24.59
CA GLU D 410 6.49 -77.96 23.68
C GLU D 410 5.68 -78.98 24.49
N THR D 411 4.52 -79.40 23.98
CA THR D 411 3.66 -80.33 24.74
C THR D 411 3.54 -81.62 23.99
N THR D 412 3.54 -81.52 22.69
CA THR D 412 3.55 -82.71 21.88
C THR D 412 4.14 -82.33 20.53
N ARG D 413 4.32 -83.29 19.63
CA ARG D 413 4.76 -82.99 18.26
C ARG D 413 3.74 -81.98 17.70
N ASN D 414 4.23 -80.83 17.25
CA ASN D 414 3.40 -79.82 16.62
C ASN D 414 2.49 -79.00 17.54
N GLU D 415 2.79 -78.97 18.82
CA GLU D 415 1.94 -78.25 19.71
C GLU D 415 2.68 -77.69 20.88
N TYR D 416 2.35 -76.46 21.23
CA TYR D 416 2.98 -75.77 22.34
C TYR D 416 1.97 -75.09 23.23
N ASN D 417 2.40 -74.86 24.47
CA ASN D 417 1.80 -73.93 25.41
C ASN D 417 2.64 -72.65 25.44
N VAL D 418 2.05 -71.57 24.98
CA VAL D 418 2.64 -70.24 25.10
C VAL D 418 2.04 -69.64 26.35
N SER D 419 2.87 -69.22 27.28
CA SER D 419 2.38 -68.66 28.54
C SER D 419 1.74 -67.31 28.27
N VAL D 420 0.75 -66.98 29.09
CA VAL D 420 0.24 -65.64 29.15
C VAL D 420 1.33 -64.74 29.75
N PRO D 421 1.26 -63.43 29.49
CA PRO D 421 2.17 -62.48 30.17
C PRO D 421 2.09 -62.54 31.68
N LYS D 422 3.18 -62.18 32.37
CA LYS D 422 3.19 -62.24 33.83
C LYS D 422 2.13 -61.25 34.35
N LYS D 423 2.04 -60.06 33.76
CA LYS D 423 1.00 -59.11 34.15
C LYS D 423 -0.11 -59.20 33.12
N ASN D 424 -1.34 -59.44 33.56
CA ASN D 424 -2.46 -59.50 32.62
C ASN D 424 -2.65 -58.16 31.93
N PRO D 425 -2.59 -58.12 30.60
CA PRO D 425 -2.71 -56.80 29.98
C PRO D 425 -4.06 -56.14 30.18
N GLY D 426 -5.11 -56.89 30.56
CA GLY D 426 -6.41 -56.29 30.84
C GLY D 426 -7.14 -55.81 29.59
N GLU D 427 -6.69 -56.20 28.42
CA GLU D 427 -7.39 -55.90 27.19
C GLU D 427 -6.95 -56.91 26.16
N PRO D 428 -7.68 -57.06 25.07
CA PRO D 428 -7.10 -57.91 24.04
C PRO D 428 -5.67 -57.46 23.67
N TYR D 429 -4.78 -58.42 23.55
CA TYR D 429 -3.40 -58.12 23.37
C TYR D 429 -2.75 -59.00 22.32
N VAL D 430 -1.49 -58.69 21.97
CA VAL D 430 -0.81 -59.41 20.94
C VAL D 430 0.50 -60.03 21.41
N ILE D 431 0.69 -61.30 21.06
CA ILE D 431 1.97 -61.97 21.27
C ILE D 431 2.49 -62.26 19.90
N GLN D 432 3.74 -61.91 19.67
CA GLN D 432 4.33 -62.11 18.38
C GLN D 432 5.22 -63.35 18.48
N LEU D 433 5.09 -64.22 17.48
CA LEU D 433 5.87 -65.43 17.39
C LEU D 433 6.88 -65.32 16.26
N LYS D 434 8.07 -65.84 16.54
CA LYS D 434 9.03 -66.16 15.50
C LYS D 434 8.89 -67.63 15.25
N VAL D 435 8.59 -67.98 14.01
CA VAL D 435 8.45 -69.35 13.62
C VAL D 435 9.47 -69.69 12.55
N ARG D 436 9.77 -70.97 12.39
CA ARG D 436 10.71 -71.44 11.41
C ARG D 436 10.10 -72.62 10.68
N ALA D 437 10.23 -72.65 9.36
CA ALA D 437 9.79 -73.81 8.57
C ALA D 437 10.95 -74.77 8.38
N ALA D 438 10.68 -75.97 7.90
CA ALA D 438 11.76 -76.97 7.69
C ALA D 438 12.25 -76.99 6.24
N LYS D 439 13.57 -77.18 6.10
CA LYS D 439 14.30 -77.05 4.83
C LYS D 439 14.24 -78.33 4.00
#